data_6R5R
#
_entry.id   6R5R
#
_cell.length_a   71.002
_cell.length_b   73.580
_cell.length_c   81.362
_cell.angle_alpha   65.60
_cell.angle_beta   73.67
_cell.angle_gamma   69.70
#
_symmetry.space_group_name_H-M   'P 1'
#
loop_
_entity.id
_entity.type
_entity.pdbx_description
1 polymer 'Periplasmic beta-glucosidase'
2 polymer 'Periplasmic beta-glucosidase'
3 branched beta-D-glucopyranose-(1-4)-beta-D-glucopyranose
4 non-polymer DI(HYDROXYETHYL)ETHER
5 non-polymer 'TRIETHYLENE GLYCOL'
6 non-polymer 'MAGNESIUM ION'
7 water water
#
loop_
_entity_poly.entity_id
_entity_poly.type
_entity_poly.pdbx_seq_one_letter_code
_entity_poly.pdbx_strand_id
1 'polypeptide(L)'
;TDKERFIASLMARMSNAEKIGQLRLVSVGADHPKEALMADIRAGKVGAIFNTVTRPDIRAMQDQVRHSRLKIPLFHAYDV
AHGHRTIFPISLGLAASWDPEVVARSARISALEASADGLDMSFSPMVDITRDARWGRVSEGFGEDTYLTSLLSGVMVRAY
QGSNLAAPDSIMAAVKHFALYGAAEGGRDYNTVDMSLPRMFQDYLPPYKAAVDAGAGAVMVSLNTINGVPATANRWLLTD
LLRQQWGFKGLTISNHGAVKELIKHGLAGNERDATRLAIQAGVDMNMNDDLYSTWLPKLLAAGEIDQADIDRACRDVLAA
KYDLGLFADPYRRLGKPDDPPFDTNAESRLHRQAAREVAREGLVLLKNRDGLLPLKKQGRIAVIGPLAKSQRDVIGSWSA
AGVPRQAVTVYQGLANAVGERATLLYAKGANVSGDQAILDYLNSYNPEVEVDPRSAEAMLEEALRTARDADLVVAVVGES
QGMAHEASSRTDLRIPASQRRLLKALKATGKPLVLVLMNGRPLSLGWEQENADAILETWFSGTEGGNAIADVLFGEHNPS
GKLTMSFPRSVGQVPVYYNHLNTGRPMDHDNPGKYTSRYFDEANGPLYPFGYGLSYTEFSLSPLRLSSERLARGATLEAR
VTLSNSGKRAGATVVQLYLQDPVASLSRPVKELRGFRKVMLEPGESREIVFRLGEADLKFYDSQLRHTAEPGEFKVFVGL
DSAQTESRSFTLL
;
B
2 'polypeptide(L)'
;ATDKERFIASLMARMSNAEKIGQLRLVSVGADHPKEALMADIRAGKVGAIFNTVTRPDIRAMQDQVRHSRLKIPLFHAYD
VAHGHRTIFPISLGLAASWDPEVVARSARISALEASADGLDMSFSPMVDITRDARWGRVSEGFGEDTYLTSLLSGVMVRA
YQGSNLAAPDSIMAAVKHFALYGAAEGGRDYNTVDMSLPRMFQDYLPPYKAAVDAGAGAVMVSLNTINGVPATANRWLLT
DLLRQQWGFKGLTISNHGAVKELIKHGLAGNERDATRLAIQAGVDMNMNDDLYSTWLPKLLAAGEIDQADIDRACRDVLA
AKYDLGLFADPYRRLGKPDDPPFDTNAESRLHRQAAREVAREGLVLLKNRDGLLPLKKQGRIAVIGPLAKSQRDVIGSWS
AAGVPRQAVTVYQGLANAVGERATLLYAKGANVSGDQAILDYLNSYNPEVEVDPRSAEAMLEEALRTARDADLVVAVVGE
SQGMAHEASSRTDLRIPASQRRLLKALKATGKPLVLVLMNGRPLSLGWEQENADAILETWFSGTEGGNAIADVLFGEHNP
SGKLTMSFPRSVGQVPVYYNHLNTGRPMDHDNPGKYTSRYFDEANGPLYPFGYGLSYTEFSLSPLRLSSERLARGATLEA
RVTLSNSGKRAGATVVQLYLQDPVASLSRPVKELRGFRKVMLEPGESREIVFRLGEADLKFYDSQLRHTAEPGEFKVFVG
LDSAQTESRSFTLL
;
A
#
loop_
_chem_comp.id
_chem_comp.type
_chem_comp.name
_chem_comp.formula
BGC D-saccharide, beta linking beta-D-glucopyranose 'C6 H12 O6'
MG non-polymer 'MAGNESIUM ION' 'Mg 2'
PEG non-polymer DI(HYDROXYETHYL)ETHER 'C4 H10 O3'
PGE non-polymer 'TRIETHYLENE GLYCOL' 'C6 H14 O4'
#
# COMPACT_ATOMS: atom_id res chain seq x y z
N THR A 1 -38.34 6.85 31.53
CA THR A 1 -37.97 7.77 30.38
C THR A 1 -39.22 7.86 29.50
N ASP A 2 -39.80 9.06 29.35
CA ASP A 2 -40.97 9.31 28.48
C ASP A 2 -40.68 8.77 27.07
N LYS A 3 -39.44 8.93 26.57
CA LYS A 3 -39.08 8.50 25.19
C LYS A 3 -39.17 6.98 25.09
N GLU A 4 -38.56 6.24 26.02
CA GLU A 4 -38.54 4.76 25.90
C GLU A 4 -39.98 4.25 26.14
N ARG A 5 -40.79 4.91 26.96
CA ARG A 5 -42.20 4.49 27.16
C ARG A 5 -43.00 4.78 25.89
N PHE A 6 -42.83 5.93 25.27
CA PHE A 6 -43.53 6.31 24.02
C PHE A 6 -43.18 5.23 22.97
N ILE A 7 -41.89 4.94 22.82
CA ILE A 7 -41.44 3.96 21.78
C ILE A 7 -41.98 2.56 22.10
N ALA A 8 -41.94 2.11 23.35
CA ALA A 8 -42.41 0.76 23.73
C ALA A 8 -43.95 0.70 23.51
N SER A 9 -44.67 1.79 23.74
CA SER A 9 -46.15 1.84 23.57
C SER A 9 -46.42 1.72 22.07
N LEU A 10 -45.66 2.46 21.27
CA LEU A 10 -45.87 2.38 19.80
C LEU A 10 -45.52 0.97 19.29
N MET A 11 -44.37 0.41 19.67
CA MET A 11 -43.95 -0.90 19.13
C MET A 11 -44.92 -2.02 19.54
N ALA A 12 -45.55 -1.90 20.71
CA ALA A 12 -46.60 -2.85 21.17
C ALA A 12 -47.81 -2.82 20.24
N ARG A 13 -47.98 -1.79 19.43
CA ARG A 13 -49.12 -1.67 18.50
C ARG A 13 -48.75 -2.30 17.14
N MET A 14 -47.46 -2.53 16.86
CA MET A 14 -47.02 -2.74 15.47
C MET A 14 -46.97 -4.22 15.16
N SER A 15 -47.44 -4.58 13.98
CA SER A 15 -47.21 -5.91 13.38
C SER A 15 -45.73 -5.98 12.96
N ASN A 16 -45.27 -7.18 12.74
CA ASN A 16 -43.90 -7.35 12.17
C ASN A 16 -43.82 -6.71 10.81
N ALA A 17 -44.87 -6.74 9.98
CA ALA A 17 -44.83 -6.05 8.69
C ALA A 17 -44.56 -4.55 8.90
N GLU A 18 -45.22 -3.95 9.89
CA GLU A 18 -45.06 -2.51 10.22
C GLU A 18 -43.64 -2.24 10.75
N LYS A 19 -43.14 -3.11 11.60
CA LYS A 19 -41.79 -2.96 12.19
C LYS A 19 -40.74 -3.10 11.08
N ILE A 20 -40.93 -4.08 10.22
CA ILE A 20 -39.96 -4.25 9.10
C ILE A 20 -40.06 -3.08 8.12
N GLY A 21 -41.26 -2.51 7.91
CA GLY A 21 -41.37 -1.35 7.01
C GLY A 21 -40.52 -0.19 7.47
N GLN A 22 -40.38 -0.01 8.78
CA GLN A 22 -39.58 1.09 9.35
C GLN A 22 -38.12 0.99 8.92
N LEU A 23 -37.67 -0.19 8.56
CA LEU A 23 -36.24 -0.43 8.29
C LEU A 23 -35.92 -0.10 6.85
N ARG A 24 -36.91 0.25 6.05
CA ARG A 24 -36.71 0.42 4.59
C ARG A 24 -36.42 1.87 4.28
N LEU A 25 -35.23 2.08 3.69
CA LEU A 25 -34.74 3.40 3.24
C LEU A 25 -34.61 3.34 1.73
N VAL A 26 -35.35 4.20 1.02
CA VAL A 26 -35.39 4.14 -0.46
C VAL A 26 -35.33 5.55 -1.05
N SER A 27 -35.00 5.59 -2.32
CA SER A 27 -34.99 6.83 -3.13
C SER A 27 -35.89 6.59 -4.35
N VAL A 28 -36.48 7.65 -4.86
CA VAL A 28 -37.18 7.58 -6.17
C VAL A 28 -36.14 7.29 -7.25
N GLY A 29 -36.41 6.31 -8.10
CA GLY A 29 -35.50 5.94 -9.18
C GLY A 29 -36.08 4.84 -10.03
N ALA A 30 -35.27 4.27 -10.90
CA ALA A 30 -35.68 3.16 -11.79
C ALA A 30 -36.22 2.00 -10.94
N ASP A 31 -35.51 1.69 -9.86
CA ASP A 31 -35.84 0.59 -8.92
C ASP A 31 -37.09 0.91 -8.09
N HIS A 32 -37.42 2.19 -7.88
CA HIS A 32 -38.57 2.62 -7.02
C HIS A 32 -39.27 3.80 -7.67
N PRO A 33 -40.08 3.51 -8.70
CA PRO A 33 -40.82 4.57 -9.36
C PRO A 33 -41.73 5.29 -8.37
N LYS A 34 -41.90 6.58 -8.61
CA LYS A 34 -42.55 7.50 -7.66
C LYS A 34 -43.92 6.94 -7.25
N GLU A 35 -44.76 6.53 -8.19
CA GLU A 35 -46.16 6.18 -7.81
C GLU A 35 -46.16 4.92 -6.94
N ALA A 36 -45.35 3.91 -7.28
CA ALA A 36 -45.20 2.68 -6.47
C ALA A 36 -44.67 3.05 -5.09
N LEU A 37 -43.72 3.97 -4.99
CA LEU A 37 -43.16 4.38 -3.69
C LEU A 37 -44.25 5.05 -2.85
N MET A 38 -45.05 5.92 -3.46
CA MET A 38 -46.12 6.63 -2.74
C MET A 38 -47.12 5.58 -2.19
N ALA A 39 -47.44 4.57 -2.98
CA ALA A 39 -48.39 3.51 -2.57
C ALA A 39 -47.79 2.76 -1.40
N ASP A 40 -46.48 2.50 -1.45
CA ASP A 40 -45.81 1.79 -0.33
C ASP A 40 -45.81 2.65 0.93
N ILE A 41 -45.61 3.95 0.82
CA ILE A 41 -45.69 4.81 2.03
C ILE A 41 -47.10 4.70 2.65
N ARG A 42 -48.13 4.74 1.80
CA ARG A 42 -49.53 4.71 2.30
C ARG A 42 -49.77 3.37 3.00
N ALA A 43 -49.05 2.30 2.61
CA ALA A 43 -49.23 0.94 3.18
C ALA A 43 -48.37 0.74 4.44
N GLY A 44 -47.59 1.71 4.86
CA GLY A 44 -46.71 1.57 6.05
C GLY A 44 -45.42 0.81 5.76
N LYS A 45 -45.03 0.71 4.48
CA LYS A 45 -43.95 -0.18 4.04
C LYS A 45 -42.65 0.59 3.81
N VAL A 46 -42.61 1.86 4.17
CA VAL A 46 -41.39 2.71 3.98
C VAL A 46 -41.04 3.41 5.28
N GLY A 47 -39.78 3.37 5.70
CA GLY A 47 -39.35 4.04 6.93
C GLY A 47 -38.73 5.40 6.66
N ALA A 48 -38.01 5.54 5.55
CA ALA A 48 -37.30 6.78 5.25
C ALA A 48 -36.97 6.87 3.78
N ILE A 49 -36.71 8.11 3.38
CA ILE A 49 -36.42 8.45 1.98
C ILE A 49 -35.04 9.13 1.96
N PHE A 50 -34.31 8.92 0.88
CA PHE A 50 -33.14 9.79 0.58
C PHE A 50 -33.28 10.33 -0.85
N ASN A 51 -32.59 11.44 -1.09
CA ASN A 51 -32.46 12.12 -2.42
C ASN A 51 -33.75 12.82 -2.84
N THR A 52 -34.74 13.02 -1.95
CA THR A 52 -35.87 13.96 -2.19
C THR A 52 -35.63 15.19 -1.36
N VAL A 53 -35.51 16.37 -1.97
CA VAL A 53 -34.77 17.48 -1.27
C VAL A 53 -35.45 18.84 -1.37
N THR A 54 -36.69 18.92 -1.81
CA THR A 54 -37.37 20.23 -1.79
C THR A 54 -38.64 20.16 -0.94
N ARG A 55 -39.06 21.29 -0.44
CA ARG A 55 -40.20 21.32 0.54
C ARG A 55 -41.44 20.70 -0.10
N PRO A 56 -41.86 21.11 -1.32
CA PRO A 56 -43.07 20.52 -1.90
C PRO A 56 -43.00 19.00 -2.12
N ASP A 57 -41.83 18.49 -2.52
CA ASP A 57 -41.62 17.04 -2.77
C ASP A 57 -41.61 16.28 -1.45
N ILE A 58 -40.96 16.83 -0.44
CA ILE A 58 -40.92 16.17 0.90
C ILE A 58 -42.32 16.20 1.55
N ARG A 59 -42.99 17.33 1.47
CA ARG A 59 -44.36 17.45 2.02
C ARG A 59 -45.24 16.38 1.36
N ALA A 60 -45.17 16.21 0.04
CA ALA A 60 -45.99 15.23 -0.72
C ALA A 60 -45.76 13.81 -0.19
N MET A 61 -44.52 13.45 0.12
CA MET A 61 -44.24 12.12 0.72
C MET A 61 -44.83 12.05 2.14
N GLN A 62 -44.59 13.04 2.98
CA GLN A 62 -45.08 13.01 4.38
C GLN A 62 -46.62 12.97 4.38
N ASP A 63 -47.25 13.63 3.40
CA ASP A 63 -48.73 13.59 3.23
C ASP A 63 -49.22 12.15 3.00
N GLN A 64 -48.44 11.28 2.37
CA GLN A 64 -48.89 9.89 2.08
C GLN A 64 -49.01 9.11 3.39
N VAL A 65 -48.22 9.45 4.39
CA VAL A 65 -48.21 8.74 5.71
C VAL A 65 -49.60 8.77 6.37
N ARG A 66 -50.32 9.86 6.18
CA ARG A 66 -51.66 10.05 6.81
C ARG A 66 -52.59 8.92 6.36
N HIS A 67 -52.29 8.19 5.28
CA HIS A 67 -53.15 7.11 4.74
C HIS A 67 -52.79 5.76 5.36
N SER A 68 -51.72 5.64 6.14
CA SER A 68 -51.34 4.33 6.70
C SER A 68 -52.11 4.12 7.99
N ARG A 69 -52.03 2.93 8.54
CA ARG A 69 -52.75 2.60 9.79
C ARG A 69 -52.17 3.42 10.95
N LEU A 70 -50.85 3.39 11.18
CA LEU A 70 -50.24 4.06 12.35
C LEU A 70 -49.70 5.46 12.06
N LYS A 71 -49.61 5.89 10.81
CA LYS A 71 -49.25 7.28 10.43
C LYS A 71 -47.85 7.61 10.98
N ILE A 72 -46.95 6.62 10.98
CA ILE A 72 -45.56 6.88 11.46
C ILE A 72 -44.87 7.76 10.42
N PRO A 73 -44.33 8.94 10.81
CA PRO A 73 -43.77 9.85 9.82
C PRO A 73 -42.46 9.29 9.25
N LEU A 74 -42.16 9.71 8.03
CA LEU A 74 -40.86 9.41 7.42
C LEU A 74 -39.83 10.36 8.01
N PHE A 75 -38.55 10.00 7.87
CA PHE A 75 -37.51 11.07 7.81
C PHE A 75 -36.95 11.07 6.38
N HIS A 76 -36.33 12.19 6.04
CA HIS A 76 -35.78 12.47 4.72
C HIS A 76 -34.31 12.81 4.87
N ALA A 77 -33.48 12.09 4.14
CA ALA A 77 -32.01 12.26 4.20
C ALA A 77 -31.45 12.69 2.84
N TYR A 78 -30.22 13.23 2.90
CA TYR A 78 -29.46 13.63 1.70
C TYR A 78 -27.98 13.69 2.02
N ASP A 79 -27.19 13.78 0.96
CA ASP A 79 -25.70 13.85 1.03
C ASP A 79 -25.34 15.33 1.08
N VAL A 80 -25.55 15.95 2.21
CA VAL A 80 -25.17 17.35 2.44
C VAL A 80 -23.76 17.28 3.04
N ALA A 81 -22.79 17.21 2.17
CA ALA A 81 -21.41 16.87 2.56
C ALA A 81 -20.61 18.13 2.87
N HIS A 82 -20.71 19.17 2.03
CA HIS A 82 -19.97 20.45 2.21
C HIS A 82 -20.86 21.58 1.73
N GLY A 83 -22.15 21.52 2.10
CA GLY A 83 -23.12 22.52 1.62
C GLY A 83 -24.34 21.87 1.04
N HIS A 84 -25.46 22.59 1.13
CA HIS A 84 -26.73 22.10 0.56
C HIS A 84 -27.03 22.81 -0.75
N ARG A 85 -27.30 24.12 -0.72
CA ARG A 85 -27.47 24.95 -1.93
C ARG A 85 -26.31 25.92 -2.06
N THR A 86 -25.87 26.53 -0.97
CA THR A 86 -24.64 27.30 -0.95
C THR A 86 -23.52 26.30 -0.71
N ILE A 87 -22.67 26.09 -1.70
CA ILE A 87 -21.62 25.04 -1.57
C ILE A 87 -20.35 25.66 -1.03
N PHE A 88 -19.88 25.12 0.07
CA PHE A 88 -18.60 25.47 0.67
C PHE A 88 -17.52 24.67 -0.05
N PRO A 89 -16.25 24.95 0.26
CA PRO A 89 -15.19 24.09 -0.24
C PRO A 89 -15.44 22.63 0.17
N ILE A 90 -14.88 21.73 -0.64
CA ILE A 90 -14.79 20.30 -0.26
C ILE A 90 -14.15 20.20 1.12
N SER A 91 -14.48 19.13 1.84
CA SER A 91 -13.99 18.92 3.21
C SER A 91 -12.47 19.00 3.28
N LEU A 92 -11.76 18.50 2.28
CA LEU A 92 -10.28 18.51 2.41
C LEU A 92 -9.82 19.98 2.43
N GLY A 93 -10.52 20.89 1.77
CA GLY A 93 -10.23 22.33 1.77
C GLY A 93 -10.74 22.98 3.06
N LEU A 94 -11.89 22.59 3.57
CA LEU A 94 -12.34 23.08 4.90
C LEU A 94 -11.31 22.75 5.97
N ALA A 95 -10.75 21.53 5.94
CA ALA A 95 -9.75 21.11 6.93
C ALA A 95 -8.55 22.04 6.88
N ALA A 96 -8.21 22.53 5.69
CA ALA A 96 -7.02 23.37 5.51
C ALA A 96 -7.19 24.72 6.18
N SER A 97 -8.40 25.07 6.59
CA SER A 97 -8.65 26.27 7.44
C SER A 97 -7.98 26.13 8.81
N TRP A 98 -7.82 24.91 9.32
CA TRP A 98 -7.32 24.65 10.70
C TRP A 98 -8.12 25.47 11.71
N ASP A 99 -9.41 25.63 11.50
CA ASP A 99 -10.21 26.53 12.35
C ASP A 99 -11.55 25.86 12.60
N PRO A 100 -11.74 25.24 13.76
CA PRO A 100 -13.01 24.61 14.07
C PRO A 100 -14.19 25.57 13.91
N GLU A 101 -14.00 26.88 14.11
CA GLU A 101 -15.19 27.79 13.98
C GLU A 101 -15.56 27.94 12.51
N VAL A 102 -14.59 27.92 11.61
CA VAL A 102 -14.89 28.00 10.15
C VAL A 102 -15.62 26.72 9.73
N VAL A 103 -15.10 25.57 10.17
CA VAL A 103 -15.75 24.29 9.82
C VAL A 103 -17.15 24.26 10.42
N ALA A 104 -17.31 24.68 11.67
CA ALA A 104 -18.66 24.71 12.30
C ALA A 104 -19.56 25.61 11.48
N ARG A 105 -19.09 26.75 10.97
CA ARG A 105 -19.99 27.67 10.26
C ARG A 105 -20.51 26.99 8.99
N SER A 106 -19.61 26.29 8.27
CA SER A 106 -20.00 25.62 7.01
C SER A 106 -21.11 24.59 7.35
N ALA A 107 -20.93 23.82 8.41
CA ALA A 107 -21.90 22.76 8.79
C ALA A 107 -23.22 23.42 9.23
N ARG A 108 -23.12 24.46 10.04
CA ARG A 108 -24.35 25.12 10.58
C ARG A 108 -25.20 25.61 9.40
N ILE A 109 -24.58 26.35 8.49
CA ILE A 109 -25.30 26.88 7.32
CA ILE A 109 -25.29 26.89 7.31
C ILE A 109 -25.82 25.75 6.45
N SER A 110 -25.05 24.69 6.29
CA SER A 110 -25.53 23.52 5.52
C SER A 110 -26.83 22.98 6.14
N ALA A 111 -26.84 22.84 7.45
CA ALA A 111 -27.99 22.28 8.19
C ALA A 111 -29.17 23.26 8.10
N LEU A 112 -28.88 24.54 8.24
CA LEU A 112 -29.93 25.62 8.09
C LEU A 112 -30.59 25.48 6.74
N GLU A 113 -29.81 25.40 5.66
CA GLU A 113 -30.35 25.33 4.30
C GLU A 113 -31.06 24.00 4.05
N ALA A 114 -30.50 22.88 4.51
CA ALA A 114 -31.10 21.56 4.22
C ALA A 114 -32.44 21.43 4.98
N SER A 115 -32.45 21.80 6.25
CA SER A 115 -33.69 21.76 7.09
C SER A 115 -34.70 22.77 6.55
N ALA A 116 -34.22 23.90 6.00
CA ALA A 116 -35.13 24.89 5.37
C ALA A 116 -35.87 24.29 4.19
N ASP A 117 -35.30 23.27 3.54
CA ASP A 117 -35.91 22.55 2.40
C ASP A 117 -36.67 21.28 2.86
N GLY A 118 -36.69 21.00 4.17
CA GLY A 118 -37.48 19.88 4.69
C GLY A 118 -36.66 18.66 5.06
N LEU A 119 -35.34 18.70 4.82
CA LEU A 119 -34.52 17.53 5.18
C LEU A 119 -34.28 17.39 6.68
N ASP A 120 -34.23 16.13 7.15
CA ASP A 120 -34.03 15.83 8.57
C ASP A 120 -32.62 15.33 8.88
N MET A 121 -31.90 14.87 7.88
CA MET A 121 -30.66 14.09 8.12
C MET A 121 -29.71 14.31 6.94
N SER A 122 -28.43 14.42 7.28
CA SER A 122 -27.38 14.33 6.26
C SER A 122 -26.52 13.09 6.50
N PHE A 123 -26.14 12.47 5.38
CA PHE A 123 -25.09 11.42 5.40
C PHE A 123 -23.74 12.13 5.46
N SER A 124 -23.40 12.63 6.61
CA SER A 124 -22.23 13.51 6.85
CA SER A 124 -22.23 13.49 6.85
C SER A 124 -22.08 13.61 8.36
N PRO A 125 -20.88 13.88 8.93
CA PRO A 125 -19.62 14.07 8.21
C PRO A 125 -18.99 12.74 7.76
N MET A 126 -18.24 12.83 6.66
CA MET A 126 -17.29 11.77 6.26
C MET A 126 -16.02 12.00 7.05
N VAL A 127 -15.57 11.02 7.84
CA VAL A 127 -14.42 11.21 8.74
C VAL A 127 -13.41 10.08 8.58
N ASP A 128 -13.36 9.48 7.41
CA ASP A 128 -12.40 8.40 7.14
C ASP A 128 -11.00 9.01 7.05
N ILE A 129 -10.03 8.44 7.78
CA ILE A 129 -8.60 8.83 7.64
C ILE A 129 -8.11 8.40 6.25
N THR A 130 -7.35 9.28 5.59
CA THR A 130 -6.81 9.03 4.24
C THR A 130 -5.30 9.24 4.19
N ARG A 131 -4.58 8.16 3.94
CA ARG A 131 -3.11 8.21 3.76
C ARG A 131 -2.71 7.85 2.31
N ASP A 132 -3.69 7.58 1.45
CA ASP A 132 -3.44 7.13 0.05
C ASP A 132 -4.10 8.10 -0.89
N ALA A 133 -3.29 9.00 -1.46
CA ALA A 133 -3.81 10.05 -2.34
C ALA A 133 -4.51 9.54 -3.61
N ARG A 134 -4.35 8.27 -3.98
CA ARG A 134 -4.97 7.75 -5.25
C ARG A 134 -6.47 7.62 -5.10
N TRP A 135 -6.94 7.46 -3.88
CA TRP A 135 -8.38 7.23 -3.64
C TRP A 135 -9.21 8.47 -4.01
N GLY A 136 -10.28 8.28 -4.80
CA GLY A 136 -11.05 9.43 -5.26
C GLY A 136 -11.83 10.10 -4.16
N ARG A 137 -12.06 9.43 -3.04
CA ARG A 137 -12.88 10.01 -1.96
C ARG A 137 -12.05 10.77 -0.93
N VAL A 138 -10.75 10.99 -1.16
CA VAL A 138 -9.96 11.80 -0.20
CA VAL A 138 -9.91 11.84 -0.28
C VAL A 138 -10.58 13.21 -0.16
N SER A 139 -11.21 13.67 -1.23
CA SER A 139 -11.81 15.03 -1.25
C SER A 139 -12.86 15.18 -0.15
N GLU A 140 -13.44 14.08 0.31
CA GLU A 140 -14.59 14.11 1.24
C GLU A 140 -14.16 14.13 2.70
N GLY A 141 -12.89 13.84 3.00
CA GLY A 141 -12.41 13.77 4.38
C GLY A 141 -11.65 15.01 4.79
N PHE A 142 -10.95 14.91 5.89
CA PHE A 142 -10.23 16.05 6.48
C PHE A 142 -8.72 15.83 6.41
N GLY A 143 -8.27 14.84 5.65
CA GLY A 143 -6.83 14.55 5.45
C GLY A 143 -6.34 13.39 6.28
N GLU A 144 -5.07 13.42 6.65
CA GLU A 144 -4.38 12.19 7.09
C GLU A 144 -4.28 12.10 8.62
N ASP A 145 -4.65 13.17 9.34
CA ASP A 145 -4.33 13.22 10.77
C ASP A 145 -5.47 12.78 11.64
N THR A 146 -5.17 11.93 12.60
CA THR A 146 -6.25 11.39 13.49
C THR A 146 -6.74 12.47 14.46
N TYR A 147 -5.85 13.27 15.05
CA TYR A 147 -6.25 14.31 16.02
C TYR A 147 -7.13 15.32 15.31
N LEU A 148 -6.69 15.87 14.18
CA LEU A 148 -7.45 16.92 13.50
C LEU A 148 -8.77 16.35 12.99
N THR A 149 -8.76 15.20 12.32
CA THR A 149 -10.01 14.63 11.78
C THR A 149 -11.00 14.36 12.93
N SER A 150 -10.51 13.83 14.03
CA SER A 150 -11.38 13.53 15.22
C SER A 150 -12.00 14.84 15.74
N LEU A 151 -11.19 15.90 15.87
CA LEU A 151 -11.70 17.20 16.35
CA LEU A 151 -11.71 17.19 16.34
C LEU A 151 -12.78 17.69 15.40
N LEU A 152 -12.52 17.69 14.11
CA LEU A 152 -13.43 18.22 13.15
CA LEU A 152 -13.46 18.25 13.13
C LEU A 152 -14.70 17.36 13.02
N SER A 153 -14.57 16.04 13.24
CA SER A 153 -15.71 15.13 13.24
C SER A 153 -16.73 15.61 14.30
N GLY A 154 -16.26 15.83 15.52
CA GLY A 154 -17.16 16.22 16.62
C GLY A 154 -17.72 17.61 16.33
N VAL A 155 -16.92 18.53 15.81
CA VAL A 155 -17.40 19.90 15.44
C VAL A 155 -18.54 19.81 14.44
N MET A 156 -18.39 18.99 13.41
CA MET A 156 -19.40 18.87 12.35
C MET A 156 -20.70 18.34 12.95
N VAL A 157 -20.62 17.28 13.73
CA VAL A 157 -21.83 16.70 14.33
C VAL A 157 -22.54 17.76 15.20
N ARG A 158 -21.81 18.42 16.08
CA ARG A 158 -22.43 19.45 16.98
C ARG A 158 -23.06 20.57 16.18
N ALA A 159 -22.41 21.01 15.10
CA ALA A 159 -22.91 22.11 14.26
C ALA A 159 -24.16 21.70 13.52
N TYR A 160 -24.22 20.46 13.01
CA TYR A 160 -25.45 20.00 12.32
C TYR A 160 -26.61 19.88 13.31
N GLN A 161 -26.38 19.24 14.44
CA GLN A 161 -27.49 18.80 15.34
C GLN A 161 -27.92 19.91 16.29
N GLY A 162 -27.10 20.94 16.51
CA GLY A 162 -27.45 22.07 17.38
C GLY A 162 -27.70 21.67 18.82
N SER A 163 -28.41 22.54 19.54
CA SER A 163 -28.79 22.31 20.97
C SER A 163 -29.91 21.28 21.05
N ASN A 164 -30.67 21.09 19.99
CA ASN A 164 -31.88 20.25 20.03
C ASN A 164 -32.13 19.67 18.65
N LEU A 165 -32.13 18.34 18.56
CA LEU A 165 -32.35 17.68 17.24
C LEU A 165 -33.77 17.90 16.72
N ALA A 166 -34.70 18.42 17.54
CA ALA A 166 -36.07 18.69 17.08
C ALA A 166 -36.16 20.12 16.52
N ALA A 167 -35.11 20.95 16.69
CA ALA A 167 -35.18 22.33 16.17
C ALA A 167 -35.37 22.28 14.68
N PRO A 168 -36.19 23.18 14.10
CA PRO A 168 -36.41 23.21 12.68
C PRO A 168 -35.18 23.61 11.88
N ASP A 169 -34.11 24.11 12.52
CA ASP A 169 -32.89 24.44 11.76
C ASP A 169 -31.78 23.43 12.09
N SER A 170 -32.12 22.30 12.70
CA SER A 170 -31.17 21.19 12.99
C SER A 170 -31.40 20.09 11.97
N ILE A 171 -30.36 19.28 11.75
CA ILE A 171 -30.48 18.00 11.04
C ILE A 171 -29.69 16.96 11.84
N MET A 172 -30.06 15.70 11.71
CA MET A 172 -29.28 14.61 12.32
C MET A 172 -28.04 14.31 11.46
N ALA A 173 -26.90 14.07 12.12
CA ALA A 173 -25.67 13.66 11.44
C ALA A 173 -25.65 12.12 11.42
N ALA A 174 -25.44 11.53 10.25
CA ALA A 174 -25.15 10.11 10.05
C ALA A 174 -23.66 10.05 9.65
N VAL A 175 -22.82 9.89 10.65
CA VAL A 175 -21.36 9.86 10.45
C VAL A 175 -21.04 8.66 9.54
N LYS A 176 -20.06 8.86 8.66
CA LYS A 176 -19.71 7.79 7.67
C LYS A 176 -18.18 7.82 7.42
N HIS A 177 -17.59 6.79 6.88
CA HIS A 177 -18.15 5.47 6.55
C HIS A 177 -17.57 4.46 7.53
N PHE A 178 -18.39 3.92 8.42
CA PHE A 178 -17.91 3.07 9.54
C PHE A 178 -17.68 1.68 8.96
N ALA A 179 -16.43 1.22 8.77
CA ALA A 179 -15.21 1.92 9.15
C ALA A 179 -14.06 1.55 8.20
N LEU A 180 -13.03 2.43 8.21
CA LEU A 180 -11.70 2.18 7.61
C LEU A 180 -11.71 2.31 6.08
N TYR A 181 -12.77 2.88 5.53
CA TYR A 181 -13.04 2.86 4.08
C TYR A 181 -11.88 3.49 3.30
N GLY A 182 -11.26 4.50 3.84
CA GLY A 182 -10.17 5.23 3.16
C GLY A 182 -8.87 4.48 3.14
N ALA A 183 -8.74 3.31 3.80
CA ALA A 183 -7.51 2.50 3.71
C ALA A 183 -7.60 1.46 2.60
N ALA A 184 -8.53 1.63 1.67
CA ALA A 184 -8.65 0.71 0.52
C ALA A 184 -7.29 0.35 -0.08
N GLU A 185 -7.02 -0.94 -0.25
CA GLU A 185 -5.74 -1.37 -0.83
C GLU A 185 -5.62 -0.85 -2.27
N GLY A 186 -4.44 -0.33 -2.61
CA GLY A 186 -4.20 0.22 -3.95
C GLY A 186 -4.85 1.57 -4.16
N GLY A 187 -5.53 2.11 -3.17
CA GLY A 187 -6.37 3.29 -3.37
C GLY A 187 -7.54 3.07 -4.28
N ARG A 188 -7.88 1.81 -4.57
CA ARG A 188 -9.02 1.44 -5.44
C ARG A 188 -10.28 1.51 -4.61
N ASP A 189 -11.26 2.26 -5.07
CA ASP A 189 -12.46 2.37 -4.24
C ASP A 189 -13.11 0.99 -4.02
N TYR A 190 -13.68 0.86 -2.84
CA TYR A 190 -14.42 -0.34 -2.38
C TYR A 190 -13.47 -1.49 -2.08
N ASN A 191 -12.16 -1.29 -2.20
CA ASN A 191 -11.25 -2.44 -2.09
C ASN A 191 -10.97 -2.79 -0.64
N THR A 192 -10.46 -3.99 -0.51
CA THR A 192 -9.97 -4.64 0.71
C THR A 192 -9.25 -3.69 1.66
N VAL A 193 -9.62 -3.74 2.93
CA VAL A 193 -8.89 -3.06 3.99
C VAL A 193 -8.38 -4.09 4.96
N ASP A 194 -7.07 -4.05 5.16
CA ASP A 194 -6.43 -5.05 6.04
C ASP A 194 -5.47 -4.31 6.94
N MET A 195 -5.65 -4.37 8.26
CA MET A 195 -4.73 -3.63 9.14
C MET A 195 -4.76 -4.24 10.53
N SER A 196 -3.71 -3.94 11.29
CA SER A 196 -3.60 -4.44 12.68
C SER A 196 -4.63 -3.77 13.57
N LEU A 197 -4.94 -4.42 14.67
CA LEU A 197 -5.84 -3.80 15.64
C LEU A 197 -5.19 -2.60 16.31
N PRO A 198 -3.88 -2.58 16.67
CA PRO A 198 -3.35 -1.35 17.23
C PRO A 198 -3.46 -0.15 16.27
N ARG A 199 -3.20 -0.36 14.99
CA ARG A 199 -3.33 0.76 14.01
C ARG A 199 -4.80 1.20 13.93
N MET A 200 -5.68 0.22 13.83
CA MET A 200 -7.14 0.52 13.75
C MET A 200 -7.54 1.40 14.93
N PHE A 201 -7.20 0.99 16.16
CA PHE A 201 -7.65 1.66 17.40
C PHE A 201 -6.99 3.01 17.59
N GLN A 202 -5.69 3.10 17.34
CA GLN A 202 -4.95 4.34 17.57
C GLN A 202 -5.26 5.39 16.49
N ASP A 203 -5.32 4.96 15.24
CA ASP A 203 -5.25 5.93 14.12
C ASP A 203 -6.55 6.02 13.31
N TYR A 204 -7.28 4.94 13.08
CA TYR A 204 -8.40 5.00 12.11
C TYR A 204 -9.78 5.07 12.77
N LEU A 205 -9.98 4.48 13.94
CA LEU A 205 -11.32 4.46 14.59
C LEU A 205 -11.65 5.76 15.34
N PRO A 206 -10.70 6.51 15.92
CA PRO A 206 -11.07 7.67 16.73
C PRO A 206 -12.01 8.70 16.13
N PRO A 207 -11.97 9.00 14.81
CA PRO A 207 -12.95 9.98 14.29
C PRO A 207 -14.41 9.53 14.38
N TYR A 208 -14.64 8.23 14.26
CA TYR A 208 -16.02 7.73 14.37
C TYR A 208 -16.48 7.82 15.82
N LYS A 209 -15.59 7.47 16.74
CA LYS A 209 -15.87 7.58 18.18
C LYS A 209 -16.14 9.04 18.54
N ALA A 210 -15.36 9.97 17.99
CA ALA A 210 -15.57 11.40 18.28
C ALA A 210 -16.99 11.80 17.86
N ALA A 211 -17.47 11.30 16.69
CA ALA A 211 -18.82 11.62 16.24
C ALA A 211 -19.85 11.02 17.20
N VAL A 212 -19.66 9.78 17.61
CA VAL A 212 -20.58 9.12 18.58
C VAL A 212 -20.60 9.95 19.85
N ASP A 213 -19.42 10.32 20.35
CA ASP A 213 -19.31 11.07 21.63
C ASP A 213 -19.90 12.47 21.52
N ALA A 214 -19.93 13.05 20.33
CA ALA A 214 -20.55 14.37 20.08
C ALA A 214 -22.07 14.22 19.96
N GLY A 215 -22.61 12.99 20.03
CA GLY A 215 -24.07 12.78 20.00
C GLY A 215 -24.62 12.45 18.63
N ALA A 216 -23.80 12.06 17.64
CA ALA A 216 -24.35 11.73 16.31
C ALA A 216 -25.52 10.77 16.47
N GLY A 217 -26.62 11.05 15.77
CA GLY A 217 -27.81 10.20 15.84
C GLY A 217 -27.71 8.94 15.00
N ALA A 218 -26.83 8.91 14.00
CA ALA A 218 -26.79 7.78 13.06
C ALA A 218 -25.35 7.50 12.63
N VAL A 219 -25.13 6.28 12.23
CA VAL A 219 -23.85 5.81 11.67
C VAL A 219 -24.12 5.09 10.35
N MET A 220 -23.45 5.52 9.28
CA MET A 220 -23.58 4.85 7.97
C MET A 220 -22.42 3.88 7.84
N VAL A 221 -22.77 2.62 7.58
CA VAL A 221 -21.79 1.51 7.54
C VAL A 221 -21.07 1.53 6.18
N SER A 222 -19.80 1.15 6.16
CA SER A 222 -18.97 1.19 4.94
C SER A 222 -19.19 -0.01 4.01
N LEU A 223 -18.63 0.09 2.80
CA LEU A 223 -18.74 -0.90 1.72
C LEU A 223 -17.61 -1.91 1.73
N ASN A 224 -16.53 -1.66 2.45
CA ASN A 224 -15.31 -2.49 2.37
C ASN A 224 -15.32 -3.66 3.37
N THR A 225 -14.48 -4.65 3.11
CA THR A 225 -14.07 -5.65 4.13
C THR A 225 -13.16 -4.97 5.13
N ILE A 226 -13.21 -5.47 6.37
CA ILE A 226 -12.22 -5.15 7.43
C ILE A 226 -11.61 -6.48 7.81
N ASN A 227 -10.36 -6.70 7.48
CA ASN A 227 -9.64 -7.95 7.83
C ASN A 227 -10.46 -9.17 7.38
N GLY A 228 -11.06 -9.09 6.19
CA GLY A 228 -11.81 -10.19 5.61
C GLY A 228 -13.30 -10.15 5.81
N VAL A 229 -13.80 -9.32 6.70
CA VAL A 229 -15.25 -9.31 6.98
C VAL A 229 -15.85 -7.99 6.52
N PRO A 230 -16.74 -8.01 5.52
CA PRO A 230 -17.49 -6.80 5.17
C PRO A 230 -18.05 -6.10 6.40
N ALA A 231 -17.91 -4.78 6.46
CA ALA A 231 -18.47 -3.98 7.57
C ALA A 231 -19.96 -4.32 7.80
N THR A 232 -20.67 -4.48 6.70
CA THR A 232 -22.14 -4.72 6.72
C THR A 232 -22.45 -6.03 7.42
N ALA A 233 -21.50 -6.99 7.52
CA ALA A 233 -21.74 -8.28 8.21
C ALA A 233 -20.84 -8.46 9.42
N ASN A 234 -20.30 -7.36 9.93
CA ASN A 234 -19.21 -7.41 10.93
C ASN A 234 -19.81 -7.15 12.31
N ARG A 235 -20.19 -8.23 13.01
CA ARG A 235 -20.82 -8.11 14.34
C ARG A 235 -19.84 -7.53 15.34
N TRP A 236 -18.57 -7.87 15.22
CA TRP A 236 -17.55 -7.27 16.08
C TRP A 236 -17.59 -5.75 15.96
N LEU A 237 -17.58 -5.22 14.74
CA LEU A 237 -17.54 -3.78 14.52
C LEU A 237 -18.85 -3.13 14.97
N LEU A 238 -19.99 -3.69 14.57
CA LEU A 238 -21.26 -2.94 14.66
C LEU A 238 -21.90 -3.16 16.03
N THR A 239 -21.65 -4.27 16.66
CA THR A 239 -22.28 -4.62 17.95
C THR A 239 -21.23 -4.55 19.07
N ASP A 240 -20.20 -5.40 19.05
CA ASP A 240 -19.22 -5.45 20.15
C ASP A 240 -18.57 -4.07 20.35
N LEU A 241 -18.05 -3.48 19.29
CA LEU A 241 -17.35 -2.21 19.42
C LEU A 241 -18.35 -1.06 19.49
N LEU A 242 -19.17 -0.86 18.47
CA LEU A 242 -19.97 0.36 18.39
C LEU A 242 -21.01 0.43 19.53
N ARG A 243 -21.66 -0.69 19.87
CA ARG A 243 -22.75 -0.64 20.88
C ARG A 243 -22.17 -0.95 22.26
N GLN A 244 -21.52 -2.09 22.43
CA GLN A 244 -21.12 -2.55 23.77
C GLN A 244 -19.96 -1.71 24.32
N GLN A 245 -18.91 -1.44 23.52
CA GLN A 245 -17.75 -0.69 24.03
C GLN A 245 -17.97 0.83 23.99
N TRP A 246 -18.47 1.38 22.89
CA TRP A 246 -18.60 2.82 22.69
C TRP A 246 -19.93 3.34 23.21
N GLY A 247 -20.93 2.47 23.39
CA GLY A 247 -22.20 2.89 23.97
C GLY A 247 -23.07 3.65 23.00
N PHE A 248 -22.91 3.43 21.68
CA PHE A 248 -23.75 4.17 20.71
C PHE A 248 -25.21 3.73 20.86
N LYS A 249 -26.12 4.68 20.94
CA LYS A 249 -27.56 4.42 21.20
C LYS A 249 -28.43 4.73 19.99
N GLY A 250 -27.84 5.11 18.85
CA GLY A 250 -28.58 5.59 17.69
C GLY A 250 -28.79 4.53 16.65
N LEU A 251 -28.89 5.00 15.42
CA LEU A 251 -29.38 4.23 14.27
C LEU A 251 -28.18 3.83 13.37
N THR A 252 -28.07 2.56 13.00
CA THR A 252 -27.08 2.16 11.97
C THR A 252 -27.79 2.03 10.62
N ILE A 253 -27.20 2.56 9.58
CA ILE A 253 -27.77 2.57 8.23
C ILE A 253 -26.78 1.86 7.31
N SER A 254 -27.26 0.90 6.55
CA SER A 254 -26.41 0.25 5.55
C SER A 254 -26.06 1.28 4.47
N ASN A 255 -25.01 0.98 3.77
CA ASN A 255 -24.69 1.71 2.55
C ASN A 255 -25.57 1.20 1.42
N HIS A 256 -25.37 1.78 0.28
CA HIS A 256 -26.31 1.69 -0.85
C HIS A 256 -26.20 0.32 -1.53
N GLY A 257 -27.19 -0.58 -1.38
CA GLY A 257 -27.04 -1.94 -1.91
C GLY A 257 -26.05 -2.81 -1.14
N ALA A 258 -25.58 -2.36 0.03
CA ALA A 258 -24.49 -3.07 0.76
C ALA A 258 -24.95 -4.46 1.23
N VAL A 259 -26.21 -4.62 1.65
CA VAL A 259 -26.64 -5.96 2.14
C VAL A 259 -26.55 -6.95 0.97
N LYS A 260 -27.09 -6.60 -0.19
CA LYS A 260 -27.00 -7.49 -1.36
C LYS A 260 -25.53 -7.75 -1.77
N GLU A 261 -24.63 -6.76 -1.60
CA GLU A 261 -23.20 -6.92 -1.95
C GLU A 261 -22.51 -8.00 -1.10
N LEU A 262 -23.08 -8.42 0.03
CA LEU A 262 -22.46 -9.55 0.78
C LEU A 262 -22.30 -10.79 -0.10
N ILE A 263 -23.13 -10.94 -1.15
CA ILE A 263 -23.01 -12.10 -2.08
C ILE A 263 -21.72 -11.95 -2.93
N LYS A 264 -21.46 -10.77 -3.47
CA LYS A 264 -20.25 -10.50 -4.24
C LYS A 264 -19.02 -10.65 -3.35
N HIS A 265 -19.11 -10.23 -2.09
CA HIS A 265 -17.98 -10.40 -1.15
C HIS A 265 -17.75 -11.87 -0.84
N GLY A 266 -18.69 -12.76 -1.16
CA GLY A 266 -18.48 -14.18 -0.80
C GLY A 266 -18.75 -14.51 0.66
N LEU A 267 -19.61 -13.75 1.32
CA LEU A 267 -20.07 -14.07 2.69
C LEU A 267 -21.41 -14.80 2.63
N ALA A 268 -22.12 -14.66 1.50
CA ALA A 268 -23.47 -15.26 1.37
C ALA A 268 -23.64 -15.78 -0.03
N GLY A 269 -24.42 -16.84 -0.21
CA GLY A 269 -24.65 -17.36 -1.57
C GLY A 269 -25.98 -16.90 -2.12
N ASN A 270 -26.78 -16.25 -1.29
CA ASN A 270 -28.11 -15.78 -1.71
C ASN A 270 -28.53 -14.58 -0.87
N GLU A 271 -29.62 -13.94 -1.28
CA GLU A 271 -30.09 -12.72 -0.59
C GLU A 271 -30.65 -13.03 0.80
N ARG A 272 -31.25 -14.20 1.04
CA ARG A 272 -31.79 -14.56 2.36
C ARG A 272 -30.66 -14.59 3.39
N ASP A 273 -29.55 -15.24 3.03
CA ASP A 273 -28.39 -15.37 3.97
C ASP A 273 -27.72 -14.00 4.13
N ALA A 274 -27.67 -13.20 3.07
CA ALA A 274 -27.10 -11.83 3.21
C ALA A 274 -27.91 -11.03 4.22
N THR A 275 -29.24 -11.09 4.10
CA THR A 275 -30.13 -10.34 4.99
C THR A 275 -29.88 -10.75 6.45
N ARG A 276 -29.80 -12.07 6.70
CA ARG A 276 -29.59 -12.59 8.07
CA ARG A 276 -29.59 -12.59 8.07
C ARG A 276 -28.27 -12.04 8.63
N LEU A 277 -27.22 -12.06 7.82
CA LEU A 277 -25.90 -11.61 8.29
C LEU A 277 -25.99 -10.15 8.68
N ALA A 278 -26.58 -9.31 7.86
CA ALA A 278 -26.61 -7.85 8.10
C ALA A 278 -27.44 -7.50 9.35
N ILE A 279 -28.63 -8.07 9.50
CA ILE A 279 -29.46 -7.64 10.65
C ILE A 279 -28.84 -8.17 11.95
N GLN A 280 -28.24 -9.36 11.94
CA GLN A 280 -27.63 -9.95 13.18
C GLN A 280 -26.30 -9.24 13.49
N ALA A 281 -25.60 -8.70 12.49
CA ALA A 281 -24.34 -7.97 12.74
C ALA A 281 -24.63 -6.67 13.47
N GLY A 282 -25.79 -6.09 13.21
CA GLY A 282 -26.21 -4.82 13.81
C GLY A 282 -26.53 -3.71 12.82
N VAL A 283 -26.87 -4.05 11.57
CA VAL A 283 -27.38 -3.04 10.62
C VAL A 283 -28.90 -2.88 10.80
N ASP A 284 -29.35 -1.69 11.14
CA ASP A 284 -30.78 -1.45 11.47
C ASP A 284 -31.56 -1.17 10.19
N MET A 285 -31.03 -0.31 9.34
CA MET A 285 -31.83 0.24 8.22
C MET A 285 -31.15 -0.14 6.90
N ASN A 286 -31.96 -0.63 5.98
CA ASN A 286 -31.51 -1.23 4.70
C ASN A 286 -31.69 -0.22 3.57
N MET A 287 -30.59 0.23 3.00
CA MET A 287 -30.63 1.27 1.95
C MET A 287 -30.80 0.61 0.57
N ASN A 288 -31.93 0.93 -0.05
CA ASN A 288 -32.34 0.76 -1.46
C ASN A 288 -32.58 -0.68 -1.92
N ASP A 289 -31.87 -1.72 -1.47
CA ASP A 289 -31.97 -3.03 -2.17
C ASP A 289 -33.20 -3.84 -1.74
N ASP A 290 -33.92 -3.39 -0.72
CA ASP A 290 -35.18 -4.02 -0.25
C ASP A 290 -35.01 -5.47 0.19
N LEU A 291 -33.79 -5.91 0.49
CA LEU A 291 -33.63 -7.30 0.99
C LEU A 291 -34.33 -7.46 2.35
N TYR A 292 -34.33 -6.45 3.22
CA TYR A 292 -34.95 -6.62 4.57
C TYR A 292 -36.46 -6.90 4.41
N SER A 293 -37.12 -6.08 3.63
CA SER A 293 -38.57 -6.23 3.43
C SER A 293 -38.86 -7.57 2.74
N THR A 294 -37.97 -8.07 1.87
CA THR A 294 -38.20 -9.30 1.06
C THR A 294 -38.00 -10.51 1.96
N TRP A 295 -37.00 -10.52 2.85
CA TRP A 295 -36.51 -11.77 3.48
C TRP A 295 -36.73 -11.80 4.99
N LEU A 296 -36.88 -10.70 5.71
CA LEU A 296 -36.93 -10.81 7.19
C LEU A 296 -38.12 -11.68 7.65
N PRO A 297 -39.31 -11.57 7.02
CA PRO A 297 -40.42 -12.42 7.49
C PRO A 297 -40.11 -13.92 7.40
N LYS A 298 -39.53 -14.34 6.27
CA LYS A 298 -39.16 -15.76 6.04
C LYS A 298 -38.11 -16.16 7.03
N LEU A 299 -37.08 -15.30 7.22
CA LEU A 299 -36.03 -15.63 8.19
C LEU A 299 -36.59 -15.88 9.58
N LEU A 300 -37.47 -15.01 10.02
CA LEU A 300 -38.00 -15.08 11.39
C LEU A 300 -38.84 -16.37 11.52
N ALA A 301 -39.66 -16.66 10.53
CA ALA A 301 -40.55 -17.86 10.55
C ALA A 301 -39.73 -19.16 10.58
N ALA A 302 -38.54 -19.18 9.97
CA ALA A 302 -37.63 -20.34 9.95
C ALA A 302 -36.77 -20.40 11.22
N GLY A 303 -36.86 -19.42 12.13
CA GLY A 303 -36.02 -19.30 13.34
C GLY A 303 -34.57 -18.97 12.99
N GLU A 304 -34.31 -18.34 11.86
CA GLU A 304 -32.91 -18.01 11.41
C GLU A 304 -32.49 -16.67 12.03
N ILE A 305 -33.46 -15.86 12.45
CA ILE A 305 -33.22 -14.62 13.22
C ILE A 305 -34.20 -14.64 14.39
N ASP A 306 -34.00 -13.72 15.31
CA ASP A 306 -34.79 -13.57 16.55
C ASP A 306 -35.73 -12.38 16.41
N GLN A 307 -36.88 -12.44 17.05
CA GLN A 307 -37.75 -11.24 17.11
C GLN A 307 -36.96 -10.04 17.64
N ALA A 308 -36.06 -10.25 18.60
CA ALA A 308 -35.25 -9.18 19.21
C ALA A 308 -34.39 -8.47 18.12
N ASP A 309 -34.00 -9.14 17.05
CA ASP A 309 -33.22 -8.50 15.95
C ASP A 309 -34.10 -7.46 15.23
N ILE A 310 -35.34 -7.81 14.92
CA ILE A 310 -36.31 -6.86 14.30
CA ILE A 310 -36.29 -6.84 14.29
C ILE A 310 -36.61 -5.71 15.28
N ASP A 311 -36.86 -6.07 16.54
CA ASP A 311 -37.24 -5.07 17.54
C ASP A 311 -36.12 -4.05 17.76
N ARG A 312 -34.86 -4.49 17.79
CA ARG A 312 -33.70 -3.59 18.00
C ARG A 312 -33.69 -2.56 16.89
N ALA A 313 -33.77 -3.06 15.66
CA ALA A 313 -33.64 -2.26 14.44
C ALA A 313 -34.77 -1.25 14.38
N CYS A 314 -36.02 -1.70 14.61
CA CYS A 314 -37.20 -0.81 14.59
C CYS A 314 -37.12 0.24 15.69
N ARG A 315 -36.72 -0.14 16.89
CA ARG A 315 -36.61 0.81 18.00
C ARG A 315 -35.64 1.91 17.62
N ASP A 316 -34.54 1.57 17.00
CA ASP A 316 -33.55 2.59 16.63
C ASP A 316 -34.10 3.55 15.58
N VAL A 317 -34.88 3.06 14.63
CA VAL A 317 -35.52 3.97 13.65
C VAL A 317 -36.48 4.91 14.36
N LEU A 318 -37.35 4.36 15.21
CA LEU A 318 -38.39 5.16 15.90
C LEU A 318 -37.74 6.18 16.84
N ALA A 319 -36.63 5.80 17.48
CA ALA A 319 -35.93 6.70 18.39
C ALA A 319 -35.32 7.87 17.60
N ALA A 320 -34.82 7.62 16.40
CA ALA A 320 -34.26 8.70 15.58
C ALA A 320 -35.39 9.68 15.23
N LYS A 321 -36.54 9.14 14.82
CA LYS A 321 -37.66 10.02 14.46
C LYS A 321 -38.12 10.83 15.68
N TYR A 322 -38.15 10.20 16.84
CA TYR A 322 -38.56 10.84 18.11
C TYR A 322 -37.64 12.05 18.37
N ASP A 323 -36.31 11.83 18.29
CA ASP A 323 -35.34 12.90 18.55
C ASP A 323 -35.45 14.03 17.54
N LEU A 324 -35.78 13.72 16.30
CA LEU A 324 -35.93 14.70 15.22
C LEU A 324 -37.23 15.53 15.38
N GLY A 325 -38.07 15.18 16.32
CA GLY A 325 -39.29 15.95 16.59
C GLY A 325 -40.47 15.48 15.75
N LEU A 326 -40.34 14.40 15.00
CA LEU A 326 -41.32 14.07 13.95
C LEU A 326 -42.60 13.47 14.52
N PHE A 327 -42.56 12.89 15.69
CA PHE A 327 -43.81 12.41 16.34
C PHE A 327 -44.57 13.60 16.94
N ALA A 328 -43.89 14.68 17.31
CA ALA A 328 -44.54 15.92 17.80
C ALA A 328 -45.15 16.68 16.63
N ASP A 329 -44.44 16.76 15.50
CA ASP A 329 -44.96 17.47 14.31
C ASP A 329 -44.16 16.97 13.13
N PRO A 330 -44.79 16.13 12.29
CA PRO A 330 -44.13 15.60 11.10
C PRO A 330 -43.78 16.67 10.09
N TYR A 331 -44.39 17.86 10.22
CA TYR A 331 -44.20 19.01 9.32
C TYR A 331 -43.31 20.08 9.93
N ARG A 332 -42.58 19.78 10.97
CA ARG A 332 -41.84 20.83 11.70
C ARG A 332 -40.76 21.47 10.82
N ARG A 333 -40.24 20.76 9.81
CA ARG A 333 -39.24 21.37 8.89
C ARG A 333 -39.90 21.73 7.58
N LEU A 334 -41.25 21.70 7.51
CA LEU A 334 -41.95 21.85 6.20
C LEU A 334 -42.91 23.05 6.20
N GLY A 335 -42.82 23.91 7.19
CA GLY A 335 -43.69 25.10 7.36
C GLY A 335 -45.16 24.69 7.47
N LYS A 336 -46.07 25.57 7.02
CA LYS A 336 -47.54 25.40 7.16
C LYS A 336 -48.14 25.12 5.79
N PRO A 337 -49.28 24.40 5.71
CA PRO A 337 -49.78 23.88 4.44
C PRO A 337 -50.15 24.99 3.44
N ASP A 338 -50.35 26.22 3.94
CA ASP A 338 -50.79 27.40 3.16
C ASP A 338 -49.73 28.51 3.23
N ASP A 339 -48.49 28.18 3.58
CA ASP A 339 -47.35 29.10 3.28
C ASP A 339 -47.37 29.29 1.77
N PRO A 340 -47.02 30.48 1.25
CA PRO A 340 -47.02 30.65 -0.20
C PRO A 340 -45.90 29.78 -0.78
N PRO A 341 -46.03 29.32 -2.04
CA PRO A 341 -44.93 28.64 -2.72
C PRO A 341 -43.81 29.66 -2.94
N PHE A 342 -42.58 29.15 -3.08
CA PHE A 342 -41.37 30.00 -3.18
C PHE A 342 -40.40 29.30 -4.13
N ASP A 343 -39.40 30.05 -4.58
CA ASP A 343 -38.34 29.52 -5.46
C ASP A 343 -37.28 28.88 -4.57
N THR A 344 -37.17 27.57 -4.58
CA THR A 344 -36.20 26.85 -3.74
C THR A 344 -34.80 27.45 -3.98
N ASN A 345 -34.52 27.87 -5.18
CA ASN A 345 -33.17 28.28 -5.59
C ASN A 345 -33.02 29.80 -5.59
N ALA A 346 -33.92 30.52 -4.90
CA ALA A 346 -33.82 31.98 -4.86
C ALA A 346 -32.46 32.40 -4.30
N GLU A 347 -31.95 33.48 -4.87
CA GLU A 347 -30.70 34.12 -4.44
C GLU A 347 -30.80 34.51 -2.96
N SER A 348 -31.98 34.96 -2.45
CA SER A 348 -32.10 35.40 -1.05
C SER A 348 -32.06 34.22 -0.08
N ARG A 349 -32.11 32.99 -0.56
CA ARG A 349 -32.04 31.81 0.34
C ARG A 349 -30.60 31.28 0.39
N LEU A 350 -29.69 31.90 -0.38
CA LEU A 350 -28.26 31.52 -0.31
C LEU A 350 -27.55 32.25 0.82
N HIS A 351 -26.34 31.80 1.12
CA HIS A 351 -25.50 32.37 2.17
C HIS A 351 -24.14 32.66 1.54
N ARG A 352 -24.10 33.59 0.58
CA ARG A 352 -22.86 33.79 -0.20
C ARG A 352 -21.76 34.40 0.66
N GLN A 353 -22.09 35.29 1.61
CA GLN A 353 -21.05 35.91 2.45
C GLN A 353 -20.35 34.81 3.25
N ALA A 354 -21.08 33.88 3.81
CA ALA A 354 -20.46 32.79 4.60
C ALA A 354 -19.58 31.94 3.67
N ALA A 355 -20.09 31.56 2.49
CA ALA A 355 -19.32 30.71 1.56
C ALA A 355 -18.02 31.42 1.16
N ARG A 356 -18.09 32.73 0.90
CA ARG A 356 -16.89 33.47 0.44
C ARG A 356 -15.89 33.54 1.61
N GLU A 357 -16.35 33.86 2.81
CA GLU A 357 -15.46 33.97 4.01
C GLU A 357 -14.87 32.59 4.33
N VAL A 358 -15.66 31.54 4.30
CA VAL A 358 -15.11 30.20 4.61
C VAL A 358 -14.11 29.82 3.51
N ALA A 359 -14.46 30.03 2.24
CA ALA A 359 -13.58 29.58 1.13
C ALA A 359 -12.22 30.30 1.19
N ARG A 360 -12.17 31.54 1.65
CA ARG A 360 -10.86 32.23 1.75
C ARG A 360 -9.91 31.47 2.69
N GLU A 361 -10.43 30.86 3.77
CA GLU A 361 -9.62 30.29 4.86
C GLU A 361 -8.93 29.00 4.45
N GLY A 362 -9.43 28.31 3.44
CA GLY A 362 -8.92 26.98 3.02
C GLY A 362 -7.82 27.10 1.97
N LEU A 363 -7.65 28.27 1.34
CA LEU A 363 -6.74 28.38 0.18
C LEU A 363 -5.29 28.34 0.70
N VAL A 364 -4.42 27.55 0.07
CA VAL A 364 -3.06 27.28 0.56
C VAL A 364 -2.07 27.86 -0.43
N LEU A 365 -1.28 28.82 0.00
CA LEU A 365 -0.19 29.32 -0.86
C LEU A 365 0.99 28.34 -0.76
N LEU A 366 1.32 27.72 -1.88
CA LEU A 366 2.37 26.69 -1.93
C LEU A 366 3.69 27.27 -2.39
N LYS A 367 3.66 28.35 -3.17
CA LYS A 367 4.90 28.97 -3.71
C LYS A 367 4.59 30.41 -4.07
N ASN A 368 5.54 31.32 -3.83
CA ASN A 368 5.35 32.74 -4.20
C ASN A 368 6.74 33.37 -4.38
N ARG A 369 7.26 33.31 -5.60
CA ARG A 369 8.66 33.73 -5.92
C ARG A 369 8.70 35.26 -5.95
N ASP A 370 9.60 35.84 -5.12
CA ASP A 370 9.99 37.27 -5.18
C ASP A 370 8.72 38.13 -5.08
N GLY A 371 7.74 37.70 -4.29
CA GLY A 371 6.58 38.55 -3.98
C GLY A 371 5.71 38.85 -5.18
N LEU A 372 5.63 37.94 -6.15
CA LEU A 372 4.70 38.11 -7.30
C LEU A 372 3.29 38.33 -6.79
N LEU A 373 2.82 37.50 -5.87
CA LEU A 373 1.51 37.69 -5.24
C LEU A 373 1.73 38.48 -3.97
N PRO A 374 0.79 39.36 -3.59
CA PRO A 374 -0.45 39.64 -4.31
C PRO A 374 -0.27 40.53 -5.55
N LEU A 375 -1.12 40.30 -6.52
CA LEU A 375 -1.18 41.09 -7.78
C LEU A 375 -1.78 42.47 -7.54
N LYS A 376 -1.38 43.41 -8.37
CA LYS A 376 -2.03 44.73 -8.50
C LYS A 376 -3.21 44.61 -9.47
N LYS A 377 -4.29 45.34 -9.19
CA LYS A 377 -5.46 45.37 -10.11
C LYS A 377 -5.16 46.31 -11.26
N GLN A 378 -4.34 45.89 -12.21
CA GLN A 378 -3.90 46.77 -13.30
C GLN A 378 -3.35 45.92 -14.41
N GLY A 379 -3.20 46.53 -15.59
CA GLY A 379 -2.51 45.90 -16.72
C GLY A 379 -3.39 44.85 -17.37
N ARG A 380 -2.75 43.89 -17.99
CA ARG A 380 -3.36 42.86 -18.85
C ARG A 380 -3.04 41.49 -18.25
N ILE A 381 -4.08 40.74 -17.87
CA ILE A 381 -3.89 39.42 -17.21
C ILE A 381 -4.50 38.36 -18.13
N ALA A 382 -3.72 37.39 -18.55
CA ALA A 382 -4.22 36.27 -19.35
C ALA A 382 -4.75 35.24 -18.35
N VAL A 383 -5.99 34.80 -18.52
CA VAL A 383 -6.60 33.78 -17.63
C VAL A 383 -6.80 32.54 -18.52
N ILE A 384 -6.02 31.51 -18.26
CA ILE A 384 -5.87 30.38 -19.18
C ILE A 384 -6.08 29.07 -18.45
N GLY A 385 -6.82 28.15 -19.07
CA GLY A 385 -6.89 26.76 -18.60
C GLY A 385 -8.34 26.28 -18.55
N PRO A 386 -8.51 24.94 -18.56
CA PRO A 386 -9.86 24.35 -18.67
C PRO A 386 -10.67 24.54 -17.39
N LEU A 387 -10.07 24.93 -16.28
CA LEU A 387 -10.88 25.16 -15.06
CA LEU A 387 -10.84 25.15 -15.03
C LEU A 387 -11.19 26.64 -14.84
N ALA A 388 -10.72 27.54 -15.71
CA ALA A 388 -10.90 28.97 -15.41
C ALA A 388 -12.35 29.41 -15.45
N LYS A 389 -13.11 28.87 -16.44
CA LYS A 389 -14.54 29.22 -16.58
C LYS A 389 -15.42 28.03 -16.24
N SER A 390 -14.98 27.14 -15.37
CA SER A 390 -15.78 25.96 -15.03
C SER A 390 -16.63 26.20 -13.79
N GLN A 391 -17.95 26.28 -13.95
CA GLN A 391 -18.86 26.35 -12.80
C GLN A 391 -19.04 24.96 -12.20
N ARG A 392 -19.07 23.93 -13.03
CA ARG A 392 -19.36 22.56 -12.57
C ARG A 392 -18.20 22.08 -11.68
N ASP A 393 -16.98 22.46 -12.02
CA ASP A 393 -15.85 21.94 -11.21
C ASP A 393 -15.68 22.70 -9.89
N VAL A 394 -15.94 24.01 -9.89
CA VAL A 394 -15.62 24.81 -8.68
C VAL A 394 -16.47 24.35 -7.50
N ILE A 395 -17.67 23.78 -7.73
CA ILE A 395 -18.50 23.31 -6.59
C ILE A 395 -18.09 21.92 -6.10
N GLY A 396 -17.17 21.24 -6.77
CA GLY A 396 -16.64 19.96 -6.30
C GLY A 396 -17.55 18.76 -6.53
N SER A 397 -17.07 17.61 -6.09
CA SER A 397 -17.90 16.38 -6.00
C SER A 397 -18.82 16.48 -4.78
N TRP A 398 -19.88 15.69 -4.75
CA TRP A 398 -20.86 15.65 -3.64
C TRP A 398 -21.36 17.08 -3.35
N SER A 399 -21.83 17.71 -4.40
CA SER A 399 -22.23 19.12 -4.36
C SER A 399 -23.71 19.25 -4.02
N ALA A 400 -24.37 18.17 -3.62
CA ALA A 400 -25.75 18.22 -3.08
C ALA A 400 -26.64 19.00 -4.05
N ALA A 401 -27.41 19.96 -3.55
CA ALA A 401 -28.36 20.73 -4.38
C ALA A 401 -27.70 21.98 -4.97
N GLY A 402 -26.38 22.07 -4.96
CA GLY A 402 -25.69 23.24 -5.54
C GLY A 402 -25.99 23.34 -7.02
N VAL A 403 -26.21 24.56 -7.46
CA VAL A 403 -26.55 24.86 -8.86
C VAL A 403 -25.28 25.40 -9.52
N PRO A 404 -24.70 24.70 -10.50
CA PRO A 404 -23.50 25.25 -11.15
C PRO A 404 -23.69 26.68 -11.69
N ARG A 405 -24.84 26.99 -12.26
CA ARG A 405 -25.07 28.39 -12.81
C ARG A 405 -24.99 29.47 -11.73
N GLN A 406 -25.10 29.14 -10.45
CA GLN A 406 -25.03 30.13 -9.35
C GLN A 406 -23.59 30.29 -8.89
N ALA A 407 -22.67 29.44 -9.37
CA ALA A 407 -21.28 29.46 -8.87
C ALA A 407 -20.44 30.57 -9.56
N VAL A 408 -19.44 31.05 -8.81
CA VAL A 408 -18.49 32.05 -9.31
C VAL A 408 -17.23 31.34 -9.79
N THR A 409 -16.97 31.36 -11.08
CA THR A 409 -15.72 30.83 -11.66
C THR A 409 -14.51 31.67 -11.27
N VAL A 410 -13.34 31.09 -11.46
CA VAL A 410 -12.12 31.87 -11.21
C VAL A 410 -12.11 33.08 -12.16
N TYR A 411 -12.44 32.87 -13.43
CA TYR A 411 -12.49 33.99 -14.40
C TYR A 411 -13.43 35.07 -13.88
N GLN A 412 -14.65 34.69 -13.48
CA GLN A 412 -15.66 35.68 -13.05
C GLN A 412 -15.21 36.37 -11.76
N GLY A 413 -14.52 35.67 -10.86
CA GLY A 413 -14.03 36.32 -9.64
C GLY A 413 -12.99 37.39 -9.98
N LEU A 414 -12.11 37.09 -10.93
CA LEU A 414 -11.09 38.09 -11.33
C LEU A 414 -11.81 39.27 -11.99
N ALA A 415 -12.81 38.99 -12.86
CA ALA A 415 -13.56 40.06 -13.57
C ALA A 415 -14.25 40.94 -12.53
N ASN A 416 -14.80 40.34 -11.47
CA ASN A 416 -15.50 41.04 -10.37
C ASN A 416 -14.52 41.98 -9.66
N ALA A 417 -13.30 41.50 -9.44
CA ALA A 417 -12.29 42.21 -8.64
C ALA A 417 -11.75 43.40 -9.43
N VAL A 418 -11.53 43.25 -10.74
CA VAL A 418 -10.77 44.30 -11.46
C VAL A 418 -11.75 45.34 -12.04
N GLY A 419 -13.03 44.96 -12.21
CA GLY A 419 -14.03 45.83 -12.85
C GLY A 419 -13.40 46.41 -14.09
N GLU A 420 -13.17 47.72 -14.09
CA GLU A 420 -12.66 48.43 -15.30
C GLU A 420 -11.20 48.83 -15.17
N ARG A 421 -10.49 48.34 -14.14
CA ARG A 421 -9.13 48.80 -13.79
C ARG A 421 -8.10 47.93 -14.50
N ALA A 422 -8.48 46.73 -14.98
CA ALA A 422 -7.54 45.81 -15.63
C ALA A 422 -8.26 45.07 -16.74
N THR A 423 -7.50 44.57 -17.69
CA THR A 423 -8.00 43.82 -18.85
C THR A 423 -7.73 42.34 -18.67
N LEU A 424 -8.77 41.52 -18.70
CA LEU A 424 -8.60 40.05 -18.67
C LEU A 424 -8.68 39.51 -20.09
N LEU A 425 -7.79 38.58 -20.41
CA LEU A 425 -7.78 37.88 -21.71
C LEU A 425 -7.94 36.40 -21.39
N TYR A 426 -8.85 35.74 -22.05
CA TYR A 426 -9.21 34.33 -21.75
C TYR A 426 -8.78 33.42 -22.90
N ALA A 427 -8.24 32.24 -22.58
CA ALA A 427 -8.10 31.11 -23.53
C ALA A 427 -8.22 29.81 -22.75
N LYS A 428 -8.96 28.87 -23.30
CA LYS A 428 -9.12 27.58 -22.58
C LYS A 428 -7.77 26.85 -22.49
N GLY A 429 -6.98 26.84 -23.57
CA GLY A 429 -5.61 26.30 -23.46
C GLY A 429 -5.51 24.81 -23.74
N ALA A 430 -6.36 24.02 -23.07
CA ALA A 430 -6.38 22.57 -23.16
C ALA A 430 -7.72 22.11 -22.60
N ASN A 431 -8.14 20.94 -23.05
CA ASN A 431 -9.23 20.22 -22.39
C ASN A 431 -8.67 19.66 -21.08
N VAL A 432 -9.56 19.29 -20.18
CA VAL A 432 -9.09 18.81 -18.85
CA VAL A 432 -9.16 18.75 -18.85
C VAL A 432 -8.22 17.55 -19.03
N SER A 433 -8.49 16.73 -20.04
CA SER A 433 -7.64 15.60 -20.43
C SER A 433 -7.49 15.59 -21.94
N GLY A 434 -6.32 15.15 -22.39
CA GLY A 434 -6.06 14.85 -23.80
C GLY A 434 -6.27 13.41 -24.14
N ASP A 435 -6.63 12.58 -23.17
CA ASP A 435 -6.80 11.13 -23.34
C ASP A 435 -8.30 10.90 -23.56
N GLN A 436 -8.71 10.54 -24.78
CA GLN A 436 -10.16 10.43 -25.07
C GLN A 436 -10.83 9.38 -24.16
N ALA A 437 -10.12 8.35 -23.73
CA ALA A 437 -10.70 7.31 -22.85
C ALA A 437 -11.04 7.94 -21.48
N ILE A 438 -10.22 8.88 -21.03
CA ILE A 438 -10.49 9.59 -19.75
C ILE A 438 -11.66 10.54 -19.93
N LEU A 439 -11.71 11.28 -21.05
CA LEU A 439 -12.91 12.10 -21.29
C LEU A 439 -14.15 11.21 -21.37
N ASP A 440 -14.08 10.05 -21.99
CA ASP A 440 -15.23 9.11 -22.10
C ASP A 440 -15.71 8.71 -20.69
N TYR A 441 -14.77 8.44 -19.80
CA TYR A 441 -15.09 8.15 -18.39
C TYR A 441 -15.80 9.34 -17.71
N LEU A 442 -15.23 10.55 -17.80
CA LEU A 442 -15.73 11.72 -17.10
C LEU A 442 -17.10 12.16 -17.63
N ASN A 443 -17.41 11.83 -18.88
CA ASN A 443 -18.75 12.13 -19.44
C ASN A 443 -19.69 10.92 -19.37
N SER A 444 -19.33 9.85 -18.69
CA SER A 444 -20.21 8.67 -18.58
C SER A 444 -21.24 8.98 -17.46
N TYR A 445 -22.50 8.65 -17.70
CA TYR A 445 -23.71 8.93 -16.88
C TYR A 445 -24.23 10.35 -17.09
N ASN A 446 -23.39 11.35 -16.92
CA ASN A 446 -23.79 12.77 -17.03
C ASN A 446 -22.70 13.51 -17.75
N PRO A 447 -23.04 14.42 -18.67
CA PRO A 447 -22.05 15.19 -19.39
C PRO A 447 -21.52 16.28 -18.46
N GLU A 448 -20.35 16.06 -17.87
CA GLU A 448 -19.83 16.95 -16.81
C GLU A 448 -18.60 17.71 -17.28
N VAL A 449 -18.06 17.38 -18.46
CA VAL A 449 -16.81 18.01 -18.94
C VAL A 449 -17.04 18.54 -20.35
N GLU A 450 -16.91 19.84 -20.50
CA GLU A 450 -17.02 20.50 -21.84
C GLU A 450 -15.76 20.15 -22.61
N VAL A 451 -15.91 19.60 -23.80
CA VAL A 451 -14.78 19.23 -24.66
C VAL A 451 -14.72 20.26 -25.79
N ASP A 452 -13.63 21.01 -25.86
CA ASP A 452 -13.36 21.88 -27.01
C ASP A 452 -13.02 20.94 -28.15
N PRO A 453 -13.70 21.08 -29.31
CA PRO A 453 -13.47 20.16 -30.42
C PRO A 453 -12.19 20.45 -31.22
N ARG A 454 -11.49 21.55 -30.91
CA ARG A 454 -10.23 21.87 -31.65
C ARG A 454 -9.14 20.88 -31.27
N SER A 455 -8.11 20.79 -32.12
CA SER A 455 -6.89 20.01 -31.83
C SER A 455 -6.23 20.59 -30.58
N ALA A 456 -5.46 19.78 -29.89
CA ALA A 456 -4.65 20.22 -28.73
C ALA A 456 -3.75 21.38 -29.19
N GLU A 457 -3.17 21.23 -30.38
CA GLU A 457 -2.21 22.23 -30.93
C GLU A 457 -2.90 23.58 -31.18
N ALA A 458 -4.11 23.59 -31.75
CA ALA A 458 -4.87 24.84 -31.98
C ALA A 458 -5.19 25.53 -30.64
N MET A 459 -5.62 24.76 -29.63
CA MET A 459 -5.91 25.35 -28.30
C MET A 459 -4.62 25.94 -27.70
N LEU A 460 -3.52 25.23 -27.85
CA LEU A 460 -2.23 25.73 -27.32
C LEU A 460 -1.81 27.02 -28.05
N GLU A 461 -1.89 27.08 -29.39
CA GLU A 461 -1.47 28.32 -30.11
C GLU A 461 -2.34 29.48 -29.66
N GLU A 462 -3.63 29.28 -29.44
CA GLU A 462 -4.52 30.35 -29.00
C GLU A 462 -4.08 30.81 -27.62
N ALA A 463 -3.79 29.87 -26.72
CA ALA A 463 -3.34 30.29 -25.38
C ALA A 463 -1.99 31.02 -25.43
N LEU A 464 -1.08 30.62 -26.32
CA LEU A 464 0.24 31.31 -26.42
C LEU A 464 0.02 32.71 -26.96
N ARG A 465 -0.88 32.89 -27.94
CA ARG A 465 -1.18 34.25 -28.41
C ARG A 465 -1.72 35.12 -27.30
N THR A 466 -2.62 34.59 -26.44
CA THR A 466 -3.22 35.32 -25.34
C THR A 466 -2.13 35.71 -24.33
N ALA A 467 -1.26 34.76 -23.98
CA ALA A 467 -0.20 34.99 -22.98
C ALA A 467 0.77 36.05 -23.50
N ARG A 468 1.08 35.98 -24.79
CA ARG A 468 2.05 36.95 -25.39
C ARG A 468 1.47 38.36 -25.37
N ASP A 469 0.16 38.49 -25.38
CA ASP A 469 -0.53 39.80 -25.32
C ASP A 469 -0.76 40.29 -23.89
N ALA A 470 -0.25 39.62 -22.87
CA ALA A 470 -0.55 39.97 -21.48
C ALA A 470 0.73 40.31 -20.71
N ASP A 471 0.56 40.83 -19.50
CA ASP A 471 1.66 41.15 -18.56
C ASP A 471 1.96 39.92 -17.69
N LEU A 472 0.98 39.04 -17.50
CA LEU A 472 1.21 37.86 -16.64
C LEU A 472 0.09 36.87 -16.94
N VAL A 473 0.33 35.63 -16.55
CA VAL A 473 -0.60 34.51 -16.83
C VAL A 473 -1.11 33.95 -15.51
N VAL A 474 -2.43 33.86 -15.39
CA VAL A 474 -3.11 33.08 -14.30
C VAL A 474 -3.60 31.81 -14.98
N ALA A 475 -2.91 30.72 -14.70
CA ALA A 475 -3.25 29.40 -15.29
C ALA A 475 -4.15 28.70 -14.28
N VAL A 476 -5.33 28.28 -14.68
CA VAL A 476 -6.31 27.65 -13.77
C VAL A 476 -6.44 26.20 -14.26
N VAL A 477 -5.79 25.32 -13.54
CA VAL A 477 -5.46 23.95 -13.98
C VAL A 477 -5.68 22.98 -12.83
N GLY A 478 -5.76 21.69 -13.18
CA GLY A 478 -5.81 20.62 -12.19
C GLY A 478 -6.81 19.59 -12.62
N GLU A 479 -7.55 19.08 -11.66
CA GLU A 479 -8.52 18.01 -11.90
C GLU A 479 -9.90 18.59 -12.07
N SER A 480 -10.70 17.93 -12.90
CA SER A 480 -12.16 18.12 -12.88
C SER A 480 -12.75 17.37 -11.67
N GLN A 481 -13.92 17.78 -11.22
CA GLN A 481 -14.43 17.23 -9.94
C GLN A 481 -14.72 15.73 -10.10
N GLY A 482 -15.01 15.25 -11.31
CA GLY A 482 -15.28 13.82 -11.50
C GLY A 482 -14.01 12.98 -11.41
N MET A 483 -12.84 13.60 -11.34
CA MET A 483 -11.57 12.85 -11.16
C MET A 483 -11.33 12.56 -9.67
N ALA A 484 -12.02 13.19 -8.77
CA ALA A 484 -11.77 12.98 -7.31
C ALA A 484 -13.13 12.80 -6.67
N HIS A 485 -13.72 11.68 -7.04
CA HIS A 485 -15.09 11.34 -6.60
CA HIS A 485 -15.08 11.33 -6.63
C HIS A 485 -15.17 9.83 -6.32
N GLU A 486 -16.32 9.38 -5.88
CA GLU A 486 -16.52 7.95 -5.69
C GLU A 486 -16.05 7.23 -6.94
N ALA A 487 -15.36 6.10 -6.75
CA ALA A 487 -14.86 5.16 -7.77
C ALA A 487 -13.80 5.79 -8.69
N SER A 488 -13.41 7.05 -8.57
CA SER A 488 -12.44 7.65 -9.51
CA SER A 488 -12.45 7.64 -9.52
C SER A 488 -11.02 7.57 -8.95
N SER A 489 -10.52 6.38 -8.76
CA SER A 489 -9.15 6.18 -8.25
C SER A 489 -8.18 6.41 -9.40
N ARG A 490 -7.08 7.09 -9.08
CA ARG A 490 -6.07 7.48 -10.05
C ARG A 490 -4.78 6.70 -9.84
N THR A 491 -4.11 6.41 -10.95
CA THR A 491 -2.76 5.79 -10.96
C THR A 491 -1.66 6.85 -11.14
N ASP A 492 -2.02 8.09 -11.42
CA ASP A 492 -1.08 9.20 -11.73
C ASP A 492 -1.56 10.36 -10.84
N LEU A 493 -0.71 11.03 -10.07
CA LEU A 493 -1.17 12.15 -9.22
C LEU A 493 -0.77 13.50 -9.83
N ARG A 494 -0.28 13.51 -11.05
CA ARG A 494 0.12 14.79 -11.67
C ARG A 494 -1.12 15.53 -12.17
N ILE A 495 -0.90 16.81 -12.44
CA ILE A 495 -1.87 17.53 -13.28
C ILE A 495 -1.99 16.74 -14.56
N PRO A 496 -3.20 16.65 -15.18
CA PRO A 496 -3.31 15.94 -16.44
C PRO A 496 -2.34 16.40 -17.54
N ALA A 497 -1.90 15.44 -18.33
CA ALA A 497 -0.83 15.65 -19.35
C ALA A 497 -1.20 16.81 -20.29
N SER A 498 -2.44 16.91 -20.74
CA SER A 498 -2.83 17.98 -21.69
C SER A 498 -2.56 19.33 -21.06
N GLN A 499 -2.84 19.46 -19.76
CA GLN A 499 -2.63 20.71 -19.04
C GLN A 499 -1.14 20.93 -18.72
N ARG A 500 -0.38 19.88 -18.46
CA ARG A 500 1.07 20.06 -18.21
C ARG A 500 1.76 20.50 -19.51
N ARG A 501 1.29 20.03 -20.65
CA ARG A 501 1.84 20.52 -21.95
C ARG A 501 1.56 22.01 -22.05
N LEU A 502 0.36 22.43 -21.71
CA LEU A 502 -0.05 23.85 -21.70
C LEU A 502 0.88 24.65 -20.78
N LEU A 503 1.09 24.17 -19.52
CA LEU A 503 1.95 24.90 -18.58
C LEU A 503 3.37 25.02 -19.14
N LYS A 504 3.91 23.98 -19.73
CA LYS A 504 5.32 24.04 -20.24
C LYS A 504 5.38 25.09 -21.35
N ALA A 505 4.36 25.11 -22.18
CA ALA A 505 4.32 26.11 -23.30
C ALA A 505 4.20 27.52 -22.74
N LEU A 506 3.35 27.73 -21.72
CA LEU A 506 3.17 29.06 -21.11
C LEU A 506 4.49 29.50 -20.45
N LYS A 507 5.18 28.57 -19.80
CA LYS A 507 6.43 28.91 -19.08
C LYS A 507 7.39 29.49 -20.12
N ALA A 508 7.41 28.89 -21.30
CA ALA A 508 8.40 29.26 -22.37
C ALA A 508 8.14 30.66 -22.92
N THR A 509 7.01 31.30 -22.62
CA THR A 509 6.72 32.71 -23.04
C THR A 509 7.51 33.73 -22.22
N GLY A 510 8.02 33.34 -21.05
CA GLY A 510 8.69 34.29 -20.14
C GLY A 510 7.75 35.12 -19.29
N LYS A 511 6.42 35.04 -19.47
CA LYS A 511 5.44 35.80 -18.68
C LYS A 511 5.43 35.18 -17.28
N PRO A 512 5.34 36.01 -16.21
CA PRO A 512 5.16 35.51 -14.87
C PRO A 512 3.96 34.54 -14.87
N LEU A 513 4.13 33.40 -14.22
CA LEU A 513 3.14 32.29 -14.30
C LEU A 513 2.62 32.00 -12.90
N VAL A 514 1.36 32.32 -12.67
CA VAL A 514 0.63 32.03 -11.41
C VAL A 514 -0.24 30.80 -11.67
N LEU A 515 -0.07 29.72 -10.88
CA LEU A 515 -0.95 28.56 -11.02
C LEU A 515 -2.01 28.63 -9.95
N VAL A 516 -3.25 28.53 -10.36
CA VAL A 516 -4.43 28.39 -9.50
C VAL A 516 -4.87 26.93 -9.67
N LEU A 517 -4.63 26.11 -8.67
CA LEU A 517 -4.85 24.65 -8.79
C LEU A 517 -6.23 24.32 -8.25
N MET A 518 -7.00 23.55 -9.00
CA MET A 518 -8.25 22.92 -8.51
C MET A 518 -8.00 21.43 -8.52
N ASN A 519 -8.44 20.76 -7.48
CA ASN A 519 -8.15 19.34 -7.28
C ASN A 519 -8.80 18.84 -5.99
N GLY A 520 -9.06 17.54 -5.93
CA GLY A 520 -9.72 16.94 -4.77
C GLY A 520 -8.85 15.97 -4.02
N ARG A 521 -7.57 15.93 -4.36
CA ARG A 521 -6.60 15.04 -3.71
C ARG A 521 -5.24 15.72 -3.78
N PRO A 522 -4.28 15.30 -2.96
CA PRO A 522 -2.90 15.70 -3.18
C PRO A 522 -2.48 15.44 -4.64
N LEU A 523 -1.70 16.36 -5.21
CA LEU A 523 -1.14 16.20 -6.56
C LEU A 523 0.39 16.19 -6.47
N SER A 524 1.00 15.52 -7.44
CA SER A 524 2.47 15.48 -7.67
CA SER A 524 2.47 15.50 -7.66
C SER A 524 2.85 16.76 -8.44
N LEU A 525 3.60 17.69 -7.82
CA LEU A 525 3.78 19.04 -8.40
C LEU A 525 5.27 19.41 -8.53
N GLY A 526 6.13 18.43 -8.71
CA GLY A 526 7.59 18.75 -8.75
C GLY A 526 7.93 19.73 -9.87
N TRP A 527 7.40 19.56 -11.09
CA TRP A 527 7.77 20.50 -12.18
C TRP A 527 7.24 21.89 -11.82
N GLU A 528 6.02 21.91 -11.31
CA GLU A 528 5.32 23.17 -10.96
C GLU A 528 6.09 23.92 -9.87
N GLN A 529 6.51 23.21 -8.84
CA GLN A 529 7.28 23.87 -7.76
C GLN A 529 8.61 24.44 -8.31
N GLU A 530 9.21 23.79 -9.29
CA GLU A 530 10.46 24.29 -9.89
C GLU A 530 10.18 25.48 -10.83
N ASN A 531 9.06 25.50 -11.52
CA ASN A 531 8.93 26.38 -12.71
C ASN A 531 7.86 27.46 -12.56
N ALA A 532 6.77 27.21 -11.84
CA ALA A 532 5.77 28.28 -11.71
C ALA A 532 6.33 29.42 -10.86
N ASP A 533 5.87 30.65 -11.05
CA ASP A 533 6.33 31.74 -10.17
C ASP A 533 5.49 31.75 -8.89
N ALA A 534 4.22 31.36 -8.93
CA ALA A 534 3.44 31.27 -7.69
C ALA A 534 2.41 30.18 -7.86
N ILE A 535 2.05 29.52 -6.78
CA ILE A 535 1.11 28.38 -6.81
C ILE A 535 0.13 28.50 -5.66
N LEU A 536 -1.16 28.55 -5.98
CA LEU A 536 -2.23 28.66 -4.98
C LEU A 536 -3.13 27.42 -5.08
N GLU A 537 -3.13 26.62 -4.04
CA GLU A 537 -4.01 25.43 -3.93
C GLU A 537 -5.42 25.90 -3.54
N THR A 538 -6.42 25.63 -4.37
CA THR A 538 -7.78 26.10 -4.11
C THR A 538 -8.74 24.93 -3.98
N TRP A 539 -8.26 23.69 -4.06
CA TRP A 539 -9.15 22.52 -3.87
C TRP A 539 -10.31 22.62 -4.83
N PHE A 540 -11.53 22.38 -4.40
CA PHE A 540 -12.73 22.87 -5.13
C PHE A 540 -13.40 23.78 -4.13
N SER A 541 -13.43 25.09 -4.40
CA SER A 541 -13.69 26.10 -3.34
CA SER A 541 -13.70 26.11 -3.33
C SER A 541 -15.17 26.51 -3.21
N GLY A 542 -16.04 25.94 -4.02
CA GLY A 542 -17.50 26.06 -3.84
C GLY A 542 -18.12 27.21 -4.61
N THR A 543 -19.36 27.54 -4.25
CA THR A 543 -20.24 28.49 -4.94
C THR A 543 -19.56 29.87 -5.03
N GLU A 544 -18.82 30.28 -4.00
CA GLU A 544 -18.14 31.59 -4.03
C GLU A 544 -16.66 31.41 -4.30
N GLY A 545 -16.25 30.24 -4.78
CA GLY A 545 -14.81 29.96 -4.92
C GLY A 545 -14.07 31.05 -5.69
N GLY A 546 -14.58 31.42 -6.84
CA GLY A 546 -13.87 32.38 -7.72
C GLY A 546 -13.66 33.71 -7.00
N ASN A 547 -14.64 34.13 -6.21
CA ASN A 547 -14.51 35.40 -5.43
C ASN A 547 -13.47 35.25 -4.32
N ALA A 548 -13.46 34.15 -3.57
CA ALA A 548 -12.47 33.93 -2.50
C ALA A 548 -11.05 33.86 -3.12
N ILE A 549 -10.91 33.17 -4.26
CA ILE A 549 -9.60 33.04 -4.95
C ILE A 549 -9.12 34.45 -5.38
N ALA A 550 -9.97 35.26 -6.01
CA ALA A 550 -9.60 36.65 -6.38
C ALA A 550 -9.23 37.45 -5.13
N ASP A 551 -9.94 37.28 -4.02
CA ASP A 551 -9.64 38.00 -2.77
C ASP A 551 -8.20 37.71 -2.36
N VAL A 552 -7.76 36.46 -2.47
CA VAL A 552 -6.36 36.11 -2.12
C VAL A 552 -5.42 36.65 -3.19
N LEU A 553 -5.70 36.43 -4.46
CA LEU A 553 -4.74 36.81 -5.52
C LEU A 553 -4.47 38.32 -5.49
N PHE A 554 -5.45 39.14 -5.11
CA PHE A 554 -5.25 40.61 -5.10
C PHE A 554 -4.94 41.12 -3.68
N GLY A 555 -4.80 40.24 -2.71
CA GLY A 555 -4.31 40.54 -1.34
C GLY A 555 -5.33 41.23 -0.47
N GLU A 556 -6.61 41.06 -0.77
CA GLU A 556 -7.69 41.41 0.18
C GLU A 556 -7.63 40.42 1.35
N HIS A 557 -7.25 39.16 1.10
CA HIS A 557 -7.09 38.14 2.15
C HIS A 557 -5.66 37.59 2.02
N ASN A 558 -4.93 37.55 3.13
CA ASN A 558 -3.58 36.97 3.18
C ASN A 558 -3.76 35.46 3.33
N PRO A 559 -3.31 34.64 2.38
CA PRO A 559 -3.55 33.20 2.51
C PRO A 559 -3.03 32.64 3.83
N SER A 560 -3.88 31.77 4.39
CA SER A 560 -3.66 31.25 5.77
C SER A 560 -3.91 29.73 5.78
N GLY A 561 -4.27 29.13 4.66
CA GLY A 561 -4.53 27.69 4.65
C GLY A 561 -3.24 26.91 4.79
N LYS A 562 -3.37 25.73 5.40
CA LYS A 562 -2.25 24.79 5.56
C LYS A 562 -2.71 23.38 5.25
N LEU A 563 -1.83 22.62 4.60
CA LEU A 563 -2.16 21.24 4.19
C LEU A 563 -2.51 20.38 5.38
N THR A 564 -3.53 19.51 5.20
CA THR A 564 -3.82 18.46 6.23
C THR A 564 -3.52 17.07 5.66
N MET A 565 -2.94 17.00 4.45
CA MET A 565 -2.51 15.71 3.88
C MET A 565 -1.22 16.01 3.13
N SER A 566 -0.24 15.16 3.34
CA SER A 566 1.11 15.26 2.74
C SER A 566 0.99 15.14 1.21
N PHE A 567 1.72 15.95 0.44
CA PHE A 567 1.70 15.89 -1.04
C PHE A 567 2.91 15.08 -1.48
N PRO A 568 2.69 13.88 -2.06
CA PRO A 568 3.80 13.02 -2.45
C PRO A 568 4.50 13.64 -3.65
N ARG A 569 5.80 13.33 -3.80
CA ARG A 569 6.51 13.77 -5.03
C ARG A 569 5.97 13.02 -6.23
N SER A 570 5.55 11.76 -6.07
CA SER A 570 4.97 10.97 -7.15
C SER A 570 4.12 9.86 -6.54
N VAL A 571 3.30 9.28 -7.39
CA VAL A 571 2.40 8.18 -6.97
C VAL A 571 3.23 6.98 -6.51
N GLY A 572 4.45 6.84 -7.01
CA GLY A 572 5.23 5.67 -6.61
C GLY A 572 5.76 5.79 -5.20
N GLN A 573 5.56 6.92 -4.50
CA GLN A 573 5.91 7.05 -3.06
C GLN A 573 4.73 6.73 -2.15
N VAL A 574 3.55 6.42 -2.67
CA VAL A 574 2.37 6.25 -1.79
C VAL A 574 2.55 5.00 -0.94
N PRO A 575 2.18 5.03 0.37
CA PRO A 575 1.70 6.21 1.08
C PRO A 575 2.83 7.05 1.68
N VAL A 576 2.57 8.34 1.72
CA VAL A 576 3.44 9.25 2.50
CA VAL A 576 3.42 9.35 2.40
C VAL A 576 2.53 10.00 3.45
N TYR A 577 2.93 10.02 4.71
CA TYR A 577 2.16 10.74 5.75
C TYR A 577 3.12 11.10 6.87
N TYR A 578 2.84 12.15 7.62
CA TYR A 578 3.83 12.74 8.54
C TYR A 578 4.04 11.90 9.80
N ASN A 579 3.03 11.18 10.26
CA ASN A 579 3.10 10.44 11.54
C ASN A 579 3.43 8.98 11.27
N HIS A 580 4.51 8.79 10.54
CA HIS A 580 5.05 7.46 10.22
C HIS A 580 5.97 7.01 11.33
N LEU A 581 6.34 5.74 11.29
CA LEU A 581 7.29 5.16 12.25
C LEU A 581 8.73 5.40 11.78
N ASN A 582 9.70 5.34 12.69
CA ASN A 582 11.07 5.73 12.35
C ASN A 582 11.73 4.63 11.50
N THR A 583 11.41 3.38 11.75
CA THR A 583 12.11 2.16 11.26
C THR A 583 13.48 2.09 11.98
N GLY A 584 14.17 0.98 11.75
CA GLY A 584 15.51 0.72 12.29
C GLY A 584 16.57 1.50 11.55
N ARG A 585 16.23 1.93 10.32
CA ARG A 585 17.20 2.57 9.37
C ARG A 585 16.51 3.77 8.73
N PRO A 586 16.21 4.81 9.51
CA PRO A 586 15.51 5.97 8.99
C PRO A 586 16.29 6.72 7.92
N MET A 587 15.58 7.28 6.96
CA MET A 587 16.22 8.27 6.07
C MET A 587 15.53 9.58 6.45
N ASP A 588 16.33 10.54 6.83
CA ASP A 588 15.84 11.93 7.04
C ASP A 588 17.07 12.80 6.89
N HIS A 589 16.99 14.10 7.15
CA HIS A 589 18.15 15.00 6.94
C HIS A 589 19.31 14.51 7.82
N ASP A 590 19.03 13.91 8.98
CA ASP A 590 20.06 13.41 9.96
C ASP A 590 20.53 11.99 9.62
N ASN A 591 19.93 11.33 8.61
CA ASN A 591 20.18 9.89 8.35
C ASN A 591 20.17 9.69 6.82
N PRO A 592 21.13 10.27 6.08
CA PRO A 592 21.03 10.35 4.62
C PRO A 592 21.68 9.23 3.76
N GLY A 593 21.99 8.09 4.36
CA GLY A 593 22.77 7.03 3.72
C GLY A 593 21.99 6.19 2.72
N LYS A 594 22.76 5.37 2.01
CA LYS A 594 22.23 4.41 1.04
C LYS A 594 21.35 3.38 1.77
N TYR A 595 21.82 2.83 2.90
CA TYR A 595 21.14 1.69 3.58
C TYR A 595 20.12 2.22 4.58
N THR A 596 19.15 2.96 4.02
CA THR A 596 18.03 3.52 4.80
C THR A 596 16.72 3.26 4.08
N SER A 597 15.63 3.59 4.73
CA SER A 597 14.27 3.36 4.24
C SER A 597 13.88 4.46 3.25
N ARG A 598 14.17 4.27 1.97
CA ARG A 598 14.14 5.34 0.95
C ARG A 598 13.97 4.77 -0.45
N TYR A 599 13.65 5.62 -1.40
CA TYR A 599 13.74 5.31 -2.84
C TYR A 599 15.04 5.87 -3.38
N PHE A 600 15.57 5.30 -4.47
CA PHE A 600 16.86 5.79 -5.00
C PHE A 600 16.65 6.65 -6.23
N ASP A 601 15.49 6.60 -6.84
CA ASP A 601 15.25 7.17 -8.19
C ASP A 601 14.40 8.45 -8.12
N GLU A 602 14.22 8.97 -6.91
CA GLU A 602 13.44 10.22 -6.68
C GLU A 602 13.89 10.79 -5.35
N ALA A 603 13.79 12.11 -5.20
CA ALA A 603 14.05 12.75 -3.91
C ALA A 603 13.07 12.17 -2.90
N ASN A 604 13.48 12.14 -1.66
CA ASN A 604 12.66 11.49 -0.61
C ASN A 604 11.89 12.51 0.24
N GLY A 605 10.88 12.00 0.94
CA GLY A 605 9.97 12.88 1.67
C GLY A 605 8.91 13.46 0.76
N PRO A 606 7.83 14.00 1.36
CA PRO A 606 6.80 14.65 0.55
C PRO A 606 7.37 15.90 -0.10
N LEU A 607 6.76 16.35 -1.20
CA LEU A 607 7.12 17.66 -1.77
C LEU A 607 6.65 18.73 -0.79
N TYR A 608 5.41 18.61 -0.26
CA TYR A 608 4.88 19.59 0.72
C TYR A 608 4.43 18.78 1.90
N PRO A 609 4.93 19.06 3.11
CA PRO A 609 4.56 18.26 4.27
C PRO A 609 3.24 18.66 4.91
N PHE A 610 2.71 17.77 5.74
CA PHE A 610 1.57 18.09 6.61
C PHE A 610 1.80 19.39 7.37
N GLY A 611 0.82 20.27 7.32
CA GLY A 611 0.86 21.57 8.02
C GLY A 611 1.55 22.66 7.21
N TYR A 612 1.92 22.41 5.96
CA TYR A 612 2.66 23.40 5.14
C TYR A 612 1.68 24.42 4.55
N GLY A 613 2.12 25.67 4.53
CA GLY A 613 1.43 26.70 3.75
C GLY A 613 2.07 28.04 4.00
N LEU A 614 2.16 28.85 2.96
CA LEU A 614 2.88 30.13 3.04
C LEU A 614 1.91 31.27 3.28
N SER A 615 2.51 32.46 3.42
CA SER A 615 1.79 33.72 3.72
C SER A 615 2.43 34.84 2.90
N TYR A 616 1.71 35.93 2.76
CA TYR A 616 2.28 37.17 2.23
C TYR A 616 3.06 37.91 3.32
N THR A 617 3.00 37.48 4.57
CA THR A 617 3.86 38.03 5.66
C THR A 617 4.79 36.94 6.18
N GLU A 618 5.64 37.32 7.09
CA GLU A 618 6.59 36.38 7.75
C GLU A 618 6.20 36.31 9.22
N PHE A 619 6.40 35.15 9.79
CA PHE A 619 6.12 34.89 11.21
C PHE A 619 7.39 34.41 11.89
N SER A 620 7.49 34.75 13.18
CA SER A 620 8.59 34.28 14.06
C SER A 620 8.00 33.59 15.27
N LEU A 621 8.64 32.51 15.72
CA LEU A 621 8.28 31.89 17.03
C LEU A 621 9.45 32.10 17.99
N SER A 622 9.13 32.43 19.22
CA SER A 622 10.10 32.48 20.35
C SER A 622 10.48 31.04 20.67
N PRO A 623 11.50 30.84 21.52
CA PRO A 623 11.84 29.49 21.95
C PRO A 623 10.70 28.81 22.71
N LEU A 624 10.55 27.51 22.49
CA LEU A 624 9.52 26.72 23.18
C LEU A 624 9.95 26.57 24.64
N ARG A 625 9.00 26.77 25.54
CA ARG A 625 9.26 26.60 26.99
C ARG A 625 8.18 25.72 27.59
N LEU A 626 8.59 24.73 28.37
CA LEU A 626 7.65 23.89 29.13
C LEU A 626 7.58 24.38 30.57
N SER A 627 6.42 24.25 31.18
CA SER A 627 6.14 24.71 32.56
C SER A 627 6.95 23.86 33.57
N SER A 628 7.31 22.62 33.22
CA SER A 628 8.20 21.78 34.06
C SER A 628 8.84 20.68 33.22
N GLU A 629 9.88 20.11 33.76
CA GLU A 629 10.64 19.02 33.14
C GLU A 629 10.06 17.67 33.53
N ARG A 630 9.15 17.64 34.52
CA ARG A 630 8.53 16.41 35.06
C ARG A 630 7.04 16.60 35.09
N LEU A 631 6.31 15.56 34.76
CA LEU A 631 4.84 15.58 34.79
C LEU A 631 4.37 14.45 35.68
N ALA A 632 3.66 14.76 36.75
CA ALA A 632 3.01 13.72 37.57
C ALA A 632 1.70 13.29 36.92
N ARG A 633 1.33 12.04 37.10
CA ARG A 633 -0.01 11.59 36.68
C ARG A 633 -1.09 12.37 37.44
N GLY A 634 -2.15 12.75 36.75
CA GLY A 634 -3.21 13.61 37.28
C GLY A 634 -2.92 15.07 37.03
N ALA A 635 -1.71 15.44 36.59
CA ALA A 635 -1.40 16.87 36.36
C ALA A 635 -1.38 17.19 34.86
N THR A 636 -1.35 18.49 34.58
CA THR A 636 -1.27 19.08 33.21
C THR A 636 0.04 19.83 33.14
N LEU A 637 0.59 19.87 31.94
CA LEU A 637 1.82 20.60 31.60
C LEU A 637 1.38 21.71 30.66
N GLU A 638 2.07 22.85 30.68
CA GLU A 638 1.90 23.91 29.66
C GLU A 638 3.16 23.98 28.79
N ALA A 639 2.93 24.13 27.49
CA ALA A 639 3.97 24.45 26.50
C ALA A 639 3.66 25.84 25.98
N ARG A 640 4.59 26.75 26.17
CA ARG A 640 4.39 28.14 25.74
C ARG A 640 5.37 28.57 24.68
N VAL A 641 4.82 29.32 23.71
CA VAL A 641 5.64 29.96 22.68
C VAL A 641 4.94 31.29 22.33
N THR A 642 5.72 32.26 21.93
CA THR A 642 5.18 33.54 21.41
C THR A 642 5.31 33.55 19.90
N LEU A 643 4.20 33.88 19.26
CA LEU A 643 4.14 34.03 17.81
C LEU A 643 4.14 35.51 17.47
N SER A 644 4.97 35.94 16.55
CA SER A 644 5.01 37.34 16.08
CA SER A 644 4.93 37.35 16.09
C SER A 644 4.84 37.43 14.57
N ASN A 645 4.16 38.45 14.10
CA ASN A 645 4.13 38.79 12.70
C ASN A 645 5.32 39.73 12.43
N SER A 646 6.35 39.22 11.79
CA SER A 646 7.58 40.01 11.59
C SER A 646 7.63 40.56 10.17
N GLY A 647 6.51 40.59 9.45
CA GLY A 647 6.46 41.12 8.09
C GLY A 647 5.62 42.37 8.00
N LYS A 648 5.09 42.67 6.83
CA LYS A 648 4.47 43.97 6.57
C LYS A 648 2.97 43.88 6.32
N ARG A 649 2.37 42.69 6.36
CA ARG A 649 0.92 42.57 6.08
C ARG A 649 0.29 41.77 7.19
N ALA A 650 -0.94 42.12 7.52
CA ALA A 650 -1.71 41.32 8.49
C ALA A 650 -1.89 39.93 7.91
N GLY A 651 -1.92 38.93 8.76
CA GLY A 651 -2.29 37.58 8.30
C GLY A 651 -2.32 36.59 9.45
N ALA A 652 -2.86 35.43 9.15
CA ALA A 652 -2.92 34.33 10.09
C ALA A 652 -1.91 33.24 9.68
N THR A 653 -1.56 32.48 10.68
CA THR A 653 -0.83 31.20 10.51
C THR A 653 -1.33 30.23 11.58
N VAL A 654 -0.82 29.01 11.54
CA VAL A 654 -1.31 27.95 12.47
C VAL A 654 -0.09 27.41 13.20
N VAL A 655 -0.05 27.63 14.50
CA VAL A 655 1.02 27.09 15.37
C VAL A 655 0.63 25.67 15.71
N GLN A 656 1.52 24.73 15.42
CA GLN A 656 1.22 23.30 15.57
C GLN A 656 2.07 22.68 16.66
N LEU A 657 1.45 21.84 17.48
CA LEU A 657 2.15 21.13 18.56
C LEU A 657 2.10 19.65 18.23
N TYR A 658 3.26 19.01 18.25
CA TYR A 658 3.41 17.58 18.02
C TYR A 658 4.09 16.94 19.23
N LEU A 659 3.76 15.68 19.45
CA LEU A 659 4.41 14.88 20.51
C LEU A 659 5.11 13.66 19.92
N GLN A 660 6.25 13.34 20.50
CA GLN A 660 6.88 12.04 20.23
C GLN A 660 7.11 11.32 21.55
N ASP A 661 6.88 10.01 21.54
CA ASP A 661 7.17 9.10 22.65
C ASP A 661 8.32 8.21 22.22
N PRO A 662 9.58 8.65 22.42
CA PRO A 662 10.69 7.97 21.77
C PRO A 662 11.06 6.60 22.28
N VAL A 663 10.54 6.17 23.43
CA VAL A 663 10.78 4.82 23.93
C VAL A 663 9.44 4.28 24.40
N ALA A 664 8.97 3.21 23.81
CA ALA A 664 7.65 2.68 24.15
C ALA A 664 7.61 1.18 23.85
N SER A 665 6.56 0.54 24.31
CA SER A 665 6.31 -0.92 24.14
CA SER A 665 6.39 -0.92 24.13
C SER A 665 5.91 -1.26 22.70
N LEU A 666 5.53 -0.26 21.92
CA LEU A 666 5.29 -0.34 20.46
C LEU A 666 6.21 0.73 19.88
N SER A 667 6.63 0.61 18.62
CA SER A 667 7.29 1.69 17.90
C SER A 667 6.26 2.80 17.61
N ARG A 668 6.47 4.01 18.14
CA ARG A 668 5.47 5.09 18.01
C ARG A 668 5.96 6.07 16.95
N PRO A 669 5.03 6.84 16.40
CA PRO A 669 5.38 7.74 15.32
C PRO A 669 6.41 8.80 15.69
N VAL A 670 7.10 9.23 14.67
CA VAL A 670 8.16 10.27 14.85
C VAL A 670 7.57 11.58 15.40
N LYS A 671 6.31 11.84 15.07
CA LYS A 671 5.54 12.98 15.58
C LYS A 671 4.06 12.65 15.48
N GLU A 672 3.26 13.18 16.40
CA GLU A 672 1.79 13.05 16.34
C GLU A 672 1.20 14.41 16.73
N LEU A 673 0.34 14.99 15.92
CA LEU A 673 -0.28 16.28 16.27
C LEU A 673 -1.10 16.13 17.58
N ARG A 674 -0.89 17.06 18.50
CA ARG A 674 -1.61 17.06 19.79
C ARG A 674 -2.12 18.45 20.12
N GLY A 675 -1.97 19.44 19.25
CA GLY A 675 -2.62 20.72 19.48
C GLY A 675 -2.33 21.66 18.34
N PHE A 676 -3.15 22.69 18.23
CA PHE A 676 -2.83 23.75 17.27
C PHE A 676 -3.60 25.02 17.63
N ARG A 677 -3.11 26.13 17.10
CA ARG A 677 -3.77 27.44 17.32
C ARG A 677 -3.64 28.19 16.02
N LYS A 678 -4.77 28.55 15.44
CA LYS A 678 -4.75 29.52 14.36
C LYS A 678 -4.85 30.93 14.94
N VAL A 679 -3.94 31.79 14.50
CA VAL A 679 -3.76 33.12 15.11
C VAL A 679 -3.67 34.13 13.99
N MET A 680 -4.55 35.13 14.01
CA MET A 680 -4.48 36.30 13.10
C MET A 680 -3.70 37.44 13.77
N LEU A 681 -2.70 37.99 13.12
CA LEU A 681 -1.81 39.02 13.71
C LEU A 681 -1.62 40.18 12.75
N GLU A 682 -1.70 41.37 13.30
CA GLU A 682 -1.26 42.55 12.52
C GLU A 682 0.27 42.53 12.45
N PRO A 683 0.89 43.28 11.51
CA PRO A 683 2.34 43.44 11.52
C PRO A 683 2.85 43.95 12.87
N GLY A 684 3.89 43.30 13.41
CA GLY A 684 4.49 43.60 14.72
C GLY A 684 3.70 43.12 15.91
N GLU A 685 2.53 42.49 15.74
CA GLU A 685 1.73 41.94 16.83
C GLU A 685 2.36 40.62 17.26
N SER A 686 2.23 40.33 18.54
CA SER A 686 2.65 39.07 19.20
C SER A 686 1.51 38.46 19.97
N ARG A 687 1.49 37.14 20.07
CA ARG A 687 0.50 36.42 20.87
C ARG A 687 1.25 35.31 21.60
N GLU A 688 1.10 35.25 22.92
CA GLU A 688 1.61 34.11 23.71
C GLU A 688 0.61 32.99 23.53
N ILE A 689 1.08 31.85 23.05
CA ILE A 689 0.23 30.66 22.88
C ILE A 689 0.59 29.71 24.02
N VAL A 690 -0.42 29.20 24.69
CA VAL A 690 -0.25 28.24 25.79
C VAL A 690 -0.97 26.99 25.36
N PHE A 691 -0.22 25.92 25.16
CA PHE A 691 -0.82 24.60 24.93
C PHE A 691 -0.87 23.88 26.27
N ARG A 692 -1.94 23.14 26.50
CA ARG A 692 -2.04 22.25 27.67
C ARG A 692 -1.88 20.81 27.21
N LEU A 693 -1.05 20.07 27.94
CA LEU A 693 -0.86 18.64 27.70
C LEU A 693 -1.09 17.89 29.00
N GLY A 694 -1.76 16.76 28.91
CA GLY A 694 -1.80 15.84 30.05
C GLY A 694 -1.61 14.42 29.62
N GLU A 695 -1.81 13.51 30.56
CA GLU A 695 -1.61 12.07 30.31
C GLU A 695 -2.47 11.62 29.12
N ALA A 696 -3.67 12.17 28.92
CA ALA A 696 -4.58 11.71 27.84
C ALA A 696 -3.90 11.88 26.48
N ASP A 697 -3.07 12.92 26.36
CA ASP A 697 -2.33 13.19 25.09
C ASP A 697 -1.23 12.14 24.88
N LEU A 698 -0.83 11.42 25.91
CA LEU A 698 0.40 10.59 25.88
C LEU A 698 0.08 9.10 25.70
N LYS A 699 -1.18 8.71 25.78
CA LYS A 699 -1.54 7.29 25.77
C LYS A 699 -1.58 6.73 24.33
N PHE A 700 -1.41 5.45 24.26
CA PHE A 700 -1.51 4.69 23.00
C PHE A 700 -2.01 3.29 23.32
N TYR A 701 -2.52 2.64 22.28
CA TYR A 701 -2.90 1.21 22.36
C TYR A 701 -1.68 0.34 22.11
N ASP A 702 -1.37 -0.53 23.05
CA ASP A 702 -0.25 -1.45 22.91
C ASP A 702 -0.70 -2.71 22.14
N SER A 703 0.16 -3.71 22.05
CA SER A 703 -0.09 -4.92 21.22
C SER A 703 -1.33 -5.69 21.71
N GLN A 704 -1.65 -5.61 23.01
CA GLN A 704 -2.83 -6.27 23.63
C GLN A 704 -4.03 -5.32 23.65
N LEU A 705 -3.93 -4.15 23.02
CA LEU A 705 -4.94 -3.10 23.00
C LEU A 705 -5.20 -2.54 24.41
N ARG A 706 -4.19 -2.57 25.27
CA ARG A 706 -4.22 -1.79 26.51
C ARG A 706 -3.92 -0.34 26.18
N HIS A 707 -4.76 0.56 26.65
CA HIS A 707 -4.57 2.01 26.43
C HIS A 707 -3.70 2.57 27.54
N THR A 708 -2.41 2.79 27.27
CA THR A 708 -1.35 2.98 28.31
C THR A 708 -0.58 4.27 28.02
N ALA A 709 -0.21 5.02 29.06
CA ALA A 709 0.88 6.03 28.95
C ALA A 709 2.01 5.54 29.82
N GLU A 710 3.17 5.32 29.25
CA GLU A 710 4.31 4.74 29.97
C GLU A 710 5.20 5.84 30.49
N PRO A 711 5.73 5.68 31.71
CA PRO A 711 6.69 6.66 32.22
C PRO A 711 7.90 6.75 31.33
N GLY A 712 8.51 7.93 31.27
CA GLY A 712 9.68 8.20 30.43
C GLY A 712 9.59 9.51 29.71
N GLU A 713 10.49 9.69 28.77
CA GLU A 713 10.64 10.92 28.02
C GLU A 713 9.46 11.09 27.06
N PHE A 714 9.02 12.33 26.90
CA PHE A 714 8.19 12.78 25.77
C PHE A 714 8.86 13.99 25.19
N LYS A 715 8.86 14.08 23.86
CA LYS A 715 9.37 15.26 23.18
C LYS A 715 8.18 16.07 22.68
N VAL A 716 8.22 17.37 22.92
CA VAL A 716 7.18 18.33 22.50
C VAL A 716 7.80 19.16 21.39
N PHE A 717 7.16 19.18 20.22
CA PHE A 717 7.65 19.93 19.03
C PHE A 717 6.63 21.00 18.72
N VAL A 718 7.11 22.20 18.48
CA VAL A 718 6.25 23.30 18.01
C VAL A 718 6.84 23.93 16.77
N GLY A 719 5.98 24.27 15.84
CA GLY A 719 6.38 25.01 14.63
C GLY A 719 5.19 25.34 13.74
N LEU A 720 5.49 25.91 12.58
CA LEU A 720 4.42 26.35 11.64
C LEU A 720 4.16 25.32 10.54
N ASP A 721 4.86 24.19 10.58
CA ASP A 721 4.49 22.98 9.82
C ASP A 721 5.17 21.79 10.48
N SER A 722 4.87 20.60 10.01
CA SER A 722 5.41 19.37 10.62
C SER A 722 6.89 19.20 10.36
N ALA A 723 7.46 19.86 9.36
CA ALA A 723 8.89 19.73 9.04
C ALA A 723 9.75 20.82 9.66
N GLN A 724 9.18 21.92 10.13
CA GLN A 724 9.97 23.12 10.59
C GLN A 724 9.65 23.30 12.07
N THR A 725 10.17 22.44 12.93
CA THR A 725 9.84 22.48 14.37
C THR A 725 11.12 22.57 15.20
N GLU A 726 10.93 22.84 16.47
CA GLU A 726 12.00 22.57 17.47
C GLU A 726 11.34 21.84 18.63
N SER A 727 12.17 21.19 19.43
CA SER A 727 11.61 20.37 20.52
C SER A 727 12.19 20.67 21.89
N ARG A 728 11.37 20.39 22.90
CA ARG A 728 11.84 20.34 24.31
C ARG A 728 11.28 19.06 24.91
N SER A 729 11.97 18.51 25.91
CA SER A 729 11.54 17.22 26.49
C SER A 729 11.02 17.40 27.91
N PHE A 730 10.15 16.49 28.30
CA PHE A 730 9.80 16.33 29.72
C PHE A 730 9.75 14.83 30.02
N THR A 731 9.67 14.50 31.29
CA THR A 731 9.56 13.11 31.75
C THR A 731 8.23 12.90 32.46
N LEU A 732 7.47 11.91 32.00
CA LEU A 732 6.26 11.47 32.74
C LEU A 732 6.74 10.56 33.85
N LEU A 733 6.27 10.83 35.06
CA LEU A 733 6.63 10.00 36.27
C LEU A 733 5.78 8.72 36.38
N ALA B 1 16.87 -39.10 26.84
CA ALA B 1 17.50 -37.92 26.18
C ALA B 1 18.41 -38.41 25.05
N THR B 2 18.39 -37.74 23.89
CA THR B 2 19.23 -38.05 22.71
C THR B 2 20.72 -37.81 22.99
N ASP B 3 21.61 -38.33 22.14
CA ASP B 3 23.07 -38.09 22.25
C ASP B 3 23.35 -36.59 22.24
N LYS B 4 22.64 -35.87 21.37
CA LYS B 4 22.81 -34.40 21.23
C LYS B 4 22.45 -33.70 22.54
N GLU B 5 21.30 -34.00 23.15
CA GLU B 5 20.90 -33.28 24.38
C GLU B 5 21.86 -33.68 25.51
N ARG B 6 22.34 -34.93 25.56
CA ARG B 6 23.28 -35.35 26.64
C ARG B 6 24.61 -34.62 26.47
N PHE B 7 25.07 -34.53 25.24
CA PHE B 7 26.36 -33.91 24.93
C PHE B 7 26.26 -32.45 25.32
N ILE B 8 25.18 -31.80 24.89
CA ILE B 8 25.06 -30.34 25.15
C ILE B 8 24.92 -30.08 26.65
N ALA B 9 24.14 -30.89 27.37
CA ALA B 9 23.94 -30.64 28.81
C ALA B 9 25.28 -30.82 29.52
N SER B 10 26.08 -31.79 29.10
CA SER B 10 27.35 -32.09 29.81
C SER B 10 28.33 -30.94 29.51
N LEU B 11 28.34 -30.46 28.25
CA LEU B 11 29.23 -29.30 27.92
C LEU B 11 28.76 -28.03 28.67
N MET B 12 27.47 -27.71 28.65
CA MET B 12 27.00 -26.45 29.28
C MET B 12 27.22 -26.45 30.78
N ALA B 13 27.15 -27.62 31.43
CA ALA B 13 27.40 -27.74 32.88
C ALA B 13 28.84 -27.30 33.20
N ARG B 14 29.74 -27.32 32.21
CA ARG B 14 31.17 -26.99 32.42
C ARG B 14 31.42 -25.51 32.16
N MET B 15 30.50 -24.80 31.49
CA MET B 15 30.82 -23.46 30.93
C MET B 15 30.55 -22.36 31.91
N SER B 16 31.40 -21.35 31.92
CA SER B 16 31.12 -20.06 32.58
C SER B 16 30.08 -19.30 31.75
N ASN B 17 29.47 -18.33 32.39
CA ASN B 17 28.58 -17.38 31.69
C ASN B 17 29.35 -16.62 30.60
N ALA B 18 30.60 -16.26 30.84
CA ALA B 18 31.40 -15.60 29.78
C ALA B 18 31.45 -16.51 28.53
N GLU B 19 31.69 -17.82 28.73
CA GLU B 19 31.77 -18.76 27.59
C GLU B 19 30.42 -18.87 26.92
N LYS B 20 29.36 -18.97 27.70
CA LYS B 20 28.00 -19.12 27.15
C LYS B 20 27.68 -17.87 26.32
N ILE B 21 27.97 -16.71 26.84
CA ILE B 21 27.71 -15.43 26.13
C ILE B 21 28.58 -15.33 24.87
N GLY B 22 29.83 -15.78 24.90
CA GLY B 22 30.71 -15.78 23.72
C GLY B 22 30.10 -16.56 22.57
N GLN B 23 29.38 -17.64 22.87
CA GLN B 23 28.77 -18.48 21.81
C GLN B 23 27.74 -17.69 21.02
N LEU B 24 27.21 -16.63 21.59
CA LEU B 24 26.09 -15.89 20.96
C LEU B 24 26.60 -14.86 19.98
N ARG B 25 27.90 -14.65 19.90
CA ARG B 25 28.49 -13.53 19.14
C ARG B 25 28.81 -13.97 17.72
N LEU B 26 28.17 -13.32 16.76
CA LEU B 26 28.34 -13.58 15.33
C LEU B 26 28.93 -12.34 14.69
N VAL B 27 30.14 -12.45 14.13
CA VAL B 27 30.86 -11.25 13.60
C VAL B 27 31.47 -11.52 12.25
N SER B 28 31.85 -10.43 11.60
CA SER B 28 32.56 -10.46 10.30
C SER B 28 33.86 -9.68 10.43
N VAL B 29 34.89 -10.07 9.70
CA VAL B 29 36.10 -9.23 9.58
C VAL B 29 35.72 -7.93 8.88
N GLY B 30 36.11 -6.79 9.44
CA GLY B 30 35.79 -5.51 8.78
C GLY B 30 36.22 -4.35 9.63
N ALA B 31 35.71 -3.18 9.33
CA ALA B 31 36.06 -1.91 10.02
C ALA B 31 35.84 -2.09 11.53
N ASP B 32 34.68 -2.65 11.88
CA ASP B 32 34.24 -2.79 13.28
C ASP B 32 35.02 -3.94 13.95
N HIS B 33 35.56 -4.91 13.20
CA HIS B 33 36.25 -6.07 13.79
C HIS B 33 37.48 -6.41 12.95
N PRO B 34 38.56 -5.66 13.15
CA PRO B 34 39.79 -5.91 12.42
C PRO B 34 40.29 -7.34 12.66
N LYS B 35 40.86 -7.90 11.61
CA LYS B 35 41.15 -9.34 11.56
C LYS B 35 41.98 -9.78 12.77
N GLU B 36 43.07 -9.09 13.09
CA GLU B 36 43.98 -9.61 14.15
C GLU B 36 43.31 -9.56 15.52
N ALA B 37 42.56 -8.51 15.80
CA ALA B 37 41.79 -8.37 17.06
C ALA B 37 40.74 -9.49 17.12
N LEU B 38 40.10 -9.79 15.99
CA LEU B 38 39.07 -10.85 15.94
CA LEU B 38 39.07 -10.85 15.94
C LEU B 38 39.74 -12.20 16.24
N MET B 39 40.91 -12.44 15.65
CA MET B 39 41.60 -13.73 15.88
C MET B 39 41.91 -13.87 17.38
N ALA B 40 42.30 -12.80 18.04
CA ALA B 40 42.61 -12.85 19.49
C ALA B 40 41.32 -13.14 20.26
N ASP B 41 40.20 -12.55 19.84
CA ASP B 41 38.92 -12.84 20.52
C ASP B 41 38.50 -14.29 20.30
N ILE B 42 38.71 -14.87 19.12
CA ILE B 42 38.39 -16.29 18.91
C ILE B 42 39.23 -17.15 19.85
N ARG B 43 40.50 -16.83 19.98
CA ARG B 43 41.40 -17.59 20.89
C ARG B 43 40.89 -17.52 22.32
N ALA B 44 40.23 -16.43 22.72
CA ALA B 44 39.77 -16.24 24.11
C ALA B 44 38.37 -16.84 24.32
N GLY B 45 37.77 -17.51 23.32
CA GLY B 45 36.41 -18.06 23.46
C GLY B 45 35.32 -17.01 23.41
N LYS B 46 35.61 -15.83 22.85
CA LYS B 46 34.64 -14.70 22.82
C LYS B 46 33.83 -14.65 21.53
N VAL B 47 33.95 -15.63 20.66
CA VAL B 47 33.27 -15.61 19.33
C VAL B 47 32.57 -16.94 19.14
N GLY B 48 31.33 -16.88 18.68
CA GLY B 48 30.53 -18.11 18.42
C GLY B 48 30.54 -18.47 16.95
N ALA B 49 30.55 -17.49 16.06
CA ALA B 49 30.44 -17.75 14.63
C ALA B 49 30.90 -16.54 13.84
N ILE B 50 31.19 -16.83 12.58
CA ILE B 50 31.73 -15.84 11.61
C ILE B 50 30.79 -15.81 10.41
N PHE B 51 30.59 -14.64 9.83
CA PHE B 51 30.01 -14.51 8.48
C PHE B 51 30.94 -13.70 7.58
N ASN B 52 30.79 -13.93 6.26
CA ASN B 52 31.51 -13.20 5.19
C ASN B 52 33.01 -13.56 5.11
N THR B 53 33.46 -14.65 5.71
CA THR B 53 34.81 -15.25 5.42
C THR B 53 34.56 -16.51 4.61
N VAL B 54 35.07 -16.56 3.37
CA VAL B 54 34.46 -17.50 2.39
C VAL B 54 35.49 -18.33 1.63
N THR B 55 36.75 -18.36 2.03
CA THR B 55 37.70 -19.28 1.37
C THR B 55 38.27 -20.27 2.39
N ARG B 56 38.70 -21.42 1.91
CA ARG B 56 39.14 -22.50 2.81
C ARG B 56 40.32 -22.03 3.68
N PRO B 57 41.38 -21.42 3.13
CA PRO B 57 42.52 -21.03 3.96
C PRO B 57 42.15 -20.02 5.05
N ASP B 58 41.24 -19.09 4.74
CA ASP B 58 40.79 -18.04 5.70
C ASP B 58 39.90 -18.69 6.77
N ILE B 59 39.00 -19.57 6.37
CA ILE B 59 38.14 -20.27 7.36
C ILE B 59 38.98 -21.20 8.24
N ARG B 60 39.89 -21.96 7.62
CA ARG B 60 40.74 -22.89 8.41
C ARG B 60 41.55 -22.08 9.44
N ALA B 61 42.06 -20.91 9.06
CA ALA B 61 42.87 -20.04 9.96
C ALA B 61 42.02 -19.67 11.17
N MET B 62 40.74 -19.39 10.96
CA MET B 62 39.86 -19.02 12.09
CA MET B 62 39.78 -19.02 12.04
C MET B 62 39.59 -20.23 12.97
N GLN B 63 39.31 -21.37 12.37
CA GLN B 63 39.00 -22.58 13.13
C GLN B 63 40.25 -23.00 13.93
N ASP B 64 41.44 -22.77 13.38
CA ASP B 64 42.71 -23.06 14.09
C ASP B 64 42.81 -22.24 15.40
N GLN B 65 42.22 -21.04 15.43
CA GLN B 65 42.32 -20.16 16.62
C GLN B 65 41.52 -20.79 17.78
N VAL B 66 40.46 -21.57 17.51
CA VAL B 66 39.63 -22.12 18.62
C VAL B 66 40.42 -23.12 19.48
N ARG B 67 41.43 -23.77 18.98
CA ARG B 67 42.22 -24.71 19.79
C ARG B 67 42.85 -23.96 20.97
N HIS B 68 42.92 -22.63 20.95
CA HIS B 68 43.50 -21.84 22.06
C HIS B 68 42.48 -21.58 23.17
N SER B 69 41.18 -21.74 22.91
CA SER B 69 40.15 -21.41 23.93
C SER B 69 40.07 -22.60 24.90
N ARG B 70 39.51 -22.38 26.06
CA ARG B 70 39.52 -23.42 27.13
C ARG B 70 38.79 -24.69 26.65
N LEU B 71 37.59 -24.53 26.06
CA LEU B 71 36.77 -25.69 25.71
C LEU B 71 36.87 -26.04 24.22
N LYS B 72 37.56 -25.24 23.42
CA LYS B 72 37.82 -25.48 21.99
C LYS B 72 36.50 -25.67 21.24
N ILE B 73 35.47 -24.91 21.62
CA ILE B 73 34.17 -25.00 20.89
C ILE B 73 34.40 -24.42 19.50
N PRO B 74 34.12 -25.19 18.43
CA PRO B 74 34.38 -24.75 17.08
C PRO B 74 33.43 -23.62 16.64
N LEU B 75 33.94 -22.83 15.73
CA LEU B 75 33.06 -21.82 15.08
C LEU B 75 32.18 -22.53 14.05
N PHE B 76 31.09 -21.89 13.65
CA PHE B 76 30.56 -22.14 12.31
C PHE B 76 30.75 -20.86 11.49
N HIS B 77 30.74 -21.03 10.18
CA HIS B 77 31.01 -19.97 9.18
C HIS B 77 29.82 -19.89 8.24
N ALA B 78 29.28 -18.69 8.11
CA ALA B 78 28.07 -18.45 7.29
C ALA B 78 28.36 -17.45 6.18
N TYR B 79 27.46 -17.45 5.19
CA TYR B 79 27.50 -16.53 4.06
C TYR B 79 26.11 -16.39 3.44
N ASP B 80 25.99 -15.37 2.60
CA ASP B 80 24.74 -15.07 1.85
C ASP B 80 24.80 -15.80 0.51
N VAL B 81 24.62 -17.10 0.56
CA VAL B 81 24.58 -17.95 -0.66
C VAL B 81 23.12 -18.03 -1.04
N ALA B 82 22.67 -17.02 -1.74
CA ALA B 82 21.23 -16.81 -2.00
C ALA B 82 20.76 -17.55 -3.25
N HIS B 83 21.50 -17.42 -4.35
CA HIS B 83 21.19 -18.10 -5.64
C HIS B 83 22.50 -18.55 -6.29
N GLY B 84 23.40 -19.11 -5.48
CA GLY B 84 24.73 -19.53 -5.97
C GLY B 84 25.82 -19.01 -5.10
N HIS B 85 26.94 -19.72 -5.08
CA HIS B 85 28.13 -19.31 -4.31
C HIS B 85 29.19 -18.74 -5.25
N ARG B 86 29.79 -19.59 -6.12
CA ARG B 86 30.73 -19.09 -7.15
C ARG B 86 30.11 -19.19 -8.54
N THR B 87 29.42 -20.30 -8.81
CA THR B 87 28.56 -20.42 -9.99
C THR B 87 27.21 -19.82 -9.66
N ILE B 88 26.89 -18.72 -10.30
CA ILE B 88 25.65 -17.99 -9.93
C ILE B 88 24.52 -18.48 -10.82
N PHE B 89 23.45 -18.90 -10.18
CA PHE B 89 22.19 -19.29 -10.83
C PHE B 89 21.32 -18.05 -11.02
N PRO B 90 20.22 -18.14 -11.74
CA PRO B 90 19.29 -17.02 -11.79
C PRO B 90 18.89 -16.57 -10.39
N ILE B 91 18.58 -15.27 -10.28
CA ILE B 91 17.92 -14.78 -9.04
C ILE B 91 16.71 -15.65 -8.72
N SER B 92 16.35 -15.70 -7.43
CA SER B 92 15.23 -16.55 -6.97
C SER B 92 13.95 -16.27 -7.76
N LEU B 93 13.65 -15.03 -8.08
CA LEU B 93 12.37 -14.74 -8.74
C LEU B 93 12.38 -15.42 -10.11
N GLY B 94 13.54 -15.58 -10.75
CA GLY B 94 13.64 -16.29 -12.01
C GLY B 94 13.70 -17.80 -11.82
N LEU B 95 14.33 -18.30 -10.76
CA LEU B 95 14.24 -19.73 -10.42
C LEU B 95 12.77 -20.13 -10.23
N ALA B 96 11.97 -19.34 -9.53
CA ALA B 96 10.56 -19.64 -9.26
C ALA B 96 9.83 -19.84 -10.58
N ALA B 97 10.21 -19.06 -11.60
CA ALA B 97 9.51 -19.08 -12.89
C ALA B 97 9.74 -20.40 -13.63
N SER B 98 10.67 -21.23 -13.18
CA SER B 98 10.80 -22.62 -13.68
C SER B 98 9.58 -23.47 -13.35
N TRP B 99 8.87 -23.18 -12.27
CA TRP B 99 7.77 -24.01 -11.73
C TRP B 99 8.24 -25.45 -11.58
N ASP B 100 9.48 -25.66 -11.17
CA ASP B 100 10.06 -27.03 -11.19
C ASP B 100 10.90 -27.22 -9.94
N PRO B 101 10.32 -27.86 -8.91
CA PRO B 101 11.04 -28.15 -7.68
C PRO B 101 12.39 -28.80 -7.92
N GLU B 102 12.53 -29.62 -8.96
CA GLU B 102 13.83 -30.33 -9.14
C GLU B 102 14.90 -29.35 -9.64
N VAL B 103 14.50 -28.37 -10.46
CA VAL B 103 15.44 -27.35 -10.96
C VAL B 103 15.87 -26.47 -9.77
N VAL B 104 14.90 -26.00 -8.99
CA VAL B 104 15.22 -25.17 -7.82
C VAL B 104 16.12 -25.97 -6.86
N ALA B 105 15.79 -27.23 -6.62
CA ALA B 105 16.63 -28.06 -5.73
C ALA B 105 18.04 -28.17 -6.30
N ARG B 106 18.22 -28.30 -7.60
CA ARG B 106 19.58 -28.47 -8.16
C ARG B 106 20.40 -27.19 -7.91
N SER B 107 19.79 -26.02 -8.06
CA SER B 107 20.51 -24.75 -7.82
C SER B 107 20.98 -24.72 -6.36
N ALA B 108 20.12 -25.12 -5.41
CA ALA B 108 20.48 -25.07 -3.98
C ALA B 108 21.57 -26.10 -3.70
N ARG B 109 21.41 -27.30 -4.25
CA ARG B 109 22.39 -28.39 -3.94
C ARG B 109 23.78 -27.98 -4.43
N ILE B 110 23.88 -27.50 -5.65
CA ILE B 110 25.17 -27.03 -6.20
C ILE B 110 25.72 -25.85 -5.38
N SER B 111 24.84 -24.94 -4.99
CA SER B 111 25.28 -23.83 -4.12
C SER B 111 25.90 -24.36 -2.81
N ALA B 112 25.29 -25.37 -2.23
CA ALA B 112 25.77 -25.99 -0.96
C ALA B 112 27.09 -26.72 -1.23
N LEU B 113 27.16 -27.44 -2.36
CA LEU B 113 28.41 -28.16 -2.75
C LEU B 113 29.57 -27.16 -2.82
N GLU B 114 29.36 -26.04 -3.50
CA GLU B 114 30.42 -25.04 -3.75
C GLU B 114 30.74 -24.34 -2.41
N ALA B 115 29.74 -23.95 -1.64
CA ALA B 115 29.98 -23.17 -0.39
C ALA B 115 30.73 -24.06 0.62
N SER B 116 30.27 -25.29 0.80
CA SER B 116 30.90 -26.26 1.73
C SER B 116 32.30 -26.61 1.21
N ALA B 117 32.52 -26.62 -0.10
CA ALA B 117 33.86 -26.91 -0.67
C ALA B 117 34.85 -25.81 -0.26
N ASP B 118 34.34 -24.60 -0.03
CA ASP B 118 35.11 -23.43 0.45
C ASP B 118 35.13 -23.35 1.97
N GLY B 119 34.53 -24.30 2.70
CA GLY B 119 34.60 -24.36 4.16
C GLY B 119 33.41 -23.76 4.88
N LEU B 120 32.41 -23.26 4.15
CA LEU B 120 31.22 -22.69 4.79
C LEU B 120 30.28 -23.76 5.34
N ASP B 121 29.63 -23.47 6.46
CA ASP B 121 28.71 -24.39 7.15
C ASP B 121 27.24 -24.00 6.98
N MET B 122 26.97 -22.75 6.60
CA MET B 122 25.60 -22.19 6.72
C MET B 122 25.41 -21.12 5.66
N SER B 123 24.23 -21.10 5.10
CA SER B 123 23.81 -19.99 4.24
C SER B 123 22.62 -19.27 4.87
N PHE B 124 22.64 -17.95 4.80
CA PHE B 124 21.46 -17.15 5.15
C PHE B 124 20.53 -17.19 3.94
N SER B 125 19.82 -18.29 3.85
CA SER B 125 18.98 -18.64 2.66
CA SER B 125 18.94 -18.61 2.70
C SER B 125 18.18 -19.87 3.07
N PRO B 126 17.00 -20.16 2.49
CA PRO B 126 16.34 -19.36 1.47
C PRO B 126 15.63 -18.11 2.03
N MET B 127 15.54 -17.09 1.17
CA MET B 127 14.65 -15.93 1.39
C MET B 127 13.25 -16.33 0.91
N VAL B 128 12.25 -16.32 1.78
CA VAL B 128 10.93 -16.86 1.44
C VAL B 128 9.83 -15.84 1.75
N ASP B 129 10.17 -14.55 1.73
CA ASP B 129 9.18 -13.51 2.03
C ASP B 129 8.25 -13.39 0.82
N ILE B 130 6.96 -13.34 1.09
CA ILE B 130 5.93 -13.10 0.07
C ILE B 130 6.04 -11.63 -0.37
N THR B 131 5.95 -11.40 -1.67
CA THR B 131 6.09 -10.04 -2.24
C THR B 131 4.89 -9.72 -3.13
N ARG B 132 4.13 -8.70 -2.74
CA ARG B 132 3.02 -8.18 -3.61
C ARG B 132 3.31 -6.76 -4.06
N ASP B 133 4.47 -6.22 -3.75
CA ASP B 133 4.82 -4.80 -3.99
C ASP B 133 6.10 -4.75 -4.82
N ALA B 134 5.93 -4.54 -6.12
CA ALA B 134 7.03 -4.56 -7.09
C ALA B 134 8.09 -3.50 -6.84
N ARG B 135 7.79 -2.47 -6.05
CA ARG B 135 8.78 -1.38 -5.82
C ARG B 135 9.95 -1.83 -4.99
N TRP B 136 9.70 -2.82 -4.14
CA TRP B 136 10.74 -3.24 -3.17
C TRP B 136 11.95 -3.85 -3.89
N GLY B 137 13.17 -3.41 -3.54
CA GLY B 137 14.38 -3.86 -4.23
C GLY B 137 14.69 -5.33 -3.94
N ARG B 138 14.07 -5.91 -2.91
CA ARG B 138 14.39 -7.30 -2.52
C ARG B 138 13.42 -8.30 -3.13
N VAL B 139 12.51 -7.87 -4.01
CA VAL B 139 11.61 -8.84 -4.66
C VAL B 139 12.47 -9.86 -5.44
N SER B 140 13.65 -9.45 -5.90
CA SER B 140 14.51 -10.36 -6.70
C SER B 140 14.88 -11.60 -5.89
N GLU B 141 14.88 -11.50 -4.56
CA GLU B 141 15.42 -12.57 -3.69
C GLU B 141 14.36 -13.60 -3.32
N GLY B 142 13.09 -13.32 -3.56
CA GLY B 142 12.02 -14.27 -3.24
C GLY B 142 11.49 -15.04 -4.45
N PHE B 143 10.39 -15.71 -4.24
CA PHE B 143 9.81 -16.62 -5.25
C PHE B 143 8.49 -16.05 -5.80
N GLY B 144 8.19 -14.78 -5.56
CA GLY B 144 7.01 -14.11 -6.09
C GLY B 144 5.91 -13.98 -5.08
N GLU B 145 4.68 -13.90 -5.57
CA GLU B 145 3.52 -13.44 -4.76
C GLU B 145 2.69 -14.57 -4.16
N ASP B 146 2.95 -15.82 -4.55
CA ASP B 146 1.99 -16.89 -4.21
C ASP B 146 2.44 -17.68 -2.99
N THR B 147 1.51 -17.86 -2.07
CA THR B 147 1.83 -18.56 -0.80
C THR B 147 2.10 -20.06 -1.05
N TYR B 148 1.28 -20.74 -1.86
CA TYR B 148 1.50 -22.18 -2.14
C TYR B 148 2.87 -22.41 -2.77
N LEU B 149 3.18 -21.71 -3.86
CA LEU B 149 4.44 -21.94 -4.57
C LEU B 149 5.62 -21.55 -3.66
N THR B 150 5.58 -20.36 -3.05
CA THR B 150 6.71 -19.95 -2.20
C THR B 150 6.93 -20.97 -1.06
N SER B 151 5.87 -21.45 -0.45
CA SER B 151 5.97 -22.44 0.65
C SER B 151 6.58 -23.74 0.13
N LEU B 152 6.14 -24.22 -1.04
CA LEU B 152 6.70 -25.45 -1.65
CA LEU B 152 6.70 -25.45 -1.66
C LEU B 152 8.20 -25.25 -1.86
N LEU B 153 8.59 -24.13 -2.46
CA LEU B 153 10.00 -23.96 -2.81
CA LEU B 153 10.01 -23.94 -2.83
C LEU B 153 10.82 -23.67 -1.56
N SER B 154 10.24 -23.08 -0.52
CA SER B 154 10.93 -22.87 0.77
C SER B 154 11.41 -24.23 1.31
N GLY B 155 10.51 -25.22 1.37
CA GLY B 155 10.88 -26.55 1.87
C GLY B 155 11.87 -27.21 0.94
N VAL B 156 11.69 -27.09 -0.38
CA VAL B 156 12.66 -27.65 -1.38
C VAL B 156 14.06 -27.12 -1.15
N MET B 157 14.18 -25.80 -0.98
CA MET B 157 15.51 -25.19 -0.82
C MET B 157 16.14 -25.70 0.47
N VAL B 158 15.40 -25.73 1.55
CA VAL B 158 15.97 -26.20 2.84
C VAL B 158 16.48 -27.64 2.67
N ARG B 159 15.65 -28.53 2.15
CA ARG B 159 16.04 -29.95 2.01
C ARG B 159 17.25 -30.09 1.11
N ALA B 160 17.35 -29.32 0.04
CA ALA B 160 18.46 -29.39 -0.93
C ALA B 160 19.74 -28.89 -0.27
N TYR B 161 19.67 -27.81 0.52
CA TYR B 161 20.88 -27.35 1.22
C TYR B 161 21.34 -28.38 2.25
N GLN B 162 20.44 -28.87 3.08
CA GLN B 162 20.79 -29.63 4.32
C GLN B 162 21.03 -31.11 4.02
N GLY B 163 20.53 -31.62 2.88
CA GLY B 163 20.77 -33.03 2.49
C GLY B 163 20.15 -34.01 3.43
N SER B 164 20.63 -35.26 3.38
CA SER B 164 20.16 -36.35 4.27
C SER B 164 20.77 -36.20 5.66
N ASN B 165 21.85 -35.44 5.81
CA ASN B 165 22.54 -35.35 7.11
C ASN B 165 23.28 -34.01 7.17
N LEU B 166 22.96 -33.18 8.15
CA LEU B 166 23.62 -31.83 8.28
C LEU B 166 25.10 -31.98 8.59
N ALA B 167 25.59 -33.15 8.97
CA ALA B 167 27.03 -33.33 9.24
C ALA B 167 27.77 -33.75 7.97
N ALA B 168 27.06 -34.03 6.86
CA ALA B 168 27.74 -34.36 5.60
C ALA B 168 28.61 -33.19 5.21
N PRO B 169 29.82 -33.43 4.69
CA PRO B 169 30.73 -32.34 4.35
C PRO B 169 30.24 -31.46 3.18
N ASP B 170 29.21 -31.90 2.47
CA ASP B 170 28.69 -31.11 1.33
C ASP B 170 27.28 -30.61 1.68
N SER B 171 26.87 -30.71 2.95
CA SER B 171 25.62 -30.11 3.46
C SER B 171 25.97 -28.76 4.07
N ILE B 172 25.05 -27.80 3.97
CA ILE B 172 25.14 -26.57 4.77
C ILE B 172 23.81 -26.41 5.50
N MET B 173 23.82 -25.72 6.61
CA MET B 173 22.58 -25.40 7.34
C MET B 173 21.87 -24.25 6.63
N ALA B 174 20.55 -24.33 6.53
CA ALA B 174 19.72 -23.24 5.98
C ALA B 174 19.29 -22.38 7.15
N ALA B 175 19.54 -21.09 7.05
CA ALA B 175 18.97 -20.07 7.96
C ALA B 175 17.91 -19.35 7.12
N VAL B 176 16.68 -19.83 7.21
CA VAL B 176 15.52 -19.25 6.46
C VAL B 176 15.35 -17.81 6.90
N LYS B 177 15.03 -16.93 5.94
CA LYS B 177 14.88 -15.48 6.24
C LYS B 177 13.73 -14.94 5.40
N HIS B 178 13.20 -13.77 5.72
CA HIS B 178 13.50 -12.94 6.88
C HIS B 178 12.27 -13.04 7.78
N PHE B 179 12.42 -13.66 8.94
CA PHE B 179 11.24 -13.93 9.80
C PHE B 179 10.91 -12.64 10.57
N ALA B 180 9.83 -11.91 10.23
CA ALA B 180 8.82 -12.27 9.25
C ALA B 180 8.21 -11.02 8.60
N LEU B 181 7.60 -11.22 7.43
CA LEU B 181 6.69 -10.25 6.76
C LEU B 181 7.47 -9.11 6.08
N TYR B 182 8.75 -9.25 5.91
CA TYR B 182 9.67 -8.17 5.52
C TYR B 182 9.25 -7.59 4.16
N GLY B 183 8.73 -8.41 3.28
CA GLY B 183 8.36 -7.98 1.92
C GLY B 183 7.06 -7.21 1.89
N ALA B 184 6.35 -7.03 3.00
CA ALA B 184 5.12 -6.20 3.02
C ALA B 184 5.42 -4.77 3.45
N ALA B 185 6.70 -4.37 3.39
CA ALA B 185 7.10 -2.99 3.73
C ALA B 185 6.15 -1.97 3.10
N GLU B 186 5.65 -1.07 3.92
CA GLU B 186 4.78 0.01 3.42
C GLU B 186 5.52 0.86 2.39
N GLY B 187 4.84 1.19 1.29
CA GLY B 187 5.45 2.00 0.22
C GLY B 187 6.50 1.27 -0.57
N GLY B 188 6.71 -0.02 -0.32
CA GLY B 188 7.82 -0.74 -0.92
C GLY B 188 9.19 -0.24 -0.49
N ARG B 189 9.27 0.58 0.56
CA ARG B 189 10.53 1.15 1.05
C ARG B 189 11.19 0.12 1.92
N ASP B 190 12.46 -0.15 1.65
CA ASP B 190 13.11 -1.22 2.42
C ASP B 190 13.09 -0.85 3.90
N TYR B 191 12.96 -1.88 4.73
CA TYR B 191 13.01 -1.80 6.20
C TYR B 191 11.75 -1.15 6.78
N ASN B 192 10.79 -0.77 5.95
CA ASN B 192 9.66 0.03 6.46
C ASN B 192 8.63 -0.85 7.15
N THR B 193 7.84 -0.17 7.95
CA THR B 193 6.64 -0.65 8.70
C THR B 193 5.86 -1.69 7.93
N VAL B 194 5.52 -2.78 8.64
CA VAL B 194 4.58 -3.79 8.16
C VAL B 194 3.43 -3.86 9.14
N ASP B 195 2.25 -3.71 8.60
CA ASP B 195 1.03 -3.67 9.41
C ASP B 195 -0.02 -4.53 8.69
N MET B 196 -0.49 -5.59 9.33
CA MET B 196 -1.45 -6.46 8.64
C MET B 196 -2.25 -7.25 9.68
N SER B 197 -3.41 -7.67 9.25
CA SER B 197 -4.31 -8.48 10.10
C SER B 197 -3.70 -9.86 10.37
N LEU B 198 -4.13 -10.47 11.46
CA LEU B 198 -3.67 -11.83 11.78
C LEU B 198 -4.20 -12.82 10.76
N PRO B 199 -5.46 -12.76 10.27
CA PRO B 199 -5.86 -13.72 9.25
C PRO B 199 -4.97 -13.64 8.01
N ARG B 200 -4.62 -12.43 7.55
CA ARG B 200 -3.76 -12.28 6.36
C ARG B 200 -2.36 -12.85 6.66
N MET B 201 -1.84 -12.51 7.83
CA MET B 201 -0.51 -12.98 8.24
C MET B 201 -0.49 -14.52 8.16
N PHE B 202 -1.47 -15.18 8.80
CA PHE B 202 -1.46 -16.64 8.94
C PHE B 202 -1.76 -17.32 7.59
N GLN B 203 -2.72 -16.80 6.83
CA GLN B 203 -3.14 -17.43 5.54
C GLN B 203 -2.06 -17.24 4.49
N ASP B 204 -1.50 -16.04 4.37
CA ASP B 204 -0.75 -15.65 3.16
C ASP B 204 0.75 -15.47 3.43
N TYR B 205 1.14 -14.89 4.55
CA TYR B 205 2.56 -14.45 4.72
C TYR B 205 3.41 -15.42 5.54
N LEU B 206 2.84 -16.08 6.55
CA LEU B 206 3.67 -16.93 7.44
C LEU B 206 3.91 -18.33 6.89
N PRO B 207 3.06 -18.96 6.05
CA PRO B 207 3.31 -20.35 5.67
C PRO B 207 4.68 -20.69 5.12
N PRO B 208 5.35 -19.82 4.33
CA PRO B 208 6.68 -20.17 3.83
C PRO B 208 7.72 -20.38 4.93
N TYR B 209 7.60 -19.63 6.01
CA TYR B 209 8.56 -19.80 7.12
C TYR B 209 8.29 -21.11 7.85
N LYS B 210 7.02 -21.42 8.04
CA LYS B 210 6.61 -22.70 8.65
C LYS B 210 7.04 -23.86 7.76
N ALA B 211 6.96 -23.73 6.44
CA ALA B 211 7.40 -24.82 5.54
C ALA B 211 8.88 -25.09 5.73
N ALA B 212 9.67 -24.04 5.92
CA ALA B 212 11.12 -24.19 6.12
C ALA B 212 11.35 -24.91 7.46
N VAL B 213 10.66 -24.48 8.51
CA VAL B 213 10.79 -25.12 9.85
C VAL B 213 10.40 -26.59 9.68
N ASP B 214 9.29 -26.89 9.01
CA ASP B 214 8.82 -28.29 8.90
C ASP B 214 9.76 -29.14 8.03
N ALA B 215 10.51 -28.53 7.11
CA ALA B 215 11.52 -29.21 6.30
C ALA B 215 12.82 -29.42 7.11
N GLY B 216 12.88 -28.93 8.35
CA GLY B 216 14.01 -29.16 9.26
C GLY B 216 15.06 -28.05 9.23
N ALA B 217 14.72 -26.84 8.79
CA ALA B 217 15.74 -25.76 8.76
C ALA B 217 16.39 -25.63 10.12
N GLY B 218 17.71 -25.51 10.14
CA GLY B 218 18.44 -25.43 11.41
C GLY B 218 18.42 -24.06 12.02
N ALA B 219 18.14 -23.03 11.25
CA ALA B 219 18.24 -21.65 11.73
C ALA B 219 17.16 -20.79 11.08
N VAL B 220 16.87 -19.73 11.77
CA VAL B 220 15.93 -18.68 11.31
C VAL B 220 16.64 -17.35 11.49
N MET B 221 16.73 -16.56 10.42
CA MET B 221 17.21 -15.16 10.51
C MET B 221 16.03 -14.21 10.68
N VAL B 222 16.06 -13.46 11.76
CA VAL B 222 14.97 -12.53 12.14
C VAL B 222 15.05 -11.28 11.28
N SER B 223 13.88 -10.73 10.93
CA SER B 223 13.80 -9.56 10.03
CA SER B 223 13.78 -9.56 10.04
C SER B 223 14.08 -8.24 10.73
N LEU B 224 14.24 -7.19 9.92
CA LEU B 224 14.54 -5.81 10.38
C LEU B 224 13.29 -4.97 10.59
N ASN B 225 12.12 -5.40 10.14
CA ASN B 225 10.93 -4.55 10.20
C ASN B 225 10.12 -4.74 11.51
N THR B 226 9.26 -3.75 11.77
CA THR B 226 8.15 -3.89 12.73
C THR B 226 7.13 -4.83 12.14
N ILE B 227 6.44 -5.51 13.05
CA ILE B 227 5.21 -6.26 12.75
C ILE B 227 4.17 -5.69 13.66
N ASN B 228 3.20 -4.99 13.09
CA ASN B 228 2.11 -4.39 13.91
C ASN B 228 2.68 -3.62 15.10
N GLY B 229 3.73 -2.85 14.85
CA GLY B 229 4.34 -1.94 15.84
C GLY B 229 5.49 -2.52 16.60
N VAL B 230 5.72 -3.84 16.52
CA VAL B 230 6.81 -4.46 17.31
C VAL B 230 7.88 -4.97 16.39
N PRO B 231 9.09 -4.40 16.44
CA PRO B 231 10.23 -4.95 15.71
C PRO B 231 10.34 -6.46 15.92
N ALA B 232 10.57 -7.16 14.82
CA ALA B 232 10.69 -8.64 14.90
C ALA B 232 11.76 -9.02 15.93
N THR B 233 12.83 -8.23 16.01
CA THR B 233 13.97 -8.52 16.91
C THR B 233 13.54 -8.49 18.38
N ALA B 234 12.45 -7.79 18.70
CA ALA B 234 11.96 -7.66 20.11
C ALA B 234 10.59 -8.31 20.25
N ASN B 235 10.22 -9.15 19.31
CA ASN B 235 8.82 -9.64 19.22
C ASN B 235 8.72 -11.04 19.84
N ARG B 236 8.39 -11.11 21.14
CA ARG B 236 8.30 -12.39 21.86
C ARG B 236 7.15 -13.25 21.32
N TRP B 237 6.07 -12.62 20.90
CA TRP B 237 4.96 -13.37 20.28
C TRP B 237 5.50 -14.11 19.05
N LEU B 238 6.22 -13.42 18.17
CA LEU B 238 6.69 -14.03 16.93
C LEU B 238 7.75 -15.09 17.21
N LEU B 239 8.75 -14.77 18.03
CA LEU B 239 9.95 -15.61 18.11
C LEU B 239 9.77 -16.73 19.11
N THR B 240 8.92 -16.56 20.10
CA THR B 240 8.75 -17.55 21.19
C THR B 240 7.38 -18.20 21.07
N ASP B 241 6.30 -17.45 21.23
CA ASP B 241 4.95 -18.04 21.20
C ASP B 241 4.71 -18.77 19.88
N LEU B 242 4.93 -18.09 18.76
CA LEU B 242 4.66 -18.69 17.45
C LEU B 242 5.77 -19.65 17.06
N LEU B 243 6.98 -19.15 16.86
CA LEU B 243 8.03 -19.99 16.26
C LEU B 243 8.35 -21.23 17.13
N ARG B 244 8.47 -21.06 18.43
CA ARG B 244 8.89 -22.19 19.31
C ARG B 244 7.63 -22.93 19.80
N GLN B 245 6.70 -22.24 20.40
CA GLN B 245 5.63 -22.98 21.18
C GLN B 245 4.60 -23.52 20.21
N GLN B 246 4.19 -22.76 19.20
CA GLN B 246 3.15 -23.25 18.24
C GLN B 246 3.76 -24.14 17.17
N TRP B 247 4.86 -23.70 16.53
CA TRP B 247 5.42 -24.40 15.37
C TRP B 247 6.43 -25.47 15.79
N GLY B 248 6.93 -25.39 17.02
CA GLY B 248 7.89 -26.40 17.49
C GLY B 248 9.28 -26.28 16.94
N PHE B 249 9.71 -25.08 16.53
CA PHE B 249 11.10 -24.93 16.04
C PHE B 249 12.10 -25.18 17.17
N LYS B 250 13.11 -26.00 16.90
CA LYS B 250 14.11 -26.42 17.91
C LYS B 250 15.48 -25.88 17.59
N GLY B 251 15.61 -25.00 16.58
CA GLY B 251 16.90 -24.60 16.07
C GLY B 251 17.29 -23.23 16.62
N LEU B 252 18.12 -22.56 15.83
CA LEU B 252 18.83 -21.34 16.21
C LEU B 252 18.17 -20.11 15.61
N THR B 253 17.91 -19.08 16.43
CA THR B 253 17.48 -17.79 15.86
C THR B 253 18.68 -16.84 15.78
N ILE B 254 18.80 -16.14 14.68
CA ILE B 254 19.93 -15.24 14.41
C ILE B 254 19.39 -13.85 14.14
N SER B 255 19.88 -12.88 14.86
CA SER B 255 19.48 -11.48 14.60
C SER B 255 19.98 -11.07 13.21
N ASN B 256 19.36 -10.07 12.66
CA ASN B 256 19.88 -9.46 11.44
C ASN B 256 21.02 -8.50 11.83
N HIS B 257 21.55 -7.84 10.85
CA HIS B 257 22.83 -7.14 10.96
C HIS B 257 22.69 -5.83 11.72
N GLY B 258 23.16 -5.75 12.98
CA GLY B 258 22.95 -4.55 13.79
C GLY B 258 21.52 -4.46 14.31
N ALA B 259 20.71 -5.50 14.19
CA ALA B 259 19.25 -5.42 14.49
C ALA B 259 19.01 -5.14 15.98
N VAL B 260 19.85 -5.69 16.87
CA VAL B 260 19.60 -5.48 18.31
C VAL B 260 19.78 -3.99 18.60
N LYS B 261 20.87 -3.41 18.13
CA LYS B 261 21.12 -1.96 18.34
C LYS B 261 20.04 -1.09 17.68
N GLU B 262 19.47 -1.56 16.55
CA GLU B 262 18.43 -0.80 15.82
C GLU B 262 17.14 -0.72 16.64
N LEU B 263 16.96 -1.51 17.71
CA LEU B 263 15.78 -1.31 18.58
C LEU B 263 15.72 0.10 19.17
N ILE B 264 16.86 0.80 19.27
CA ILE B 264 16.90 2.20 19.77
C ILE B 264 16.27 3.10 18.70
N LYS B 265 16.64 2.94 17.45
CA LYS B 265 16.05 3.76 16.37
C LYS B 265 14.56 3.45 16.23
N HIS B 266 14.16 2.19 16.38
CA HIS B 266 12.74 1.85 16.32
C HIS B 266 11.96 2.45 17.49
N GLY B 267 12.64 2.97 18.52
CA GLY B 267 11.89 3.53 19.65
C GLY B 267 11.36 2.52 20.62
N LEU B 268 11.96 1.32 20.69
CA LEU B 268 11.59 0.32 21.71
C LEU B 268 12.54 0.41 22.92
N ALA B 269 13.70 1.02 22.73
CA ALA B 269 14.73 1.08 23.78
C ALA B 269 15.40 2.45 23.73
N GLY B 270 15.83 2.93 24.88
CA GLY B 270 16.51 4.23 24.94
C GLY B 270 18.01 4.05 25.07
N ASN B 271 18.46 2.81 25.24
CA ASN B 271 19.91 2.55 25.33
C ASN B 271 20.20 1.11 24.92
N GLU B 272 21.48 0.81 24.81
CA GLU B 272 21.89 -0.53 24.32
C GLU B 272 21.59 -1.63 25.35
N ARG B 273 21.66 -1.34 26.66
CA ARG B 273 21.36 -2.33 27.71
C ARG B 273 19.93 -2.83 27.58
N ASP B 274 19.00 -1.88 27.39
CA ASP B 274 17.57 -2.24 27.29
C ASP B 274 17.33 -2.93 25.93
N ALA B 275 17.99 -2.52 24.87
CA ALA B 275 17.84 -3.22 23.56
C ALA B 275 18.26 -4.69 23.72
N THR B 276 19.39 -4.91 24.39
CA THR B 276 19.92 -6.28 24.58
C THR B 276 18.88 -7.10 25.34
N ARG B 277 18.32 -6.56 26.43
CA ARG B 277 17.33 -7.31 27.24
C ARG B 277 16.14 -7.68 26.36
N LEU B 278 15.64 -6.73 25.58
CA LEU B 278 14.43 -7.00 24.79
C LEU B 278 14.70 -8.11 23.78
N ALA B 279 15.86 -8.10 23.13
CA ALA B 279 16.16 -9.10 22.08
C ALA B 279 16.31 -10.50 22.69
N ILE B 280 17.09 -10.64 23.74
CA ILE B 280 17.36 -12.01 24.25
C ILE B 280 16.05 -12.55 24.87
N GLN B 281 15.25 -11.74 25.55
CA GLN B 281 14.00 -12.24 26.17
C GLN B 281 12.93 -12.48 25.10
N ALA B 282 12.99 -11.82 23.94
CA ALA B 282 12.03 -12.12 22.84
C ALA B 282 12.28 -13.51 22.25
N GLY B 283 13.54 -13.95 22.28
CA GLY B 283 13.94 -15.20 21.65
C GLY B 283 15.01 -15.09 20.58
N VAL B 284 15.78 -14.00 20.52
CA VAL B 284 16.91 -13.91 19.59
C VAL B 284 18.15 -14.54 20.27
N ASP B 285 18.69 -15.59 19.68
CA ASP B 285 19.79 -16.37 20.28
C ASP B 285 21.12 -15.72 19.94
N MET B 286 21.34 -15.41 18.67
CA MET B 286 22.68 -14.99 18.22
C MET B 286 22.62 -13.54 17.72
N ASN B 287 23.59 -12.78 18.16
CA ASN B 287 23.67 -11.30 17.94
C ASN B 287 24.66 -11.01 16.81
N MET B 288 24.16 -10.54 15.69
CA MET B 288 24.98 -10.24 14.50
C MET B 288 25.57 -8.83 14.56
N ASN B 289 26.89 -8.85 14.65
CA ASN B 289 27.86 -7.74 14.41
CA ASN B 289 27.98 -7.84 14.55
C ASN B 289 27.90 -6.63 15.48
N ASP B 290 26.80 -6.26 16.14
CA ASP B 290 26.86 -5.01 16.97
C ASP B 290 27.43 -5.27 18.36
N ASP B 291 27.67 -6.53 18.73
CA ASP B 291 28.33 -6.92 20.00
C ASP B 291 27.60 -6.43 21.25
N LEU B 292 26.31 -6.07 21.16
CA LEU B 292 25.57 -5.69 22.37
C LEU B 292 25.47 -6.85 23.33
N TYR B 293 25.31 -8.09 22.87
CA TYR B 293 25.12 -9.21 23.82
C TYR B 293 26.37 -9.36 24.70
N SER B 294 27.52 -9.35 24.08
CA SER B 294 28.78 -9.53 24.85
C SER B 294 28.98 -8.33 25.79
N THR B 295 28.56 -7.13 25.38
CA THR B 295 28.76 -5.88 26.17
C THR B 295 27.83 -5.90 27.39
N TRP B 296 26.56 -6.33 27.25
CA TRP B 296 25.51 -6.05 28.23
C TRP B 296 24.94 -7.26 28.95
N LEU B 297 25.05 -8.49 28.43
CA LEU B 297 24.37 -9.61 29.11
C LEU B 297 24.86 -9.81 30.55
N PRO B 298 26.16 -9.69 30.84
CA PRO B 298 26.61 -9.91 32.23
C PRO B 298 25.97 -8.93 33.23
N LYS B 299 25.89 -7.66 32.85
CA LYS B 299 25.30 -6.61 33.71
C LYS B 299 23.82 -6.86 33.84
N LEU B 300 23.13 -7.21 32.72
CA LEU B 300 21.71 -7.52 32.83
C LEU B 300 21.46 -8.65 33.82
N LEU B 301 22.24 -9.70 33.74
CA LEU B 301 21.99 -10.89 34.59
C LEU B 301 22.23 -10.50 36.07
N ALA B 302 23.30 -9.76 36.34
CA ALA B 302 23.65 -9.34 37.75
C ALA B 302 22.57 -8.42 38.33
N ALA B 303 21.90 -7.62 37.51
CA ALA B 303 20.82 -6.71 37.94
C ALA B 303 19.48 -7.45 38.03
N GLY B 304 19.43 -8.74 37.67
CA GLY B 304 18.20 -9.54 37.65
C GLY B 304 17.25 -9.05 36.58
N GLU B 305 17.78 -8.40 35.54
CA GLU B 305 16.91 -7.86 34.46
C GLU B 305 16.66 -8.97 33.43
N ILE B 306 17.52 -10.00 33.41
CA ILE B 306 17.30 -11.22 32.61
C ILE B 306 17.54 -12.41 33.53
N ASP B 307 17.11 -13.56 33.07
CA ASP B 307 17.23 -14.85 33.79
C ASP B 307 18.41 -15.62 33.24
N GLN B 308 19.07 -16.40 34.08
CA GLN B 308 20.05 -17.36 33.55
C GLN B 308 19.46 -18.20 32.41
N ALA B 309 18.19 -18.60 32.50
CA ALA B 309 17.54 -19.45 31.49
C ALA B 309 17.52 -18.75 30.11
N ASP B 310 17.55 -17.41 30.06
CA ASP B 310 17.62 -16.66 28.77
C ASP B 310 18.97 -16.95 28.09
N ILE B 311 20.06 -16.83 28.85
CA ILE B 311 21.42 -17.17 28.33
CA ILE B 311 21.42 -17.16 28.31
C ILE B 311 21.50 -18.65 27.97
N ASP B 312 21.02 -19.51 28.86
CA ASP B 312 21.12 -20.96 28.62
C ASP B 312 20.36 -21.38 27.34
N ARG B 313 19.18 -20.83 27.10
CA ARG B 313 18.37 -21.15 25.90
C ARG B 313 19.21 -20.82 24.66
N ALA B 314 19.73 -19.59 24.64
CA ALA B 314 20.42 -19.04 23.47
C ALA B 314 21.69 -19.85 23.18
N CYS B 315 22.48 -20.13 24.23
CA CYS B 315 23.71 -20.93 24.10
C CYS B 315 23.41 -22.37 23.66
N ARG B 316 22.39 -23.00 24.24
CA ARG B 316 22.02 -24.37 23.86
C ARG B 316 21.74 -24.38 22.37
N ASP B 317 21.02 -23.37 21.88
CA ASP B 317 20.67 -23.40 20.46
C ASP B 317 21.90 -23.26 19.55
N VAL B 318 22.88 -22.45 19.94
CA VAL B 318 24.13 -22.34 19.15
C VAL B 318 24.84 -23.69 19.14
N LEU B 319 24.98 -24.29 20.32
CA LEU B 319 25.74 -25.55 20.46
C LEU B 319 25.03 -26.66 19.68
N ALA B 320 23.72 -26.65 19.68
CA ALA B 320 22.92 -27.66 18.99
C ALA B 320 23.12 -27.54 17.49
N ALA B 321 23.22 -26.30 16.99
CA ALA B 321 23.50 -26.10 15.55
C ALA B 321 24.85 -26.68 15.19
N LYS B 322 25.86 -26.40 15.99
CA LYS B 322 27.21 -26.90 15.73
C LYS B 322 27.25 -28.43 15.81
N TYR B 323 26.49 -28.99 16.74
CA TYR B 323 26.39 -30.47 16.93
C TYR B 323 25.85 -31.08 15.64
N ASP B 324 24.73 -30.56 15.14
CA ASP B 324 24.08 -31.11 13.93
C ASP B 324 24.97 -30.91 12.71
N LEU B 325 25.79 -29.86 12.65
CA LEU B 325 26.72 -29.61 11.54
C LEU B 325 27.96 -30.53 11.60
N GLY B 326 28.06 -31.34 12.64
CA GLY B 326 29.16 -32.31 12.70
C GLY B 326 30.41 -31.72 13.32
N LEU B 327 30.38 -30.47 13.78
CA LEU B 327 31.62 -29.75 14.15
C LEU B 327 32.20 -30.22 15.47
N PHE B 328 31.42 -30.84 16.35
CA PHE B 328 31.99 -31.43 17.57
C PHE B 328 32.66 -32.76 17.25
N ALA B 329 32.24 -33.46 16.20
CA ALA B 329 32.93 -34.69 15.76
C ALA B 329 34.21 -34.34 15.04
N ASP B 330 34.21 -33.30 14.20
CA ASP B 330 35.39 -32.86 13.42
C ASP B 330 35.19 -31.42 12.98
N PRO B 331 35.88 -30.48 13.64
CA PRO B 331 35.74 -29.05 13.34
C PRO B 331 36.24 -28.73 11.93
N TYR B 332 37.03 -29.64 11.33
CA TYR B 332 37.62 -29.47 9.99
C TYR B 332 36.91 -30.32 8.93
N ARG B 333 35.71 -30.77 9.19
CA ARG B 333 35.06 -31.71 8.25
C ARG B 333 34.80 -31.06 6.88
N ARG B 334 34.64 -29.75 6.80
CA ARG B 334 34.44 -29.02 5.53
C ARG B 334 35.72 -28.33 5.09
N LEU B 335 36.86 -28.62 5.75
CA LEU B 335 38.11 -27.86 5.53
C LEU B 335 39.25 -28.79 5.12
N GLY B 336 38.92 -30.02 4.74
CA GLY B 336 39.93 -31.01 4.27
C GLY B 336 40.96 -31.32 5.34
N LYS B 337 42.18 -31.68 4.94
CA LYS B 337 43.26 -32.14 5.86
C LYS B 337 44.33 -31.06 5.97
N PRO B 338 45.12 -31.03 7.07
CA PRO B 338 46.15 -30.00 7.25
C PRO B 338 47.25 -30.09 6.18
N ASP B 339 47.33 -31.25 5.53
CA ASP B 339 48.36 -31.63 4.53
C ASP B 339 47.74 -31.62 3.12
N ASP B 340 46.69 -30.81 2.91
CA ASP B 340 46.11 -30.66 1.56
C ASP B 340 46.88 -29.59 0.82
N PRO B 341 47.10 -29.79 -0.49
CA PRO B 341 47.76 -28.77 -1.28
C PRO B 341 46.89 -27.52 -1.34
N PRO B 342 47.49 -26.33 -1.51
CA PRO B 342 46.71 -25.13 -1.79
C PRO B 342 46.09 -25.25 -3.19
N PHE B 343 45.06 -24.45 -3.46
CA PHE B 343 44.35 -24.44 -4.76
C PHE B 343 43.87 -23.02 -5.05
N ASP B 344 43.46 -22.75 -6.28
CA ASP B 344 42.90 -21.43 -6.69
C ASP B 344 41.40 -21.52 -6.41
N THR B 345 40.92 -20.79 -5.41
CA THR B 345 39.47 -20.84 -5.04
C THR B 345 38.63 -20.58 -6.31
N ASN B 346 39.09 -19.68 -7.16
CA ASN B 346 38.27 -19.20 -8.30
C ASN B 346 38.63 -19.93 -9.60
N ALA B 347 39.29 -21.06 -9.52
CA ALA B 347 39.58 -21.86 -10.72
C ALA B 347 38.29 -22.15 -11.48
N GLU B 348 38.37 -22.03 -12.81
CA GLU B 348 37.33 -22.44 -13.75
C GLU B 348 36.94 -23.89 -13.45
N SER B 349 37.88 -24.78 -13.06
CA SER B 349 37.57 -26.21 -12.83
C SER B 349 36.66 -26.43 -11.63
N ARG B 350 36.44 -25.43 -10.77
CA ARG B 350 35.60 -25.61 -9.56
C ARG B 350 34.19 -25.06 -9.85
N LEU B 351 33.95 -24.56 -11.05
CA LEU B 351 32.61 -24.02 -11.40
C LEU B 351 31.69 -25.14 -11.90
N HIS B 352 30.41 -24.85 -12.03
CA HIS B 352 29.36 -25.80 -12.43
C HIS B 352 28.55 -25.20 -13.58
N ARG B 353 29.22 -24.93 -14.69
CA ARG B 353 28.58 -24.18 -15.81
C ARG B 353 27.48 -24.99 -16.47
N GLN B 354 27.64 -26.32 -16.61
CA GLN B 354 26.55 -27.14 -17.22
C GLN B 354 25.27 -26.93 -16.41
N ALA B 355 25.37 -27.06 -15.09
CA ALA B 355 24.18 -26.98 -14.24
C ALA B 355 23.56 -25.56 -14.33
N ALA B 356 24.39 -24.54 -14.27
CA ALA B 356 23.89 -23.15 -14.31
C ALA B 356 23.17 -22.90 -15.63
N ARG B 357 23.73 -23.38 -16.74
CA ARG B 357 23.10 -23.19 -18.07
C ARG B 357 21.76 -23.91 -18.13
N GLU B 358 21.73 -25.16 -17.70
CA GLU B 358 20.49 -25.96 -17.72
C GLU B 358 19.43 -25.34 -16.80
N VAL B 359 19.80 -24.91 -15.63
CA VAL B 359 18.83 -24.27 -14.72
C VAL B 359 18.31 -22.97 -15.31
N ALA B 360 19.21 -22.15 -15.82
CA ALA B 360 18.85 -20.78 -16.28
C ALA B 360 17.88 -20.87 -17.47
N ARG B 361 17.96 -21.92 -18.29
CA ARG B 361 17.01 -22.09 -19.41
C ARG B 361 15.56 -22.13 -18.92
N GLU B 362 15.30 -22.71 -17.75
CA GLU B 362 13.94 -23.11 -17.32
C GLU B 362 13.18 -21.89 -16.81
N GLY B 363 13.87 -20.83 -16.41
CA GLY B 363 13.20 -19.66 -15.78
C GLY B 363 12.90 -18.57 -16.76
N LEU B 364 13.36 -18.67 -18.01
CA LEU B 364 13.14 -17.59 -18.97
C LEU B 364 11.69 -17.59 -19.42
N VAL B 365 11.07 -16.43 -19.49
CA VAL B 365 9.61 -16.35 -19.72
C VAL B 365 9.39 -15.60 -21.02
N LEU B 366 8.76 -16.26 -21.98
CA LEU B 366 8.37 -15.59 -23.23
C LEU B 366 7.08 -14.83 -22.99
N LEU B 367 7.15 -13.50 -23.12
CA LEU B 367 6.00 -12.62 -22.83
C LEU B 367 5.26 -12.23 -24.10
N LYS B 368 5.96 -12.19 -25.23
CA LYS B 368 5.33 -11.79 -26.51
C LYS B 368 6.11 -12.43 -27.65
N ASN B 369 5.41 -12.87 -28.67
CA ASN B 369 6.09 -13.43 -29.86
C ASN B 369 5.16 -13.33 -31.08
N ARG B 370 5.24 -12.20 -31.77
CA ARG B 370 4.31 -11.86 -32.88
C ARG B 370 4.72 -12.67 -34.10
N ASP B 371 3.77 -13.39 -34.68
CA ASP B 371 3.88 -14.06 -36.01
C ASP B 371 5.10 -14.98 -36.03
N GLY B 372 5.42 -15.63 -34.90
CA GLY B 372 6.54 -16.58 -34.85
C GLY B 372 7.89 -15.97 -35.20
N LEU B 373 8.17 -14.72 -34.82
CA LEU B 373 9.53 -14.16 -35.00
C LEU B 373 10.54 -15.02 -34.26
N LEU B 374 10.24 -15.42 -33.02
CA LEU B 374 11.11 -16.37 -32.30
C LEU B 374 10.55 -17.76 -32.54
N PRO B 375 11.40 -18.79 -32.62
CA PRO B 375 12.85 -18.70 -32.47
C PRO B 375 13.52 -18.20 -33.75
N LEU B 376 14.63 -17.50 -33.56
CA LEU B 376 15.48 -16.98 -34.64
C LEU B 376 16.19 -18.14 -35.33
N LYS B 377 16.37 -18.01 -36.65
CA LYS B 377 17.36 -18.86 -37.37
C LYS B 377 18.77 -18.33 -37.16
N LYS B 378 19.74 -19.22 -37.12
CA LYS B 378 21.16 -18.84 -37.13
C LYS B 378 21.51 -18.46 -38.55
N GLN B 379 21.23 -17.21 -38.91
CA GLN B 379 21.54 -16.66 -40.25
C GLN B 379 21.39 -15.14 -40.23
N GLY B 380 21.92 -14.49 -41.26
CA GLY B 380 21.65 -13.07 -41.48
C GLY B 380 22.47 -12.21 -40.55
N ARG B 381 22.03 -10.97 -40.38
CA ARG B 381 22.74 -9.91 -39.63
C ARG B 381 21.85 -9.49 -38.45
N ILE B 382 22.33 -9.66 -37.24
CA ILE B 382 21.54 -9.41 -36.00
C ILE B 382 22.23 -8.28 -35.24
N ALA B 383 21.54 -7.15 -35.04
CA ALA B 383 22.06 -6.03 -34.28
C ALA B 383 21.79 -6.35 -32.80
N VAL B 384 22.81 -6.26 -31.98
CA VAL B 384 22.68 -6.53 -30.51
C VAL B 384 22.98 -5.23 -29.83
N ILE B 385 21.93 -4.63 -29.26
CA ILE B 385 21.98 -3.21 -28.85
C ILE B 385 21.47 -3.07 -27.41
N GLY B 386 22.16 -2.31 -26.60
CA GLY B 386 21.67 -1.89 -25.28
C GLY B 386 22.71 -2.06 -24.21
N PRO B 387 22.53 -1.33 -23.09
CA PRO B 387 23.54 -1.26 -22.05
C PRO B 387 23.69 -2.57 -21.30
N LEU B 388 22.74 -3.49 -21.39
CA LEU B 388 22.87 -4.79 -20.68
CA LEU B 388 22.85 -4.80 -20.68
C LEU B 388 23.43 -5.89 -21.61
N ALA B 389 23.62 -5.62 -22.89
CA ALA B 389 24.06 -6.68 -23.82
C ALA B 389 25.44 -7.21 -23.44
N LYS B 390 26.37 -6.36 -23.02
CA LYS B 390 27.74 -6.79 -22.63
C LYS B 390 28.01 -6.64 -21.14
N SER B 391 26.98 -6.68 -20.32
CA SER B 391 27.13 -6.50 -18.86
C SER B 391 27.35 -7.85 -18.17
N GLN B 392 28.55 -8.06 -17.66
CA GLN B 392 28.85 -9.24 -16.83
C GLN B 392 28.34 -9.00 -15.42
N ARG B 393 28.47 -7.75 -14.91
CA ARG B 393 28.14 -7.50 -13.49
C ARG B 393 26.64 -7.67 -13.33
N ASP B 394 25.85 -7.24 -14.31
CA ASP B 394 24.38 -7.32 -14.09
C ASP B 394 23.81 -8.72 -14.27
N VAL B 395 24.38 -9.56 -15.14
CA VAL B 395 23.76 -10.88 -15.43
C VAL B 395 23.84 -11.74 -14.18
N ILE B 396 24.78 -11.51 -13.27
CA ILE B 396 24.82 -12.36 -12.04
C ILE B 396 23.87 -11.84 -10.95
N GLY B 397 23.24 -10.68 -11.11
CA GLY B 397 22.19 -10.27 -10.16
C GLY B 397 22.71 -9.63 -8.88
N SER B 398 21.78 -9.19 -8.03
CA SER B 398 22.08 -8.81 -6.62
C SER B 398 22.33 -10.07 -5.79
N TRP B 399 23.03 -9.92 -4.67
CA TRP B 399 23.34 -11.05 -3.76
C TRP B 399 24.02 -12.19 -4.52
N SER B 400 25.07 -11.81 -5.23
CA SER B 400 25.80 -12.73 -6.13
C SER B 400 26.90 -13.44 -5.36
N ALA B 401 26.99 -13.32 -4.03
CA ALA B 401 27.91 -14.09 -3.20
C ALA B 401 29.32 -13.94 -3.77
N ALA B 402 30.02 -15.05 -3.97
CA ALA B 402 31.43 -15.04 -4.40
C ALA B 402 31.49 -15.12 -5.95
N GLY B 403 30.38 -14.87 -6.67
CA GLY B 403 30.39 -14.84 -8.13
C GLY B 403 31.38 -13.82 -8.65
N VAL B 404 32.09 -14.20 -9.70
CA VAL B 404 33.11 -13.33 -10.32
C VAL B 404 32.53 -12.81 -11.62
N PRO B 405 32.24 -11.50 -11.76
CA PRO B 405 31.67 -11.01 -13.02
C PRO B 405 32.45 -11.44 -14.27
N ARG B 406 33.78 -11.40 -14.20
CA ARG B 406 34.59 -11.77 -15.40
C ARG B 406 34.35 -13.23 -15.83
N GLN B 407 33.79 -14.09 -14.99
CA GLN B 407 33.50 -15.48 -15.36
C GLN B 407 32.13 -15.60 -16.01
N ALA B 408 31.30 -14.54 -16.05
CA ALA B 408 29.91 -14.66 -16.51
C ALA B 408 29.82 -14.50 -18.04
N VAL B 409 28.84 -15.18 -18.61
CA VAL B 409 28.52 -15.09 -20.05
C VAL B 409 27.46 -14.02 -20.28
N THR B 410 27.85 -12.97 -20.99
CA THR B 410 26.91 -11.89 -21.34
C THR B 410 25.94 -12.37 -22.40
N VAL B 411 24.87 -11.62 -22.56
CA VAL B 411 23.92 -11.92 -23.63
C VAL B 411 24.64 -11.85 -24.98
N TYR B 412 25.46 -10.83 -25.19
CA TYR B 412 26.22 -10.70 -26.46
C TYR B 412 27.07 -11.96 -26.67
N GLN B 413 27.82 -12.36 -25.66
CA GLN B 413 28.75 -13.49 -25.78
C GLN B 413 27.93 -14.75 -26.03
N GLY B 414 26.78 -14.92 -25.37
CA GLY B 414 25.92 -16.09 -25.61
C GLY B 414 25.48 -16.17 -27.05
N LEU B 415 25.06 -15.05 -27.62
CA LEU B 415 24.62 -15.04 -29.03
C LEU B 415 25.83 -15.39 -29.91
N ALA B 416 26.99 -14.81 -29.63
CA ALA B 416 28.24 -15.07 -30.40
C ALA B 416 28.56 -16.57 -30.37
N ASN B 417 28.44 -17.18 -29.20
CA ASN B 417 28.73 -18.62 -29.01
C ASN B 417 27.75 -19.45 -29.83
N ALA B 418 26.48 -19.05 -29.87
CA ALA B 418 25.38 -19.80 -30.50
C ALA B 418 25.53 -19.75 -32.03
N VAL B 419 25.92 -18.61 -32.59
CA VAL B 419 25.82 -18.45 -34.07
C VAL B 419 27.14 -18.89 -34.70
N GLY B 420 28.24 -18.88 -33.93
CA GLY B 420 29.58 -19.08 -34.49
C GLY B 420 29.67 -18.21 -35.72
N GLU B 421 29.75 -18.77 -36.93
CA GLU B 421 29.86 -17.89 -38.13
C GLU B 421 28.60 -18.00 -38.99
N ARG B 422 27.55 -18.65 -38.54
CA ARG B 422 26.28 -18.82 -39.31
C ARG B 422 25.54 -17.48 -39.41
N ALA B 423 25.81 -16.54 -38.49
CA ALA B 423 25.18 -15.21 -38.53
C ALA B 423 26.21 -14.17 -38.11
N THR B 424 25.97 -12.93 -38.52
CA THR B 424 26.82 -11.79 -38.17
C THR B 424 26.14 -10.95 -37.07
N LEU B 425 26.83 -10.73 -35.95
CA LEU B 425 26.32 -9.85 -34.87
C LEU B 425 26.92 -8.46 -35.02
N LEU B 426 26.08 -7.44 -34.88
CA LEU B 426 26.55 -6.03 -34.88
C LEU B 426 26.22 -5.42 -33.52
N TYR B 427 27.20 -4.94 -32.81
CA TYR B 427 27.01 -4.39 -31.45
C TYR B 427 26.98 -2.85 -31.42
N ALA B 428 26.04 -2.29 -30.65
CA ALA B 428 26.11 -0.87 -30.22
C ALA B 428 25.55 -0.77 -28.80
N LYS B 429 26.21 -0.03 -27.95
CA LYS B 429 25.69 0.15 -26.57
C LYS B 429 24.31 0.82 -26.59
N GLY B 430 24.13 1.85 -27.42
CA GLY B 430 22.80 2.48 -27.62
C GLY B 430 22.48 3.52 -26.56
N ALA B 431 22.70 3.21 -25.27
CA ALA B 431 22.39 4.10 -24.15
C ALA B 431 23.12 3.62 -22.92
N ASN B 432 23.35 4.51 -21.98
CA ASN B 432 23.77 4.13 -20.63
C ASN B 432 22.54 3.52 -19.91
N VAL B 433 22.79 2.83 -18.83
CA VAL B 433 21.66 2.16 -18.10
C VAL B 433 20.70 3.22 -17.57
N SER B 434 21.22 4.39 -17.19
CA SER B 434 20.39 5.55 -16.81
C SER B 434 20.99 6.80 -17.43
N GLY B 435 20.11 7.74 -17.76
CA GLY B 435 20.50 9.10 -18.18
C GLY B 435 20.61 10.08 -17.02
N ASP B 436 20.25 9.66 -15.81
CA ASP B 436 20.20 10.53 -14.62
C ASP B 436 21.49 10.39 -13.85
N GLN B 437 22.35 11.44 -13.82
CA GLN B 437 23.71 11.29 -13.24
C GLN B 437 23.60 11.02 -11.74
N ALA B 438 22.54 11.46 -11.08
CA ALA B 438 22.36 11.21 -9.63
C ALA B 438 22.13 9.70 -9.42
N ILE B 439 21.39 9.07 -10.33
CA ILE B 439 21.16 7.59 -10.25
C ILE B 439 22.47 6.86 -10.56
N LEU B 440 23.21 7.29 -11.57
CA LEU B 440 24.49 6.62 -11.85
C LEU B 440 25.43 6.79 -10.66
N ASP B 441 25.47 7.97 -10.03
CA ASP B 441 26.36 8.21 -8.86
C ASP B 441 25.91 7.31 -7.71
N TYR B 442 24.61 7.14 -7.51
CA TYR B 442 24.09 6.17 -6.51
C TYR B 442 24.61 4.75 -6.80
N LEU B 443 24.47 4.29 -8.03
CA LEU B 443 24.79 2.87 -8.39
C LEU B 443 26.29 2.62 -8.27
N ASN B 444 27.09 3.67 -8.49
CA ASN B 444 28.56 3.58 -8.42
C ASN B 444 29.08 4.11 -7.08
N SER B 445 28.23 4.30 -6.07
CA SER B 445 28.63 5.06 -4.84
C SER B 445 29.60 4.27 -3.96
N TYR B 446 29.55 2.95 -3.89
CA TYR B 446 30.47 2.10 -3.09
C TYR B 446 31.53 1.47 -4.01
N ASN B 447 31.10 0.97 -5.16
CA ASN B 447 31.97 0.28 -6.14
C ASN B 447 31.61 0.66 -7.56
N PRO B 448 32.53 0.42 -8.51
CA PRO B 448 32.23 0.67 -9.92
C PRO B 448 31.31 -0.45 -10.44
N GLU B 449 30.01 -0.22 -10.51
CA GLU B 449 29.07 -1.32 -10.85
C GLU B 449 28.48 -1.13 -12.23
N VAL B 450 28.47 0.10 -12.73
CA VAL B 450 27.84 0.48 -14.00
C VAL B 450 28.87 1.25 -14.81
N GLU B 451 29.12 0.76 -16.02
CA GLU B 451 30.05 1.41 -16.95
C GLU B 451 29.32 2.61 -17.53
N VAL B 452 29.88 3.81 -17.34
CA VAL B 452 29.24 5.01 -17.87
C VAL B 452 29.99 5.37 -19.14
N ASP B 453 29.36 5.14 -20.28
CA ASP B 453 29.95 5.53 -21.58
C ASP B 453 30.09 7.04 -21.55
N PRO B 454 31.29 7.58 -21.84
CA PRO B 454 31.49 9.03 -21.81
C PRO B 454 30.76 9.78 -22.94
N ARG B 455 30.32 9.07 -23.99
CA ARG B 455 29.63 9.70 -25.14
C ARG B 455 28.28 10.26 -24.73
N SER B 456 27.83 11.26 -25.46
CA SER B 456 26.49 11.84 -25.28
C SER B 456 25.46 10.76 -25.60
N ALA B 457 24.26 10.93 -25.04
CA ALA B 457 23.11 10.06 -25.36
C ALA B 457 22.89 10.08 -26.87
N GLU B 458 22.98 11.27 -27.47
CA GLU B 458 22.71 11.45 -28.93
C GLU B 458 23.72 10.66 -29.78
N ALA B 459 25.00 10.74 -29.45
CA ALA B 459 26.06 9.99 -30.18
C ALA B 459 25.78 8.49 -30.09
N MET B 460 25.43 7.97 -28.89
CA MET B 460 25.13 6.52 -28.73
C MET B 460 23.90 6.16 -29.54
N LEU B 461 22.87 7.00 -29.55
CA LEU B 461 21.66 6.73 -30.34
C LEU B 461 21.98 6.70 -31.83
N GLU B 462 22.76 7.67 -32.35
CA GLU B 462 23.07 7.69 -33.81
C GLU B 462 23.82 6.41 -34.17
N GLU B 463 24.75 5.99 -33.33
CA GLU B 463 25.54 4.77 -33.59
C GLU B 463 24.57 3.58 -33.62
N ALA B 464 23.66 3.48 -32.65
CA ALA B 464 22.72 2.37 -32.63
C ALA B 464 21.79 2.38 -33.82
N LEU B 465 21.37 3.55 -34.31
CA LEU B 465 20.46 3.60 -35.47
C LEU B 465 21.21 3.17 -36.75
N ARG B 466 22.48 3.55 -36.85
CA ARG B 466 23.30 3.08 -37.99
C ARG B 466 23.44 1.56 -37.94
N THR B 467 23.66 0.99 -36.77
CA THR B 467 23.84 -0.47 -36.55
C THR B 467 22.54 -1.18 -36.92
N ALA B 468 21.38 -0.69 -36.46
CA ALA B 468 20.08 -1.30 -36.75
C ALA B 468 19.81 -1.25 -38.26
N ARG B 469 20.13 -0.13 -38.90
CA ARG B 469 19.90 0.00 -40.38
C ARG B 469 20.77 -1.03 -41.14
N ASP B 470 21.93 -1.40 -40.60
CA ASP B 470 22.83 -2.42 -41.20
C ASP B 470 22.42 -3.86 -40.87
N ALA B 471 21.31 -4.08 -40.15
CA ALA B 471 20.95 -5.44 -39.70
C ALA B 471 19.62 -5.86 -40.25
N ASP B 472 19.31 -7.15 -40.11
CA ASP B 472 18.02 -7.76 -40.52
C ASP B 472 17.02 -7.66 -39.36
N LEU B 473 17.53 -7.63 -38.14
CA LEU B 473 16.62 -7.52 -36.96
C LEU B 473 17.45 -7.03 -35.79
N VAL B 474 16.77 -6.57 -34.76
CA VAL B 474 17.45 -5.95 -33.59
C VAL B 474 17.07 -6.75 -32.35
N VAL B 475 18.07 -7.20 -31.61
CA VAL B 475 17.95 -7.75 -30.25
C VAL B 475 18.39 -6.63 -29.33
N ALA B 476 17.41 -6.03 -28.64
CA ALA B 476 17.68 -4.95 -27.68
C ALA B 476 17.74 -5.58 -26.29
N VAL B 477 18.86 -5.40 -25.62
CA VAL B 477 19.10 -6.00 -24.28
C VAL B 477 19.06 -4.85 -23.29
N VAL B 478 17.95 -4.76 -22.53
CA VAL B 478 17.53 -3.54 -21.81
C VAL B 478 16.93 -3.97 -20.46
N GLY B 479 16.79 -3.00 -19.57
CA GLY B 479 16.15 -3.22 -18.28
C GLY B 479 16.93 -2.56 -17.17
N GLU B 480 16.98 -3.21 -16.03
CA GLU B 480 17.64 -2.68 -14.85
C GLU B 480 19.06 -3.19 -14.72
N SER B 481 19.91 -2.39 -14.11
CA SER B 481 21.18 -2.89 -13.53
C SER B 481 20.87 -3.55 -12.17
N GLN B 482 21.70 -4.44 -11.71
CA GLN B 482 21.36 -5.27 -10.55
C GLN B 482 21.29 -4.37 -9.31
N GLY B 483 22.02 -3.25 -9.27
CA GLY B 483 21.96 -2.36 -8.10
C GLY B 483 20.65 -1.61 -8.01
N MET B 484 19.80 -1.72 -9.03
CA MET B 484 18.44 -1.11 -9.01
C MET B 484 17.46 -2.02 -8.30
N ALA B 485 17.78 -3.30 -8.09
CA ALA B 485 16.86 -4.30 -7.50
C ALA B 485 17.66 -5.04 -6.44
N HIS B 486 18.08 -4.28 -5.44
CA HIS B 486 18.90 -4.84 -4.34
CA HIS B 486 18.92 -4.82 -4.34
C HIS B 486 18.43 -4.26 -3.01
N GLU B 487 19.07 -4.68 -1.95
CA GLU B 487 18.72 -4.12 -0.64
C GLU B 487 18.74 -2.59 -0.73
N ALA B 488 17.76 -1.98 -0.09
CA ALA B 488 17.58 -0.51 -0.01
C ALA B 488 17.37 0.19 -1.35
N SER B 489 17.28 -0.49 -2.48
CA SER B 489 17.08 0.18 -3.80
CA SER B 489 17.08 0.18 -3.80
C SER B 489 15.61 0.08 -4.21
N SER B 490 14.73 0.73 -3.48
CA SER B 490 13.29 0.76 -3.84
C SER B 490 13.11 1.80 -4.96
N ARG B 491 12.23 1.48 -5.86
CA ARG B 491 11.95 2.29 -7.06
C ARG B 491 10.56 2.89 -6.99
N THR B 492 10.45 4.13 -7.44
CA THR B 492 9.15 4.83 -7.58
C THR B 492 8.59 4.69 -8.99
N ASP B 493 9.36 4.15 -9.92
CA ASP B 493 9.00 4.03 -11.37
C ASP B 493 9.30 2.57 -11.71
N LEU B 494 8.39 1.83 -12.31
CA LEU B 494 8.66 0.42 -12.66
C LEU B 494 8.94 0.26 -14.16
N ARG B 495 9.12 1.36 -14.88
CA ARG B 495 9.44 1.24 -16.32
C ARG B 495 10.90 0.89 -16.53
N ILE B 496 11.18 0.47 -17.74
CA ILE B 496 12.60 0.49 -18.20
C ILE B 496 13.11 1.92 -18.01
N PRO B 497 14.38 2.13 -17.61
CA PRO B 497 14.92 3.46 -17.48
C PRO B 497 14.77 4.32 -18.74
N ALA B 498 14.55 5.62 -18.52
CA ALA B 498 14.16 6.55 -19.59
C ALA B 498 15.22 6.56 -20.71
N SER B 499 16.50 6.54 -20.39
CA SER B 499 17.58 6.53 -21.43
C SER B 499 17.37 5.36 -22.38
N GLN B 500 16.99 4.22 -21.82
CA GLN B 500 16.78 2.99 -22.61
C GLN B 500 15.46 3.04 -23.35
N ARG B 501 14.41 3.66 -22.77
CA ARG B 501 13.13 3.75 -23.51
C ARG B 501 13.27 4.71 -24.71
N ARG B 502 14.11 5.73 -24.58
CA ARG B 502 14.40 6.62 -25.72
C ARG B 502 15.05 5.80 -26.83
N LEU B 503 16.01 4.95 -26.46
CA LEU B 503 16.68 4.03 -27.42
C LEU B 503 15.65 3.13 -28.08
N LEU B 504 14.74 2.50 -27.29
CA LEU B 504 13.75 1.58 -27.86
C LEU B 504 12.86 2.31 -28.85
N LYS B 505 12.41 3.52 -28.54
CA LYS B 505 11.49 4.25 -29.44
C LYS B 505 12.22 4.54 -30.75
N ALA B 506 13.49 4.90 -30.66
CA ALA B 506 14.31 5.20 -31.85
C ALA B 506 14.45 3.91 -32.67
N LEU B 507 14.75 2.77 -32.01
CA LEU B 507 14.90 1.47 -32.71
C LEU B 507 13.58 1.08 -33.39
N LYS B 508 12.45 1.29 -32.72
CA LYS B 508 11.15 0.93 -33.29
C LYS B 508 10.98 1.70 -34.61
N ALA B 509 11.39 2.94 -34.64
CA ALA B 509 11.12 3.86 -35.78
C ALA B 509 11.92 3.44 -37.00
N THR B 510 12.94 2.59 -36.86
CA THR B 510 13.71 2.05 -38.01
C THR B 510 12.88 1.08 -38.85
N GLY B 511 11.80 0.52 -38.32
CA GLY B 511 11.01 -0.54 -38.97
C GLY B 511 11.60 -1.93 -38.85
N LYS B 512 12.81 -2.09 -38.28
CA LYS B 512 13.43 -3.44 -38.13
C LYS B 512 12.64 -4.25 -37.09
N PRO B 513 12.43 -5.56 -37.30
CA PRO B 513 11.88 -6.42 -36.25
C PRO B 513 12.66 -6.25 -34.94
N LEU B 514 11.93 -6.10 -33.84
CA LEU B 514 12.52 -5.69 -32.54
C LEU B 514 12.22 -6.75 -31.49
N VAL B 515 13.26 -7.46 -31.08
CA VAL B 515 13.21 -8.47 -29.99
C VAL B 515 13.76 -7.81 -28.73
N LEU B 516 12.99 -7.80 -27.64
CA LEU B 516 13.51 -7.26 -26.37
C LEU B 516 13.91 -8.41 -25.46
N VAL B 517 15.14 -8.35 -25.00
CA VAL B 517 15.69 -9.27 -23.98
C VAL B 517 15.76 -8.43 -22.70
N LEU B 518 14.88 -8.71 -21.76
CA LEU B 518 14.75 -7.88 -20.55
C LEU B 518 15.62 -8.49 -19.43
N MET B 519 16.42 -7.67 -18.79
CA MET B 519 17.09 -8.03 -17.54
C MET B 519 16.53 -7.11 -16.46
N ASN B 520 16.18 -7.69 -15.34
CA ASN B 520 15.48 -6.94 -14.28
C ASN B 520 15.31 -7.84 -13.07
N GLY B 521 15.15 -7.23 -11.89
CA GLY B 521 15.04 -8.00 -10.63
C GLY B 521 13.68 -7.85 -9.98
N ARG B 522 12.74 -7.26 -10.69
CA ARG B 522 11.37 -7.01 -10.20
C ARG B 522 10.46 -6.97 -11.42
N PRO B 523 9.15 -7.13 -11.22
CA PRO B 523 8.19 -6.82 -12.29
C PRO B 523 8.44 -5.40 -12.83
N LEU B 524 8.34 -5.24 -14.16
CA LEU B 524 8.42 -3.94 -14.81
C LEU B 524 7.09 -3.60 -15.48
N SER B 525 6.89 -2.32 -15.64
CA SER B 525 5.75 -1.71 -16.38
CA SER B 525 5.75 -1.72 -16.39
C SER B 525 6.11 -1.68 -17.88
N LEU B 526 5.41 -2.47 -18.69
CA LEU B 526 5.86 -2.78 -20.08
C LEU B 526 4.76 -2.50 -21.09
N GLY B 527 3.87 -1.54 -20.80
CA GLY B 527 2.75 -1.30 -21.74
C GLY B 527 3.26 -0.90 -23.14
N TRP B 528 4.20 0.01 -23.25
CA TRP B 528 4.70 0.47 -24.59
C TRP B 528 5.35 -0.73 -25.29
N GLU B 529 6.11 -1.50 -24.54
CA GLU B 529 6.87 -2.65 -25.09
C GLU B 529 5.90 -3.70 -25.60
N GLN B 530 4.86 -4.02 -24.85
CA GLN B 530 3.87 -5.04 -25.26
C GLN B 530 3.17 -4.57 -26.54
N GLU B 531 2.97 -3.27 -26.69
CA GLU B 531 2.31 -2.74 -27.91
C GLU B 531 3.30 -2.72 -29.09
N ASN B 532 4.58 -2.47 -28.87
CA ASN B 532 5.48 -2.08 -29.99
C ASN B 532 6.57 -3.13 -30.30
N ALA B 533 7.08 -3.87 -29.33
CA ALA B 533 8.11 -4.88 -29.64
C ALA B 533 7.49 -6.04 -30.41
N ASP B 534 8.28 -6.71 -31.25
CA ASP B 534 7.79 -7.90 -31.98
C ASP B 534 7.88 -9.13 -31.08
N ALA B 535 8.87 -9.18 -30.20
CA ALA B 535 8.94 -10.29 -29.23
C ALA B 535 9.58 -9.77 -27.96
N ILE B 536 9.25 -10.43 -26.84
CA ILE B 536 9.73 -10.01 -25.50
C ILE B 536 10.11 -11.26 -24.72
N LEU B 537 11.35 -11.34 -24.30
CA LEU B 537 11.83 -12.44 -23.45
C LEU B 537 12.26 -11.84 -22.11
N GLU B 538 11.59 -12.30 -21.05
CA GLU B 538 12.00 -11.94 -19.66
C GLU B 538 13.13 -12.86 -19.22
N THR B 539 14.28 -12.33 -18.84
CA THR B 539 15.43 -13.18 -18.47
C THR B 539 15.87 -12.89 -17.04
N TRP B 540 15.18 -11.99 -16.35
CA TRP B 540 15.52 -11.71 -14.94
C TRP B 540 16.98 -11.29 -14.87
N PHE B 541 17.74 -11.80 -13.90
CA PHE B 541 19.21 -11.83 -13.95
C PHE B 541 19.55 -13.31 -13.95
N SER B 542 20.05 -13.85 -15.06
CA SER B 542 20.05 -15.32 -15.28
CA SER B 542 20.06 -15.32 -15.31
C SER B 542 21.36 -16.01 -14.85
N GLY B 543 22.33 -15.26 -14.33
CA GLY B 543 23.49 -15.86 -13.66
C GLY B 543 24.70 -16.04 -14.58
N THR B 544 25.67 -16.80 -14.07
CA THR B 544 26.99 -17.00 -14.68
C THR B 544 26.87 -17.53 -16.13
N GLU B 545 25.90 -18.39 -16.41
CA GLU B 545 25.67 -18.93 -17.76
C GLU B 545 24.48 -18.25 -18.41
N GLY B 546 24.05 -17.10 -17.88
CA GLY B 546 22.80 -16.49 -18.38
C GLY B 546 22.81 -16.33 -19.89
N GLY B 547 23.88 -15.75 -20.42
CA GLY B 547 23.94 -15.41 -21.86
C GLY B 547 23.80 -16.65 -22.72
N ASN B 548 24.34 -17.79 -22.27
CA ASN B 548 24.18 -19.07 -23.01
C ASN B 548 22.76 -19.59 -22.93
N ALA B 549 22.12 -19.56 -21.76
CA ALA B 549 20.74 -20.03 -21.63
C ALA B 549 19.79 -19.14 -22.46
N ILE B 550 20.02 -17.83 -22.45
CA ILE B 550 19.19 -16.88 -23.23
C ILE B 550 19.35 -17.17 -24.74
N ALA B 551 20.56 -17.40 -25.21
CA ALA B 551 20.78 -17.75 -26.66
C ALA B 551 20.09 -19.09 -26.95
N ASP B 552 20.16 -20.05 -26.04
CA ASP B 552 19.49 -21.36 -26.20
C ASP B 552 18.01 -21.16 -26.49
N VAL B 553 17.33 -20.27 -25.76
CA VAL B 553 15.90 -19.99 -26.01
C VAL B 553 15.73 -19.21 -27.32
N LEU B 554 16.51 -18.16 -27.54
CA LEU B 554 16.30 -17.29 -28.70
C LEU B 554 16.47 -18.08 -30.01
N PHE B 555 17.32 -19.08 -30.04
CA PHE B 555 17.57 -19.91 -31.26
C PHE B 555 16.81 -21.22 -31.19
N GLY B 556 15.99 -21.44 -30.18
CA GLY B 556 15.04 -22.57 -30.10
C GLY B 556 15.69 -23.90 -29.77
N GLU B 557 16.89 -23.90 -29.21
CA GLU B 557 17.47 -25.13 -28.58
C GLU B 557 16.58 -25.50 -27.37
N HIS B 558 16.03 -24.50 -26.68
CA HIS B 558 15.12 -24.73 -25.54
C HIS B 558 13.84 -23.98 -25.84
N ASN B 559 12.72 -24.66 -25.79
CA ASN B 559 11.41 -24.04 -26.02
C ASN B 559 11.00 -23.36 -24.73
N PRO B 560 10.85 -22.02 -24.68
CA PRO B 560 10.58 -21.38 -23.40
C PRO B 560 9.39 -22.02 -22.68
N SER B 561 9.62 -22.21 -21.37
CA SER B 561 8.65 -22.90 -20.50
C SER B 561 8.48 -22.10 -19.19
N GLY B 562 9.14 -20.95 -19.04
CA GLY B 562 8.96 -20.19 -17.79
C GLY B 562 7.60 -19.53 -17.73
N LYS B 563 7.09 -19.40 -16.50
CA LYS B 563 5.83 -18.69 -16.24
C LYS B 563 5.99 -17.78 -15.04
N LEU B 564 5.36 -16.61 -15.12
CA LEU B 564 5.50 -15.59 -14.07
C LEU B 564 4.98 -16.13 -12.74
N THR B 565 5.69 -15.81 -11.65
CA THR B 565 5.17 -16.07 -10.29
C THR B 565 4.84 -14.77 -9.55
N MET B 566 4.85 -13.65 -10.26
CA MET B 566 4.48 -12.35 -9.69
C MET B 566 3.82 -11.56 -10.81
N SER B 567 2.68 -10.99 -10.50
CA SER B 567 1.88 -10.22 -11.47
C SER B 567 2.69 -9.00 -11.92
N PHE B 568 2.63 -8.63 -13.22
CA PHE B 568 3.33 -7.44 -13.73
C PHE B 568 2.33 -6.30 -13.82
N PRO B 569 2.46 -5.26 -12.98
CA PRO B 569 1.49 -4.16 -12.98
C PRO B 569 1.62 -3.37 -14.26
N ARG B 570 0.54 -2.70 -14.65
CA ARG B 570 0.65 -1.79 -15.80
C ARG B 570 1.44 -0.55 -15.44
N SER B 571 1.41 -0.12 -14.18
CA SER B 571 2.20 1.03 -13.72
C SER B 571 2.36 0.92 -12.20
N VAL B 572 3.27 1.72 -11.69
CA VAL B 572 3.55 1.75 -10.23
C VAL B 572 2.32 2.25 -9.47
N GLY B 573 1.48 3.07 -10.12
CA GLY B 573 0.30 3.56 -9.44
C GLY B 573 -0.77 2.53 -9.23
N GLN B 574 -0.64 1.30 -9.76
CA GLN B 574 -1.59 0.21 -9.48
C GLN B 574 -1.16 -0.65 -8.29
N VAL B 575 0.00 -0.41 -7.69
CA VAL B 575 0.53 -1.34 -6.66
C VAL B 575 -0.37 -1.29 -5.44
N PRO B 576 -0.73 -2.44 -4.81
CA PRO B 576 -0.32 -3.78 -5.24
C PRO B 576 -1.32 -4.41 -6.21
N VAL B 577 -0.80 -5.21 -7.11
CA VAL B 577 -1.66 -6.09 -7.94
CA VAL B 577 -1.56 -6.07 -8.05
C VAL B 577 -1.13 -7.51 -7.76
N TYR B 578 -2.06 -8.40 -7.48
CA TYR B 578 -1.72 -9.82 -7.28
C TYR B 578 -2.97 -10.64 -7.58
N TYR B 579 -2.80 -11.89 -7.98
CA TYR B 579 -3.92 -12.65 -8.58
C TYR B 579 -4.90 -13.15 -7.52
N ASN B 580 -4.46 -13.38 -6.29
CA ASN B 580 -5.32 -13.99 -5.26
C ASN B 580 -5.89 -12.87 -4.37
N HIS B 581 -6.54 -11.92 -5.02
CA HIS B 581 -7.17 -10.78 -4.36
C HIS B 581 -8.62 -11.11 -4.04
N LEU B 582 -9.25 -10.23 -3.28
CA LEU B 582 -10.66 -10.42 -2.88
C LEU B 582 -11.56 -9.79 -3.94
N ASN B 583 -12.82 -10.23 -3.98
CA ASN B 583 -13.72 -9.78 -5.06
C ASN B 583 -14.14 -8.34 -4.84
N THR B 584 -14.31 -7.91 -3.60
CA THR B 584 -15.04 -6.70 -3.18
C THR B 584 -16.54 -6.86 -3.47
N GLY B 585 -17.30 -5.86 -3.01
CA GLY B 585 -18.75 -5.75 -3.19
C GLY B 585 -19.12 -5.32 -4.59
N ARG B 586 -18.16 -4.74 -5.29
CA ARG B 586 -18.35 -4.03 -6.59
C ARG B 586 -17.19 -4.39 -7.49
N PRO B 587 -17.03 -5.67 -7.87
CA PRO B 587 -15.95 -6.07 -8.75
C PRO B 587 -16.11 -5.48 -10.15
N MET B 588 -15.00 -5.19 -10.79
CA MET B 588 -15.05 -4.77 -12.20
C MET B 588 -15.00 -6.01 -13.07
N ASP B 589 -15.90 -6.07 -14.05
CA ASP B 589 -15.92 -7.10 -15.13
C ASP B 589 -15.03 -6.62 -16.28
N HIS B 590 -13.99 -7.40 -16.63
CA HIS B 590 -12.98 -7.10 -17.69
C HIS B 590 -11.96 -6.09 -17.13
N PRO B 593 -18.46 -3.85 -16.53
CA PRO B 593 -17.24 -3.05 -16.80
C PRO B 593 -17.46 -1.58 -16.40
N GLY B 594 -18.22 -1.40 -15.34
CA GLY B 594 -18.87 -0.11 -15.00
C GLY B 594 -17.93 0.84 -14.29
N LYS B 595 -18.41 2.08 -14.22
CA LYS B 595 -17.75 3.17 -13.47
CA LYS B 595 -17.78 3.18 -13.47
C LYS B 595 -17.76 2.81 -11.98
N TYR B 596 -18.88 2.33 -11.42
CA TYR B 596 -19.01 2.17 -9.94
C TYR B 596 -18.51 0.79 -9.53
N THR B 597 -17.25 0.54 -9.82
CA THR B 597 -16.58 -0.72 -9.50
C THR B 597 -15.21 -0.40 -8.94
N SER B 598 -14.57 -1.43 -8.41
CA SER B 598 -13.24 -1.28 -7.81
C SER B 598 -12.17 -1.30 -8.91
N ARG B 599 -11.66 -0.11 -9.22
CA ARG B 599 -10.85 0.12 -10.44
C ARG B 599 -10.18 1.49 -10.43
N TYR B 600 -9.26 1.70 -11.35
CA TYR B 600 -8.75 3.04 -11.68
C TYR B 600 -9.47 3.53 -12.92
N PHE B 601 -9.53 4.85 -13.10
CA PHE B 601 -10.21 5.38 -14.31
C PHE B 601 -9.19 5.80 -15.36
N ASP B 602 -7.92 6.00 -15.00
CA ASP B 602 -6.92 6.69 -15.87
C ASP B 602 -5.93 5.71 -16.48
N GLU B 603 -6.19 4.42 -16.35
CA GLU B 603 -5.35 3.35 -16.91
C GLU B 603 -6.21 2.10 -17.05
N ALA B 604 -5.84 1.22 -17.97
CA ALA B 604 -6.53 -0.07 -18.08
C ALA B 604 -6.27 -0.82 -16.79
N ASN B 605 -7.20 -1.69 -16.46
CA ASN B 605 -7.20 -2.39 -15.16
C ASN B 605 -6.71 -3.83 -15.30
N GLY B 606 -6.31 -4.36 -14.16
CA GLY B 606 -5.65 -5.68 -14.09
C GLY B 606 -4.18 -5.53 -14.43
N PRO B 607 -3.42 -6.61 -14.15
CA PRO B 607 -2.02 -6.64 -14.50
C PRO B 607 -1.86 -6.65 -16.02
N LEU B 608 -0.69 -6.22 -16.50
CA LEU B 608 -0.39 -6.38 -17.94
C LEU B 608 -0.19 -7.88 -18.20
N TYR B 609 0.57 -8.54 -17.32
CA TYR B 609 0.83 -10.00 -17.43
C TYR B 609 0.42 -10.62 -16.11
N PRO B 610 -0.49 -11.60 -16.13
CA PRO B 610 -0.95 -12.20 -14.89
C PRO B 610 -0.06 -13.31 -14.36
N PHE B 611 -0.30 -13.62 -13.08
CA PHE B 611 0.36 -14.77 -12.44
C PHE B 611 0.18 -16.02 -13.30
N GLY B 612 1.28 -16.76 -13.51
CA GLY B 612 1.26 -18.05 -14.25
C GLY B 612 1.35 -17.84 -15.76
N TYR B 613 1.52 -16.61 -16.24
CA TYR B 613 1.57 -16.33 -17.69
C TYR B 613 2.94 -16.67 -18.25
N GLY B 614 2.93 -17.22 -19.45
CA GLY B 614 4.16 -17.39 -20.23
C GLY B 614 3.88 -18.18 -21.50
N LEU B 615 4.51 -17.80 -22.59
CA LEU B 615 4.19 -18.39 -23.90
C LEU B 615 5.17 -19.52 -24.22
N SER B 616 4.86 -20.20 -25.33
CA SER B 616 5.66 -21.34 -25.88
C SER B 616 5.83 -21.15 -27.39
N TYR B 617 6.82 -21.81 -27.96
CA TYR B 617 7.00 -21.93 -29.42
C TYR B 617 6.04 -23.00 -29.98
N THR B 618 5.39 -23.79 -29.14
CA THR B 618 4.34 -24.76 -29.57
C THR B 618 2.98 -24.34 -29.02
N GLU B 619 1.95 -25.08 -29.40
CA GLU B 619 0.57 -24.87 -28.93
C GLU B 619 0.20 -26.04 -28.04
N PHE B 620 -0.52 -25.75 -26.98
CA PHE B 620 -1.07 -26.79 -26.09
C PHE B 620 -2.57 -26.66 -26.09
N SER B 621 -3.21 -27.81 -25.92
CA SER B 621 -4.68 -27.87 -25.73
CA SER B 621 -4.68 -27.94 -25.77
C SER B 621 -4.97 -28.60 -24.43
N LEU B 622 -6.03 -28.17 -23.76
CA LEU B 622 -6.58 -28.85 -22.59
C LEU B 622 -7.96 -29.39 -22.93
N SER B 623 -8.21 -30.63 -22.57
CA SER B 623 -9.57 -31.21 -22.62
C SER B 623 -10.43 -30.57 -21.55
N PRO B 624 -11.76 -30.81 -21.56
CA PRO B 624 -12.62 -30.37 -20.46
C PRO B 624 -12.21 -30.92 -19.10
N LEU B 625 -12.33 -30.08 -18.07
CA LEU B 625 -12.03 -30.49 -16.68
C LEU B 625 -13.10 -31.46 -16.20
N ARG B 626 -12.69 -32.52 -15.56
CA ARG B 626 -13.61 -33.54 -14.98
C ARG B 626 -13.25 -33.77 -13.52
N LEU B 627 -14.25 -33.68 -12.64
CA LEU B 627 -14.09 -34.03 -11.22
C LEU B 627 -14.60 -35.45 -11.00
N SER B 628 -13.97 -36.17 -10.10
CA SER B 628 -14.31 -37.57 -9.75
C SER B 628 -15.70 -37.62 -9.11
N SER B 629 -16.18 -36.54 -8.49
CA SER B 629 -17.55 -36.50 -7.89
C SER B 629 -18.01 -35.06 -7.70
N GLU B 630 -19.31 -34.91 -7.50
CA GLU B 630 -19.91 -33.57 -7.26
C GLU B 630 -19.95 -33.30 -5.76
N ARG B 631 -19.74 -34.33 -4.94
CA ARG B 631 -19.78 -34.22 -3.46
C ARG B 631 -18.50 -34.83 -2.92
N LEU B 632 -17.92 -34.24 -1.90
CA LEU B 632 -16.70 -34.76 -1.25
C LEU B 632 -17.02 -34.97 0.22
N ALA B 633 -16.88 -36.20 0.70
CA ALA B 633 -17.00 -36.48 2.15
C ALA B 633 -15.69 -36.11 2.86
N ARG B 634 -15.81 -35.71 4.11
CA ARG B 634 -14.64 -35.42 4.98
C ARG B 634 -13.75 -36.65 5.06
N GLY B 635 -12.44 -36.48 4.90
CA GLY B 635 -11.48 -37.60 4.95
C GLY B 635 -11.32 -38.29 3.61
N ALA B 636 -12.10 -37.93 2.60
CA ALA B 636 -11.96 -38.51 1.25
C ALA B 636 -11.16 -37.56 0.36
N THR B 637 -10.80 -38.06 -0.81
CA THR B 637 -9.98 -37.35 -1.82
C THR B 637 -10.84 -37.16 -3.07
N LEU B 638 -10.68 -36.00 -3.67
CA LEU B 638 -11.33 -35.64 -4.93
C LEU B 638 -10.21 -35.65 -5.96
N GLU B 639 -10.51 -36.16 -7.15
CA GLU B 639 -9.60 -36.07 -8.32
C GLU B 639 -10.17 -35.06 -9.32
N ALA B 640 -9.29 -34.21 -9.82
CA ALA B 640 -9.56 -33.29 -10.94
C ALA B 640 -8.64 -33.71 -12.08
N ARG B 641 -9.25 -34.05 -13.20
CA ARG B 641 -8.52 -34.59 -14.37
CA ARG B 641 -8.50 -34.59 -14.36
C ARG B 641 -8.70 -33.69 -15.58
N VAL B 642 -7.62 -33.51 -16.29
CA VAL B 642 -7.61 -32.85 -17.60
CA VAL B 642 -7.60 -32.85 -17.61
C VAL B 642 -6.56 -33.55 -18.47
N THR B 643 -6.79 -33.57 -19.78
CA THR B 643 -5.78 -34.08 -20.74
C THR B 643 -5.10 -32.91 -21.39
N LEU B 644 -3.77 -32.89 -21.28
CA LEU B 644 -2.95 -31.91 -21.99
C LEU B 644 -2.36 -32.52 -23.24
N SER B 645 -2.50 -31.82 -24.36
CA SER B 645 -1.90 -32.28 -25.63
C SER B 645 -0.98 -31.21 -26.21
N ASN B 646 0.11 -31.65 -26.82
CA ASN B 646 0.95 -30.77 -27.63
C ASN B 646 0.37 -30.77 -29.04
N SER B 647 -0.31 -29.70 -29.41
CA SER B 647 -1.05 -29.66 -30.68
C SER B 647 -0.25 -28.84 -31.68
N GLY B 648 1.04 -28.58 -31.43
CA GLY B 648 1.88 -27.77 -32.31
C GLY B 648 2.98 -28.59 -32.93
N LYS B 649 4.04 -27.94 -33.38
CA LYS B 649 5.06 -28.60 -34.22
C LYS B 649 6.39 -28.74 -33.51
N ARG B 650 6.52 -28.30 -32.26
CA ARG B 650 7.82 -28.36 -31.55
C ARG B 650 7.60 -29.00 -30.19
N ALA B 651 8.60 -29.73 -29.71
CA ALA B 651 8.53 -30.25 -28.34
C ALA B 651 8.58 -29.02 -27.42
N GLY B 652 7.98 -29.17 -26.28
CA GLY B 652 8.06 -28.12 -25.24
C GLY B 652 7.31 -28.47 -24.00
N ALA B 653 7.53 -27.67 -22.97
CA ALA B 653 6.85 -27.87 -21.70
C ALA B 653 5.89 -26.68 -21.46
N THR B 654 4.91 -26.97 -20.65
CA THR B 654 4.03 -25.95 -20.09
C THR B 654 3.72 -26.34 -18.65
N VAL B 655 2.99 -25.48 -17.97
CA VAL B 655 2.67 -25.69 -16.55
C VAL B 655 1.17 -25.65 -16.41
N VAL B 656 0.57 -26.79 -16.11
CA VAL B 656 -0.88 -26.87 -15.88
C VAL B 656 -1.14 -26.51 -14.41
N GLN B 657 -1.93 -25.48 -14.21
CA GLN B 657 -2.14 -24.91 -12.87
C GLN B 657 -3.54 -25.20 -12.36
N LEU B 658 -3.65 -25.55 -11.11
CA LEU B 658 -4.94 -25.77 -10.46
C LEU B 658 -5.16 -24.67 -9.44
N TYR B 659 -6.32 -24.01 -9.53
CA TYR B 659 -6.74 -22.98 -8.59
C TYR B 659 -8.02 -23.42 -7.92
N LEU B 660 -8.23 -22.97 -6.69
CA LEU B 660 -9.49 -23.20 -5.94
CA LEU B 660 -9.46 -23.21 -5.93
C LEU B 660 -10.11 -21.87 -5.56
N GLN B 661 -11.43 -21.84 -5.58
CA GLN B 661 -12.16 -20.70 -4.99
C GLN B 661 -13.18 -21.25 -4.00
N ASP B 662 -13.34 -20.58 -2.85
CA ASP B 662 -14.35 -20.92 -1.84
C ASP B 662 -15.36 -19.78 -1.84
N PRO B 663 -16.39 -19.83 -2.70
CA PRO B 663 -17.16 -18.62 -2.99
C PRO B 663 -18.11 -18.15 -1.90
N VAL B 664 -18.38 -18.97 -0.88
CA VAL B 664 -19.17 -18.55 0.29
C VAL B 664 -18.45 -18.98 1.54
N ALA B 665 -18.08 -18.07 2.41
CA ALA B 665 -17.28 -18.44 3.58
C ALA B 665 -17.48 -17.42 4.68
N SER B 666 -17.02 -17.72 5.87
CA SER B 666 -17.17 -16.82 7.04
C SER B 666 -16.15 -15.68 7.02
N LEU B 667 -15.23 -15.65 6.06
CA LEU B 667 -14.37 -14.52 5.65
C LEU B 667 -14.53 -14.39 4.14
N SER B 668 -14.29 -13.22 3.57
CA SER B 668 -14.23 -13.05 2.10
C SER B 668 -12.95 -13.74 1.59
N ARG B 669 -13.07 -14.79 0.77
CA ARG B 669 -11.92 -15.54 0.29
C ARG B 669 -11.52 -15.08 -1.11
N PRO B 670 -10.26 -15.30 -1.46
CA PRO B 670 -9.77 -14.85 -2.75
C PRO B 670 -10.54 -15.42 -3.93
N VAL B 671 -10.51 -14.67 -5.02
CA VAL B 671 -11.19 -15.10 -6.26
C VAL B 671 -10.60 -16.41 -6.79
N LYS B 672 -9.32 -16.64 -6.54
CA LYS B 672 -8.71 -17.99 -6.75
C LYS B 672 -7.42 -18.05 -5.98
N GLU B 673 -7.04 -19.28 -5.64
CA GLU B 673 -5.80 -19.57 -4.92
C GLU B 673 -5.13 -20.80 -5.54
N LEU B 674 -3.86 -20.72 -5.88
CA LEU B 674 -3.13 -21.87 -6.45
C LEU B 674 -3.10 -23.01 -5.42
N ARG B 675 -3.47 -24.21 -5.86
CA ARG B 675 -3.45 -25.39 -4.97
C ARG B 675 -2.74 -26.55 -5.64
N GLY B 676 -2.21 -26.39 -6.84
CA GLY B 676 -1.41 -27.48 -7.42
C GLY B 676 -0.92 -27.07 -8.77
N PHE B 677 0.06 -27.78 -9.27
CA PHE B 677 0.52 -27.58 -10.65
C PHE B 677 1.30 -28.80 -11.14
N ARG B 678 1.39 -28.90 -12.45
CA ARG B 678 2.16 -30.00 -13.11
C ARG B 678 2.89 -29.36 -14.25
N LYS B 679 4.19 -29.47 -14.22
CA LYS B 679 5.00 -29.07 -15.36
C LYS B 679 5.20 -30.30 -16.23
N VAL B 680 4.89 -30.17 -17.50
CA VAL B 680 4.72 -31.34 -18.40
C VAL B 680 5.45 -31.02 -19.69
N MET B 681 6.46 -31.81 -20.02
CA MET B 681 7.18 -31.71 -21.29
C MET B 681 6.57 -32.72 -22.29
N LEU B 682 6.20 -32.26 -23.48
CA LEU B 682 5.50 -33.12 -24.48
C LEU B 682 6.16 -32.96 -25.83
N GLU B 683 6.37 -34.08 -26.51
CA GLU B 683 6.68 -34.01 -27.95
C GLU B 683 5.42 -33.68 -28.71
N PRO B 684 5.53 -33.22 -29.96
CA PRO B 684 4.35 -32.94 -30.77
C PRO B 684 3.44 -34.18 -30.87
N GLY B 685 2.14 -33.97 -30.66
CA GLY B 685 1.13 -35.03 -30.68
C GLY B 685 1.05 -35.88 -29.44
N GLU B 686 1.95 -35.73 -28.46
CA GLU B 686 1.83 -36.46 -27.17
C GLU B 686 0.71 -35.83 -26.35
N SER B 687 0.13 -36.66 -25.50
CA SER B 687 -1.00 -36.33 -24.59
C SER B 687 -0.72 -36.94 -23.25
N ARG B 688 -1.04 -36.19 -22.21
CA ARG B 688 -0.90 -36.71 -20.84
C ARG B 688 -2.18 -36.41 -20.09
N GLU B 689 -2.68 -37.42 -19.40
CA GLU B 689 -3.76 -37.26 -18.43
C GLU B 689 -3.12 -36.67 -17.17
N ILE B 690 -3.58 -35.50 -16.77
CA ILE B 690 -3.08 -34.89 -15.50
C ILE B 690 -4.15 -35.14 -14.46
N VAL B 691 -3.73 -35.62 -13.30
CA VAL B 691 -4.63 -35.96 -12.18
C VAL B 691 -4.16 -35.15 -10.98
N PHE B 692 -4.97 -34.22 -10.57
CA PHE B 692 -4.79 -33.52 -9.28
C PHE B 692 -5.62 -34.24 -8.24
N ARG B 693 -5.08 -34.32 -7.04
CA ARG B 693 -5.78 -34.85 -5.86
C ARG B 693 -5.99 -33.70 -4.87
N LEU B 694 -7.22 -33.56 -4.40
CA LEU B 694 -7.58 -32.58 -3.37
C LEU B 694 -8.24 -33.29 -2.20
N GLY B 695 -7.91 -32.88 -0.99
CA GLY B 695 -8.69 -33.24 0.19
C GLY B 695 -8.97 -32.06 1.08
N GLU B 696 -9.49 -32.36 2.25
CA GLU B 696 -9.91 -31.33 3.23
C GLU B 696 -8.76 -30.36 3.50
N ALA B 697 -7.51 -30.82 3.57
CA ALA B 697 -6.39 -29.93 3.96
C ALA B 697 -6.24 -28.79 2.93
N ASP B 698 -6.57 -29.06 1.67
CA ASP B 698 -6.47 -28.05 0.58
C ASP B 698 -7.57 -27.00 0.72
N LEU B 699 -8.61 -27.29 1.50
CA LEU B 699 -9.84 -26.47 1.51
C LEU B 699 -9.92 -25.58 2.76
N LYS B 700 -9.00 -25.74 3.70
CA LYS B 700 -9.08 -25.01 4.98
C LYS B 700 -8.62 -23.56 4.75
N PHE B 701 -9.00 -22.70 5.65
CA PHE B 701 -8.48 -21.31 5.72
C PHE B 701 -8.61 -20.82 7.15
N TYR B 702 -7.84 -19.77 7.47
CA TYR B 702 -7.93 -19.09 8.77
C TYR B 702 -9.09 -18.11 8.79
N ASP B 703 -10.05 -18.33 9.71
CA ASP B 703 -11.15 -17.34 9.85
C ASP B 703 -10.73 -16.17 10.74
N SER B 704 -11.66 -15.29 11.07
CA SER B 704 -11.38 -14.05 11.87
C SER B 704 -10.72 -14.37 13.24
N GLN B 705 -11.06 -15.50 13.85
CA GLN B 705 -10.52 -15.98 15.15
C GLN B 705 -9.35 -16.94 14.94
N LEU B 706 -8.82 -17.05 13.72
CA LEU B 706 -7.73 -17.98 13.36
C LEU B 706 -8.11 -19.46 13.54
N ARG B 707 -9.40 -19.77 13.51
CA ARG B 707 -9.79 -21.18 13.33
C ARG B 707 -9.36 -21.64 11.95
N HIS B 708 -8.70 -22.79 11.85
CA HIS B 708 -8.15 -23.30 10.59
C HIS B 708 -8.89 -24.56 10.20
N THR B 709 -10.02 -24.40 9.53
CA THR B 709 -10.88 -25.53 9.15
C THR B 709 -11.40 -25.29 7.73
N ALA B 710 -12.03 -26.32 7.20
CA ALA B 710 -12.74 -26.23 5.91
C ALA B 710 -14.22 -26.21 6.21
N GLU B 711 -14.94 -25.24 5.64
CA GLU B 711 -16.38 -25.16 5.85
C GLU B 711 -17.10 -25.91 4.74
N PRO B 712 -18.19 -26.63 5.08
CA PRO B 712 -18.97 -27.31 4.07
C PRO B 712 -19.52 -26.27 3.09
N GLY B 713 -19.77 -26.71 1.88
CA GLY B 713 -20.34 -25.89 0.80
C GLY B 713 -19.55 -26.00 -0.46
N GLU B 714 -19.85 -25.09 -1.39
CA GLU B 714 -19.30 -25.18 -2.73
C GLU B 714 -17.80 -24.81 -2.75
N PHE B 715 -17.06 -25.50 -3.57
CA PHE B 715 -15.69 -25.11 -4.01
C PHE B 715 -15.67 -25.13 -5.52
N LYS B 716 -15.03 -24.13 -6.11
CA LYS B 716 -14.82 -24.08 -7.55
C LYS B 716 -13.37 -24.45 -7.85
N VAL B 717 -13.19 -25.31 -8.83
CA VAL B 717 -11.86 -25.83 -9.25
C VAL B 717 -11.59 -25.29 -10.64
N PHE B 718 -10.48 -24.59 -10.80
CA PHE B 718 -10.05 -24.01 -12.07
C PHE B 718 -8.75 -24.67 -12.52
N VAL B 719 -8.68 -25.07 -13.78
CA VAL B 719 -7.43 -25.56 -14.38
C VAL B 719 -7.15 -24.77 -15.65
N GLY B 720 -5.91 -24.37 -15.83
CA GLY B 720 -5.48 -23.72 -17.07
C GLY B 720 -4.00 -23.53 -17.13
N LEU B 721 -3.52 -22.85 -18.15
CA LEU B 721 -2.07 -22.63 -18.35
C LEU B 721 -1.62 -21.26 -17.82
N ASP B 722 -2.53 -20.51 -17.24
CA ASP B 722 -2.20 -19.32 -16.43
C ASP B 722 -3.39 -19.01 -15.54
N SER B 723 -3.28 -17.98 -14.70
CA SER B 723 -4.35 -17.68 -13.74
C SER B 723 -5.54 -17.01 -14.43
N ALA B 724 -5.38 -16.55 -15.66
CA ALA B 724 -6.47 -15.74 -16.29
C ALA B 724 -7.30 -16.59 -17.26
N GLN B 725 -6.73 -17.63 -17.83
CA GLN B 725 -7.36 -18.44 -18.93
C GLN B 725 -7.59 -19.84 -18.36
N THR B 726 -8.66 -20.02 -17.63
CA THR B 726 -8.95 -21.32 -16.95
C THR B 726 -10.33 -21.84 -17.39
N GLU B 727 -10.57 -23.10 -17.08
CA GLU B 727 -11.92 -23.69 -17.11
C GLU B 727 -12.22 -24.19 -15.70
N SER B 728 -13.51 -24.17 -15.33
CA SER B 728 -13.90 -24.41 -13.92
CA SER B 728 -13.98 -24.31 -13.93
C SER B 728 -15.03 -25.43 -13.82
N ARG B 729 -15.00 -26.17 -12.73
CA ARG B 729 -16.08 -27.08 -12.31
C ARG B 729 -16.27 -26.93 -10.81
N SER B 730 -17.45 -27.21 -10.30
CA SER B 730 -17.70 -27.10 -8.83
C SER B 730 -17.91 -28.46 -8.20
N PHE B 731 -17.60 -28.56 -6.91
CA PHE B 731 -18.08 -29.67 -6.06
C PHE B 731 -18.55 -29.10 -4.74
N THR B 732 -19.19 -29.93 -3.93
CA THR B 732 -19.64 -29.55 -2.58
C THR B 732 -18.92 -30.40 -1.54
N LEU B 733 -18.30 -29.74 -0.58
CA LEU B 733 -17.78 -30.46 0.61
C LEU B 733 -18.95 -30.67 1.57
N LEU B 734 -19.10 -31.91 2.05
CA LEU B 734 -20.16 -32.29 3.02
C LEU B 734 -19.81 -31.98 4.48
C2 BGC C . -23.46 8.27 0.39
C3 BGC C . -24.55 7.36 -0.19
C4 BGC C . -23.97 6.90 -1.54
C5 BGC C . -22.71 6.09 -1.23
C6 BGC C . -22.08 5.57 -2.51
C1 BGC C . -22.15 7.47 0.58
O1 BGC C . -21.18 8.35 0.98
O2 BGC C . -23.79 8.77 1.69
O3 BGC C . -25.74 8.19 -0.41
O4 BGC C . -24.95 6.04 -2.13
O5 BGC C . -21.73 6.98 -0.69
O6 BGC C . -20.82 4.98 -2.11
C2 BGC C . -26.15 7.82 -3.41
C3 BGC C . -26.66 8.11 -4.82
C4 BGC C . -25.44 8.10 -5.77
C5 BGC C . -24.70 6.76 -5.65
C6 BGC C . -23.40 6.80 -6.47
C1 BGC C . -25.43 6.47 -3.44
O2 BGC C . -27.25 7.74 -2.49
O3 BGC C . -27.27 9.41 -4.78
O4 BGC C . -25.93 8.27 -7.09
O5 BGC C . -24.27 6.55 -4.26
O6 BGC C . -22.76 5.51 -6.31
C2 BGC D . 21.58 -10.93 4.93
C3 BGC D . 22.54 -10.26 5.92
C4 BGC D . 22.59 -8.80 5.49
C5 BGC D . 21.19 -8.19 5.58
C6 BGC D . 21.10 -6.70 5.29
C1 BGC D . 20.21 -10.26 4.88
O1 BGC D . 19.42 -10.92 3.91
O2 BGC D . 21.42 -12.34 5.17
O3 BGC D . 23.87 -10.86 5.76
O4 BGC D . 23.42 -8.11 6.36
O5 BGC D . 20.37 -8.86 4.61
O6 BGC D . 19.68 -6.38 5.32
C2 BGC D . 25.57 -8.42 5.12
C3 BGC D . 26.74 -7.60 4.64
C4 BGC D . 26.20 -6.49 3.73
C5 BGC D . 25.11 -5.67 4.43
C6 BGC D . 24.53 -4.65 3.46
C1 BGC D . 24.59 -7.46 5.77
O2 BGC D . 26.10 -9.37 6.07
O3 BGC D . 27.58 -8.53 3.92
O4 BGC D . 27.31 -5.63 3.43
O5 BGC D . 24.05 -6.54 4.85
O6 BGC D . 23.45 -4.07 4.18
C1 PEG E . -47.54 11.87 14.47
O1 PEG E . -46.43 12.05 13.56
C2 PEG E . -48.16 10.48 14.38
O2 PEG E . -47.37 9.57 15.13
C3 PEG E . -47.91 8.26 15.33
C4 PEG E . -48.70 8.20 16.62
O4 PEG E . -47.98 7.64 17.70
C1 PEG F . -21.03 -20.40 6.54
O1 PEG F . -20.27 -21.56 6.28
C2 PEG F . -20.55 -19.13 5.86
O2 PEG F . -20.53 -18.10 6.85
C3 PEG F . -20.98 -16.79 6.48
C4 PEG F . -20.76 -15.86 7.64
O4 PEG F . -21.16 -16.38 8.90
C1 PEG G . 1.12 44.86 -4.79
O1 PEG G . 1.59 45.73 -3.77
C2 PEG G . -0.32 44.46 -4.60
O2 PEG G . -0.78 44.86 -3.32
C3 PEG G . -2.14 44.52 -3.05
C4 PEG G . -2.31 44.55 -1.58
O4 PEG G . -3.52 45.10 -1.12
C1 PEG H . 10.29 22.40 -2.11
O1 PEG H . 11.01 23.60 -2.16
C2 PEG H . 9.02 22.57 -1.36
O2 PEG H . 9.36 23.07 -0.07
C3 PEG H . 8.46 22.74 0.98
C4 PEG H . 9.19 23.00 2.27
O4 PEG H . 8.72 22.25 3.35
C1 PGE I . -18.94 17.62 -25.59
O1 PGE I . -18.52 18.95 -25.28
C2 PGE I . -19.25 16.84 -24.37
O2 PGE I . -20.38 17.43 -23.72
C3 PGE I . -20.31 17.49 -22.30
C4 PGE I . -21.10 18.69 -21.82
O4 PGE I . -25.39 19.89 -22.09
C6 PGE I . -24.45 19.42 -21.10
C3 PGE J . -25.06 35.84 -8.78
C4 PGE J . -26.02 36.87 -8.28
O4 PGE J . -27.96 38.30 -11.54
C6 PGE J . -28.78 37.66 -10.55
C5 PGE J . -28.00 36.77 -9.64
O3 PGE J . -26.76 37.39 -9.39
MG MG K . 7.96 6.31 26.40
C1 PEG L . 9.78 1.13 27.73
O1 PEG L . 9.18 2.38 28.10
C2 PEG L . 8.83 0.21 27.02
O2 PEG L . 9.50 -0.88 26.36
C3 PEG L . 8.78 -2.11 26.53
C4 PEG L . 9.38 -3.25 25.76
O4 PEG L . 8.56 -3.77 24.70
C1 PEG M . 35.46 -30.76 20.28
O1 PEG M . 36.39 -30.74 19.19
C2 PEG M . 35.17 -29.40 20.81
O2 PEG M . 34.99 -29.38 22.23
C3 PEG M . 33.92 -30.16 22.76
C4 PEG M . 34.29 -30.66 24.12
O4 PEG M . 33.70 -31.89 24.45
C1 PEG N . 33.90 -15.00 -21.27
O1 PEG N . 34.77 -13.89 -21.38
C2 PEG N . 33.89 -15.57 -19.88
O2 PEG N . 33.27 -16.85 -19.91
C3 PEG N . 34.24 -17.86 -19.80
C4 PEG N . 33.67 -19.17 -20.14
O4 PEG N . 34.65 -20.19 -19.95
MG MG O . -17.54 -22.09 1.53
#